data_7BL8
# 
_entry.id   7BL8 
# 
_audit_conform.dict_name       mmcif_pdbx.dic 
_audit_conform.dict_version    5.403 
_audit_conform.dict_location   http://mmcif.pdb.org/dictionaries/ascii/mmcif_pdbx.dic 
# 
loop_
_database_2.database_id 
_database_2.database_code 
_database_2.pdbx_database_accession 
_database_2.pdbx_DOI 
PDB   7BL8         pdb_00007bl8 10.2210/pdb7bl8/pdb 
WWPDB D_1292113341 ?            ?                   
# 
loop_
_pdbx_audit_revision_history.ordinal 
_pdbx_audit_revision_history.data_content_type 
_pdbx_audit_revision_history.major_revision 
_pdbx_audit_revision_history.minor_revision 
_pdbx_audit_revision_history.revision_date 
_pdbx_audit_revision_history.part_number 
1 'Structure model' 1 0 2022-03-02 ? 
2 'Structure model' 1 1 2024-01-31 ? 
3 'Structure model' 1 2 2025-03-26 ? 
# 
_pdbx_audit_revision_details.ordinal             1 
_pdbx_audit_revision_details.revision_ordinal    1 
_pdbx_audit_revision_details.data_content_type   'Structure model' 
_pdbx_audit_revision_details.provider            repository 
_pdbx_audit_revision_details.type                'Initial release' 
_pdbx_audit_revision_details.description         ? 
_pdbx_audit_revision_details.details             ? 
# 
loop_
_pdbx_audit_revision_group.ordinal 
_pdbx_audit_revision_group.revision_ordinal 
_pdbx_audit_revision_group.data_content_type 
_pdbx_audit_revision_group.group 
1 2 'Structure model' 'Data collection'        
2 2 'Structure model' 'Refinement description' 
3 3 'Structure model' 'Database references'    
4 3 'Structure model' 'Structure summary'      
# 
loop_
_pdbx_audit_revision_category.ordinal 
_pdbx_audit_revision_category.revision_ordinal 
_pdbx_audit_revision_category.data_content_type 
_pdbx_audit_revision_category.category 
1 2 'Structure model' chem_comp_atom                
2 2 'Structure model' chem_comp_bond                
3 2 'Structure model' pdbx_initial_refinement_model 
4 3 'Structure model' citation                      
5 3 'Structure model' citation_author               
6 3 'Structure model' pdbx_entry_details            
# 
loop_
_pdbx_audit_revision_item.ordinal 
_pdbx_audit_revision_item.revision_ordinal 
_pdbx_audit_revision_item.data_content_type 
_pdbx_audit_revision_item.item 
1  3 'Structure model' '_citation.country'                            
2  3 'Structure model' '_citation.journal_abbrev'                     
3  3 'Structure model' '_citation.journal_id_ASTM'                    
4  3 'Structure model' '_citation.journal_id_CSD'                     
5  3 'Structure model' '_citation.journal_id_ISSN'                    
6  3 'Structure model' '_citation.journal_volume'                     
7  3 'Structure model' '_citation.page_first'                         
8  3 'Structure model' '_citation.page_last'                          
9  3 'Structure model' '_citation.pdbx_database_id_DOI'               
10 3 'Structure model' '_citation.pdbx_database_id_PubMed'            
11 3 'Structure model' '_citation.title'                              
12 3 'Structure model' '_citation.year'                               
13 3 'Structure model' '_pdbx_entry_details.has_protein_modification' 
# 
_pdbx_database_status.status_code                     REL 
_pdbx_database_status.status_code_sf                  REL 
_pdbx_database_status.status_code_mr                  ? 
_pdbx_database_status.entry_id                        7BL8 
_pdbx_database_status.recvd_initial_deposition_date   2021-01-18 
_pdbx_database_status.SG_entry                        N 
_pdbx_database_status.deposit_site                    PDBE 
_pdbx_database_status.process_site                    PDBE 
_pdbx_database_status.status_code_cs                  ? 
_pdbx_database_status.status_code_nmr_data            ? 
_pdbx_database_status.methods_development_category    ? 
_pdbx_database_status.pdb_format_compatible           Y 
# 
_pdbx_database_related.db_name        PDB 
_pdbx_database_related.details        '4XUB contains the same chemical probe complexed with a different bromodomain' 
_pdbx_database_related.db_id          4XUB 
_pdbx_database_related.content_type   unspecified 
# 
loop_
_audit_author.name 
_audit_author.pdbx_ordinal 
_audit_author.identifier_ORCID 
'Dalle Vedove, A.' 1 ? 
'Cazzanelli, G.'   2 ? 
'Caflisch, A.'     3 ? 
'Lolli, G.'        4 ? 
# 
_citation.abstract                  ? 
_citation.abstract_id_CAS           ? 
_citation.book_id_ISBN              ? 
_citation.book_publisher            ? 
_citation.book_publisher_city       ? 
_citation.book_title                ? 
_citation.coordinate_linkage        ? 
_citation.country                   US 
_citation.database_id_Medline       ? 
_citation.details                   ? 
_citation.id                        primary 
_citation.journal_abbrev            'Protein Sci.' 
_citation.journal_id_ASTM           PRCIEI 
_citation.journal_id_CSD            0795 
_citation.journal_id_ISSN           1469-896X 
_citation.journal_full              ? 
_citation.journal_issue             ? 
_citation.journal_volume            32 
_citation.language                  ? 
_citation.page_first                e4752 
_citation.page_last                 e4752 
_citation.title                     'Reevaluation of bromodomain ligands targeting BAZ2A.' 
_citation.year                      2023 
_citation.database_id_CSD           ? 
_citation.pdbx_database_id_DOI      10.1002/pro.4752 
_citation.pdbx_database_id_PubMed   37574751 
_citation.unpublished_flag          ? 
# 
loop_
_citation_author.citation_id 
_citation_author.name 
_citation_author.ordinal 
_citation_author.identifier_ORCID 
primary 'Cazzanelli, G.'   1 ?                   
primary 'Vedove, A.D.'     2 ?                   
primary 'Parolin, E.'      3 ?                   
primary 
;D'Agostino, V.G.
;
4 ?                   
primary 'Unzue, A.'        5 ?                   
primary 'Nevado, C.'       6 ?                   
primary 'Caflisch, A.'     7 ?                   
primary 'Lolli, G.'        8 0000-0002-8536-5599 
# 
loop_
_entity.id 
_entity.type 
_entity.src_method 
_entity.pdbx_description 
_entity.formula_weight 
_entity.pdbx_number_of_molecules 
_entity.pdbx_ec 
_entity.pdbx_mutation 
_entity.pdbx_fragment 
_entity.details 
1 polymer     man 'Bromodomain adjacent to zinc finger domain protein 2A'                                          12380.919 1  ? 
'First two residues SM derive from the expression tag' 'Bromodomain (residues 1796-1899)' 
'First two residues SM derive from the expression tag' 
2 non-polymer syn '4-[5-(1-methylpyrazol-4-yl)-3-[2-(1-methylpyrazol-4-yl)ethyl]imidazol-4-yl]benzenecarbonitrile' 357.412   1  ? 
?                                                      ?                                  ? 
3 water       nat water                                                                                            18.015    49 ? 
?                                                      ?                                  ? 
# 
_entity_name_com.entity_id   1 
_entity_name_com.name        'Transcription termination factor I-interacting protein 5,Tip5,hWALp3' 
# 
_entity_poly.entity_id                      1 
_entity_poly.type                           'polypeptide(L)' 
_entity_poly.nstd_linkage                   no 
_entity_poly.nstd_monomer                   no 
_entity_poly.pdbx_seq_one_letter_code       
;SMHSDLTFCEIILMEMESHDAAWPFLEPVNPRLVSGYRRIIKNPMDFSTMRERLLRGGYTSSEEFAADALLVFDNCQTFN
EDDSEVGKAGHIMRRFFESRWEEFY
;
_entity_poly.pdbx_seq_one_letter_code_can   
;SMHSDLTFCEIILMEMESHDAAWPFLEPVNPRLVSGYRRIIKNPMDFSTMRERLLRGGYTSSEEFAADALLVFDNCQTFN
EDDSEVGKAGHIMRRFFESRWEEFY
;
_entity_poly.pdbx_strand_id                 A 
_entity_poly.pdbx_target_identifier         ? 
# 
loop_
_pdbx_entity_nonpoly.entity_id 
_pdbx_entity_nonpoly.name 
_pdbx_entity_nonpoly.comp_id 
2 '4-[5-(1-methylpyrazol-4-yl)-3-[2-(1-methylpyrazol-4-yl)ethyl]imidazol-4-yl]benzenecarbonitrile' U1Z 
3 water                                                                                            HOH 
# 
loop_
_entity_poly_seq.entity_id 
_entity_poly_seq.num 
_entity_poly_seq.mon_id 
_entity_poly_seq.hetero 
1 1   SER n 
1 2   MET n 
1 3   HIS n 
1 4   SER n 
1 5   ASP n 
1 6   LEU n 
1 7   THR n 
1 8   PHE n 
1 9   CYS n 
1 10  GLU n 
1 11  ILE n 
1 12  ILE n 
1 13  LEU n 
1 14  MET n 
1 15  GLU n 
1 16  MET n 
1 17  GLU n 
1 18  SER n 
1 19  HIS n 
1 20  ASP n 
1 21  ALA n 
1 22  ALA n 
1 23  TRP n 
1 24  PRO n 
1 25  PHE n 
1 26  LEU n 
1 27  GLU n 
1 28  PRO n 
1 29  VAL n 
1 30  ASN n 
1 31  PRO n 
1 32  ARG n 
1 33  LEU n 
1 34  VAL n 
1 35  SER n 
1 36  GLY n 
1 37  TYR n 
1 38  ARG n 
1 39  ARG n 
1 40  ILE n 
1 41  ILE n 
1 42  LYS n 
1 43  ASN n 
1 44  PRO n 
1 45  MET n 
1 46  ASP n 
1 47  PHE n 
1 48  SER n 
1 49  THR n 
1 50  MET n 
1 51  ARG n 
1 52  GLU n 
1 53  ARG n 
1 54  LEU n 
1 55  LEU n 
1 56  ARG n 
1 57  GLY n 
1 58  GLY n 
1 59  TYR n 
1 60  THR n 
1 61  SER n 
1 62  SER n 
1 63  GLU n 
1 64  GLU n 
1 65  PHE n 
1 66  ALA n 
1 67  ALA n 
1 68  ASP n 
1 69  ALA n 
1 70  LEU n 
1 71  LEU n 
1 72  VAL n 
1 73  PHE n 
1 74  ASP n 
1 75  ASN n 
1 76  CYS n 
1 77  GLN n 
1 78  THR n 
1 79  PHE n 
1 80  ASN n 
1 81  GLU n 
1 82  ASP n 
1 83  ASP n 
1 84  SER n 
1 85  GLU n 
1 86  VAL n 
1 87  GLY n 
1 88  LYS n 
1 89  ALA n 
1 90  GLY n 
1 91  HIS n 
1 92  ILE n 
1 93  MET n 
1 94  ARG n 
1 95  ARG n 
1 96  PHE n 
1 97  PHE n 
1 98  GLU n 
1 99  SER n 
1 100 ARG n 
1 101 TRP n 
1 102 GLU n 
1 103 GLU n 
1 104 PHE n 
1 105 TYR n 
# 
_entity_src_gen.entity_id                          1 
_entity_src_gen.pdbx_src_id                        1 
_entity_src_gen.pdbx_alt_source_flag               sample 
_entity_src_gen.pdbx_seq_type                      'Biological sequence' 
_entity_src_gen.pdbx_beg_seq_num                   1 
_entity_src_gen.pdbx_end_seq_num                   105 
_entity_src_gen.gene_src_common_name               Human 
_entity_src_gen.gene_src_genus                     ? 
_entity_src_gen.pdbx_gene_src_gene                 'BAZ2A, KIAA0314, TIP5' 
_entity_src_gen.gene_src_species                   ? 
_entity_src_gen.gene_src_strain                    ? 
_entity_src_gen.gene_src_tissue                    ? 
_entity_src_gen.gene_src_tissue_fraction           ? 
_entity_src_gen.gene_src_details                   ? 
_entity_src_gen.pdbx_gene_src_fragment             ? 
_entity_src_gen.pdbx_gene_src_scientific_name      'Homo sapiens' 
_entity_src_gen.pdbx_gene_src_ncbi_taxonomy_id     9606 
_entity_src_gen.pdbx_gene_src_variant              ? 
_entity_src_gen.pdbx_gene_src_cell_line            ? 
_entity_src_gen.pdbx_gene_src_atcc                 ? 
_entity_src_gen.pdbx_gene_src_organ                ? 
_entity_src_gen.pdbx_gene_src_organelle            ? 
_entity_src_gen.pdbx_gene_src_cell                 ? 
_entity_src_gen.pdbx_gene_src_cellular_location    ? 
_entity_src_gen.host_org_common_name               ? 
_entity_src_gen.pdbx_host_org_scientific_name      'Escherichia coli' 
_entity_src_gen.pdbx_host_org_ncbi_taxonomy_id     562 
_entity_src_gen.host_org_genus                     ? 
_entity_src_gen.pdbx_host_org_gene                 ? 
_entity_src_gen.pdbx_host_org_organ                ? 
_entity_src_gen.host_org_species                   ? 
_entity_src_gen.pdbx_host_org_tissue               ? 
_entity_src_gen.pdbx_host_org_tissue_fraction      ? 
_entity_src_gen.pdbx_host_org_strain               ? 
_entity_src_gen.pdbx_host_org_variant              ? 
_entity_src_gen.pdbx_host_org_cell_line            ? 
_entity_src_gen.pdbx_host_org_atcc                 ? 
_entity_src_gen.pdbx_host_org_culture_collection   ? 
_entity_src_gen.pdbx_host_org_cell                 ? 
_entity_src_gen.pdbx_host_org_organelle            ? 
_entity_src_gen.pdbx_host_org_cellular_location    ? 
_entity_src_gen.pdbx_host_org_vector_type          ? 
_entity_src_gen.pdbx_host_org_vector               ? 
_entity_src_gen.host_org_details                   ? 
_entity_src_gen.expression_system_id               ? 
_entity_src_gen.plasmid_name                       ? 
_entity_src_gen.plasmid_details                    ? 
_entity_src_gen.pdbx_description                   ? 
# 
loop_
_chem_comp.id 
_chem_comp.type 
_chem_comp.mon_nstd_flag 
_chem_comp.name 
_chem_comp.pdbx_synonyms 
_chem_comp.formula 
_chem_comp.formula_weight 
ALA 'L-peptide linking' y ALANINE                                                                                          ? 
'C3 H7 N O2'     89.093  
ARG 'L-peptide linking' y ARGININE                                                                                         ? 
'C6 H15 N4 O2 1' 175.209 
ASN 'L-peptide linking' y ASPARAGINE                                                                                       ? 
'C4 H8 N2 O3'    132.118 
ASP 'L-peptide linking' y 'ASPARTIC ACID'                                                                                  ? 
'C4 H7 N O4'     133.103 
CYS 'L-peptide linking' y CYSTEINE                                                                                         ? 
'C3 H7 N O2 S'   121.158 
GLN 'L-peptide linking' y GLUTAMINE                                                                                        ? 
'C5 H10 N2 O3'   146.144 
GLU 'L-peptide linking' y 'GLUTAMIC ACID'                                                                                  ? 
'C5 H9 N O4'     147.129 
GLY 'peptide linking'   y GLYCINE                                                                                          ? 
'C2 H5 N O2'     75.067  
HIS 'L-peptide linking' y HISTIDINE                                                                                        ? 
'C6 H10 N3 O2 1' 156.162 
HOH non-polymer         . WATER                                                                                            ? 
'H2 O'           18.015  
ILE 'L-peptide linking' y ISOLEUCINE                                                                                       ? 
'C6 H13 N O2'    131.173 
LEU 'L-peptide linking' y LEUCINE                                                                                          ? 
'C6 H13 N O2'    131.173 
LYS 'L-peptide linking' y LYSINE                                                                                           ? 
'C6 H15 N2 O2 1' 147.195 
MET 'L-peptide linking' y METHIONINE                                                                                       ? 
'C5 H11 N O2 S'  149.211 
PHE 'L-peptide linking' y PHENYLALANINE                                                                                    ? 
'C9 H11 N O2'    165.189 
PRO 'L-peptide linking' y PROLINE                                                                                          ? 
'C5 H9 N O2'     115.130 
SER 'L-peptide linking' y SERINE                                                                                           ? 
'C3 H7 N O3'     105.093 
THR 'L-peptide linking' y THREONINE                                                                                        ? 
'C4 H9 N O3'     119.119 
TRP 'L-peptide linking' y TRYPTOPHAN                                                                                       ? 
'C11 H12 N2 O2'  204.225 
TYR 'L-peptide linking' y TYROSINE                                                                                         ? 
'C9 H11 N O3'    181.189 
U1Z non-polymer         . '4-[5-(1-methylpyrazol-4-yl)-3-[2-(1-methylpyrazol-4-yl)ethyl]imidazol-4-yl]benzenecarbonitrile' 
BAZ2-ICR 'C20 H19 N7'     357.412 
VAL 'L-peptide linking' y VALINE                                                                                           ? 
'C5 H11 N O2'    117.146 
# 
loop_
_pdbx_poly_seq_scheme.asym_id 
_pdbx_poly_seq_scheme.entity_id 
_pdbx_poly_seq_scheme.seq_id 
_pdbx_poly_seq_scheme.mon_id 
_pdbx_poly_seq_scheme.ndb_seq_num 
_pdbx_poly_seq_scheme.pdb_seq_num 
_pdbx_poly_seq_scheme.auth_seq_num 
_pdbx_poly_seq_scheme.pdb_mon_id 
_pdbx_poly_seq_scheme.auth_mon_id 
_pdbx_poly_seq_scheme.pdb_strand_id 
_pdbx_poly_seq_scheme.pdb_ins_code 
_pdbx_poly_seq_scheme.hetero 
A 1 1   SER 1   1794 ?    ?   ?   A . n 
A 1 2   MET 2   1795 1795 MET MET A . n 
A 1 3   HIS 3   1796 1796 HIS HIS A . n 
A 1 4   SER 4   1797 1797 SER SER A . n 
A 1 5   ASP 5   1798 1798 ASP ASP A . n 
A 1 6   LEU 6   1799 1799 LEU LEU A . n 
A 1 7   THR 7   1800 1800 THR THR A . n 
A 1 8   PHE 8   1801 1801 PHE PHE A . n 
A 1 9   CYS 9   1802 1802 CYS CYS A . n 
A 1 10  GLU 10  1803 1803 GLU GLU A . n 
A 1 11  ILE 11  1804 1804 ILE ILE A . n 
A 1 12  ILE 12  1805 1805 ILE ILE A . n 
A 1 13  LEU 13  1806 1806 LEU LEU A . n 
A 1 14  MET 14  1807 1807 MET MET A . n 
A 1 15  GLU 15  1808 1808 GLU GLU A . n 
A 1 16  MET 16  1809 1809 MET MET A . n 
A 1 17  GLU 17  1810 1810 GLU GLU A . n 
A 1 18  SER 18  1811 1811 SER SER A . n 
A 1 19  HIS 19  1812 1812 HIS HIS A . n 
A 1 20  ASP 20  1813 1813 ASP ASP A . n 
A 1 21  ALA 21  1814 1814 ALA ALA A . n 
A 1 22  ALA 22  1815 1815 ALA ALA A . n 
A 1 23  TRP 23  1816 1816 TRP TRP A . n 
A 1 24  PRO 24  1817 1817 PRO PRO A . n 
A 1 25  PHE 25  1818 1818 PHE PHE A . n 
A 1 26  LEU 26  1819 1819 LEU LEU A . n 
A 1 27  GLU 27  1820 1820 GLU GLU A . n 
A 1 28  PRO 28  1821 1821 PRO PRO A . n 
A 1 29  VAL 29  1822 1822 VAL VAL A . n 
A 1 30  ASN 30  1823 1823 ASN ASN A . n 
A 1 31  PRO 31  1824 1824 PRO PRO A . n 
A 1 32  ARG 32  1825 1825 ARG ARG A . n 
A 1 33  LEU 33  1826 1826 LEU LEU A . n 
A 1 34  VAL 34  1827 1827 VAL VAL A . n 
A 1 35  SER 35  1828 1828 SER SER A . n 
A 1 36  GLY 36  1829 1829 GLY GLY A . n 
A 1 37  TYR 37  1830 1830 TYR TYR A . n 
A 1 38  ARG 38  1831 1831 ARG ARG A . n 
A 1 39  ARG 39  1832 1832 ARG ARG A . n 
A 1 40  ILE 40  1833 1833 ILE ILE A . n 
A 1 41  ILE 41  1834 1834 ILE ILE A . n 
A 1 42  LYS 42  1835 1835 LYS LYS A . n 
A 1 43  ASN 43  1836 1836 ASN ASN A . n 
A 1 44  PRO 44  1837 1837 PRO PRO A . n 
A 1 45  MET 45  1838 1838 MET MET A . n 
A 1 46  ASP 46  1839 1839 ASP ASP A . n 
A 1 47  PHE 47  1840 1840 PHE PHE A . n 
A 1 48  SER 48  1841 1841 SER SER A . n 
A 1 49  THR 49  1842 1842 THR THR A . n 
A 1 50  MET 50  1843 1843 MET MET A . n 
A 1 51  ARG 51  1844 1844 ARG ARG A . n 
A 1 52  GLU 52  1845 1845 GLU GLU A . n 
A 1 53  ARG 53  1846 1846 ARG ARG A . n 
A 1 54  LEU 54  1847 1847 LEU LEU A . n 
A 1 55  LEU 55  1848 1848 LEU LEU A . n 
A 1 56  ARG 56  1849 1849 ARG ARG A . n 
A 1 57  GLY 57  1850 1850 GLY GLY A . n 
A 1 58  GLY 58  1851 1851 GLY GLY A . n 
A 1 59  TYR 59  1852 1852 TYR TYR A . n 
A 1 60  THR 60  1853 1853 THR THR A . n 
A 1 61  SER 61  1854 1854 SER SER A . n 
A 1 62  SER 62  1855 1855 SER SER A . n 
A 1 63  GLU 63  1856 1856 GLU GLU A . n 
A 1 64  GLU 64  1857 1857 GLU GLU A . n 
A 1 65  PHE 65  1858 1858 PHE PHE A . n 
A 1 66  ALA 66  1859 1859 ALA ALA A . n 
A 1 67  ALA 67  1860 1860 ALA ALA A . n 
A 1 68  ASP 68  1861 1861 ASP ASP A . n 
A 1 69  ALA 69  1862 1862 ALA ALA A . n 
A 1 70  LEU 70  1863 1863 LEU LEU A . n 
A 1 71  LEU 71  1864 1864 LEU LEU A . n 
A 1 72  VAL 72  1865 1865 VAL VAL A . n 
A 1 73  PHE 73  1866 1866 PHE PHE A . n 
A 1 74  ASP 74  1867 1867 ASP ASP A . n 
A 1 75  ASN 75  1868 1868 ASN ASN A . n 
A 1 76  CYS 76  1869 1869 CYS CYS A . n 
A 1 77  GLN 77  1870 1870 GLN GLN A . n 
A 1 78  THR 78  1871 1871 THR THR A . n 
A 1 79  PHE 79  1872 1872 PHE PHE A . n 
A 1 80  ASN 80  1873 1873 ASN ASN A . n 
A 1 81  GLU 81  1874 1874 GLU GLU A . n 
A 1 82  ASP 82  1875 1875 ASP ASP A . n 
A 1 83  ASP 83  1876 1876 ASP ASP A . n 
A 1 84  SER 84  1877 1877 SER SER A . n 
A 1 85  GLU 85  1878 1878 GLU GLU A . n 
A 1 86  VAL 86  1879 1879 VAL VAL A . n 
A 1 87  GLY 87  1880 1880 GLY GLY A . n 
A 1 88  LYS 88  1881 1881 LYS LYS A . n 
A 1 89  ALA 89  1882 1882 ALA ALA A . n 
A 1 90  GLY 90  1883 1883 GLY GLY A . n 
A 1 91  HIS 91  1884 1884 HIS HIS A . n 
A 1 92  ILE 92  1885 1885 ILE ILE A . n 
A 1 93  MET 93  1886 1886 MET MET A . n 
A 1 94  ARG 94  1887 1887 ARG ARG A . n 
A 1 95  ARG 95  1888 1888 ARG ARG A . n 
A 1 96  PHE 96  1889 1889 PHE PHE A . n 
A 1 97  PHE 97  1890 1890 PHE PHE A . n 
A 1 98  GLU 98  1891 1891 GLU GLU A . n 
A 1 99  SER 99  1892 1892 SER SER A . n 
A 1 100 ARG 100 1893 1893 ARG ARG A . n 
A 1 101 TRP 101 1894 1894 TRP TRP A . n 
A 1 102 GLU 102 1895 1895 GLU GLU A . n 
A 1 103 GLU 103 1896 1896 GLU GLU A . n 
A 1 104 PHE 104 1897 1897 PHE PHE A . n 
A 1 105 TYR 105 1898 1898 TYR TYR A . n 
# 
_pdbx_entity_instance_feature.ordinal        1 
_pdbx_entity_instance_feature.comp_id        U1Z 
_pdbx_entity_instance_feature.asym_id        ? 
_pdbx_entity_instance_feature.seq_num        ? 
_pdbx_entity_instance_feature.auth_comp_id   U1Z 
_pdbx_entity_instance_feature.auth_asym_id   ? 
_pdbx_entity_instance_feature.auth_seq_num   ? 
_pdbx_entity_instance_feature.feature_type   'SUBJECT OF INVESTIGATION' 
_pdbx_entity_instance_feature.details        ? 
# 
loop_
_pdbx_nonpoly_scheme.asym_id 
_pdbx_nonpoly_scheme.entity_id 
_pdbx_nonpoly_scheme.mon_id 
_pdbx_nonpoly_scheme.ndb_seq_num 
_pdbx_nonpoly_scheme.pdb_seq_num 
_pdbx_nonpoly_scheme.auth_seq_num 
_pdbx_nonpoly_scheme.pdb_mon_id 
_pdbx_nonpoly_scheme.auth_mon_id 
_pdbx_nonpoly_scheme.pdb_strand_id 
_pdbx_nonpoly_scheme.pdb_ins_code 
B 2 U1Z 1  1901 1901 U1Z ICR A . 
C 3 HOH 1  2001 13   HOH HOH A . 
C 3 HOH 2  2002 14   HOH HOH A . 
C 3 HOH 3  2003 38   HOH HOH A . 
C 3 HOH 4  2004 16   HOH HOH A . 
C 3 HOH 5  2005 1    HOH HOH A . 
C 3 HOH 6  2006 39   HOH HOH A . 
C 3 HOH 7  2007 28   HOH HOH A . 
C 3 HOH 8  2008 32   HOH HOH A . 
C 3 HOH 9  2009 35   HOH HOH A . 
C 3 HOH 10 2010 5    HOH HOH A . 
C 3 HOH 11 2011 23   HOH HOH A . 
C 3 HOH 12 2012 25   HOH HOH A . 
C 3 HOH 13 2013 10   HOH HOH A . 
C 3 HOH 14 2014 26   HOH HOH A . 
C 3 HOH 15 2015 21   HOH HOH A . 
C 3 HOH 16 2016 19   HOH HOH A . 
C 3 HOH 17 2017 41   HOH HOH A . 
C 3 HOH 18 2018 50   HOH HOH A . 
C 3 HOH 19 2019 46   HOH HOH A . 
C 3 HOH 20 2020 4    HOH HOH A . 
C 3 HOH 21 2021 15   HOH HOH A . 
C 3 HOH 22 2022 9    HOH HOH A . 
C 3 HOH 23 2023 20   HOH HOH A . 
C 3 HOH 24 2024 2    HOH HOH A . 
C 3 HOH 25 2025 8    HOH HOH A . 
C 3 HOH 26 2026 51   HOH HOH A . 
C 3 HOH 27 2027 44   HOH HOH A . 
C 3 HOH 28 2028 7    HOH HOH A . 
C 3 HOH 29 2029 6    HOH HOH A . 
C 3 HOH 30 2030 36   HOH HOH A . 
C 3 HOH 31 2031 12   HOH HOH A . 
C 3 HOH 32 2032 24   HOH HOH A . 
C 3 HOH 33 2033 17   HOH HOH A . 
C 3 HOH 34 2034 22   HOH HOH A . 
C 3 HOH 35 2035 29   HOH HOH A . 
C 3 HOH 36 2036 3    HOH HOH A . 
C 3 HOH 37 2037 43   HOH HOH A . 
C 3 HOH 38 2038 18   HOH HOH A . 
C 3 HOH 39 2039 27   HOH HOH A . 
C 3 HOH 40 2040 33   HOH HOH A . 
C 3 HOH 41 2041 37   HOH HOH A . 
C 3 HOH 42 2042 47   HOH HOH A . 
C 3 HOH 43 2043 11   HOH HOH A . 
C 3 HOH 44 2044 30   HOH HOH A . 
C 3 HOH 45 2045 34   HOH HOH A . 
C 3 HOH 46 2046 40   HOH HOH A . 
C 3 HOH 47 2047 48   HOH HOH A . 
C 3 HOH 48 2048 45   HOH HOH A . 
C 3 HOH 49 2049 42   HOH HOH A . 
# 
loop_
_software.citation_id 
_software.classification 
_software.compiler_name 
_software.compiler_version 
_software.contact_author 
_software.contact_author_email 
_software.date 
_software.description 
_software.dependencies 
_software.hardware 
_software.language 
_software.location 
_software.mods 
_software.name 
_software.os 
_software.os_version 
_software.type 
_software.version 
_software.pdbx_ordinal 
? 'data scaling'    ? ? ? ? ? ? ? ? ? ? ? XDS         ? ? ? .           1 
? 'data reduction'  ? ? ? ? ? ? ? ? ? ? ? Aimless     ? ? ? 0.7.4       2 
? phasing           ? ? ? ? ? ? ? ? ? ? ? PHASER      ? ? ? .           3 
? refinement        ? ? ? ? ? ? ? ? ? ? ? PHENIX      ? ? ? 1.11.1_2575 4 
? 'data extraction' ? ? ? ? ? ? ? ? ? ? ? PDB_EXTRACT ? ? ? 3.27        5 
# 
_cell.angle_alpha                  90.000 
_cell.angle_alpha_esd              ? 
_cell.angle_beta                   90.000 
_cell.angle_beta_esd               ? 
_cell.angle_gamma                  120.000 
_cell.angle_gamma_esd              ? 
_cell.entry_id                     7BL8 
_cell.details                      ? 
_cell.formula_units_Z              ? 
_cell.length_a                     95.316 
_cell.length_a_esd                 ? 
_cell.length_b                     95.316 
_cell.length_b_esd                 ? 
_cell.length_c                     32.881 
_cell.length_c_esd                 ? 
_cell.volume                       ? 
_cell.volume_esd                   ? 
_cell.Z_PDB                        6 
_cell.reciprocal_angle_alpha       ? 
_cell.reciprocal_angle_beta        ? 
_cell.reciprocal_angle_gamma       ? 
_cell.reciprocal_angle_alpha_esd   ? 
_cell.reciprocal_angle_beta_esd    ? 
_cell.reciprocal_angle_gamma_esd   ? 
_cell.reciprocal_length_a          ? 
_cell.reciprocal_length_b          ? 
_cell.reciprocal_length_c          ? 
_cell.reciprocal_length_a_esd      ? 
_cell.reciprocal_length_b_esd      ? 
_cell.reciprocal_length_c_esd      ? 
_cell.pdbx_unique_axis             ? 
# 
_symmetry.entry_id                         7BL8 
_symmetry.cell_setting                     ? 
_symmetry.Int_Tables_number                152 
_symmetry.space_group_name_Hall            ? 
_symmetry.space_group_name_H-M             'P 31 2 1' 
_symmetry.pdbx_full_space_group_name_H-M   ? 
# 
_exptl.absorpt_coefficient_mu     ? 
_exptl.absorpt_correction_T_max   ? 
_exptl.absorpt_correction_T_min   ? 
_exptl.absorpt_correction_type    ? 
_exptl.absorpt_process_details    ? 
_exptl.entry_id                   7BL8 
_exptl.crystals_number            1 
_exptl.details                    ? 
_exptl.method                     'X-RAY DIFFRACTION' 
_exptl.method_details             ? 
# 
_exptl_crystal.colour                      ? 
_exptl_crystal.density_diffrn              ? 
_exptl_crystal.density_Matthews            3.48 
_exptl_crystal.density_method              ? 
_exptl_crystal.density_percent_sol         64.68 
_exptl_crystal.description                 ? 
_exptl_crystal.F_000                       ? 
_exptl_crystal.id                          1 
_exptl_crystal.preparation                 ? 
_exptl_crystal.size_max                    ? 
_exptl_crystal.size_mid                    ? 
_exptl_crystal.size_min                    ? 
_exptl_crystal.size_rad                    ? 
_exptl_crystal.colour_lustre               ? 
_exptl_crystal.colour_modifier             ? 
_exptl_crystal.colour_primary              ? 
_exptl_crystal.density_meas                ? 
_exptl_crystal.density_meas_esd            ? 
_exptl_crystal.density_meas_gt             ? 
_exptl_crystal.density_meas_lt             ? 
_exptl_crystal.density_meas_temp           ? 
_exptl_crystal.density_meas_temp_esd       ? 
_exptl_crystal.density_meas_temp_gt        ? 
_exptl_crystal.density_meas_temp_lt        ? 
_exptl_crystal.pdbx_crystal_image_url      ? 
_exptl_crystal.pdbx_crystal_image_format   ? 
_exptl_crystal.pdbx_mosaicity              0.000 
_exptl_crystal.pdbx_mosaicity_esd          ? 
# 
_exptl_crystal_grow.apparatus       ? 
_exptl_crystal_grow.atmosphere      ? 
_exptl_crystal_grow.crystal_id      1 
_exptl_crystal_grow.details         ? 
_exptl_crystal_grow.method          'VAPOR DIFFUSION, SITTING DROP' 
_exptl_crystal_grow.method_ref      ? 
_exptl_crystal_grow.pH              7.5 
_exptl_crystal_grow.pressure        ? 
_exptl_crystal_grow.pressure_esd    ? 
_exptl_crystal_grow.seeding         ? 
_exptl_crystal_grow.seeding_ref     ? 
_exptl_crystal_grow.temp            277 
_exptl_crystal_grow.temp_details    ? 
_exptl_crystal_grow.temp_esd        ? 
_exptl_crystal_grow.time            ? 
_exptl_crystal_grow.pdbx_details    '20% PEG3350, 0.2 M MgCl2' 
_exptl_crystal_grow.pdbx_pH_range   ? 
# 
_diffrn.ambient_environment              ? 
_diffrn.ambient_temp                     100 
_diffrn.ambient_temp_details             ? 
_diffrn.ambient_temp_esd                 ? 
_diffrn.crystal_id                       1 
_diffrn.crystal_support                  ? 
_diffrn.crystal_treatment                ? 
_diffrn.details                          ? 
_diffrn.id                               1 
_diffrn.ambient_pressure                 ? 
_diffrn.ambient_pressure_esd             ? 
_diffrn.ambient_pressure_gt              ? 
_diffrn.ambient_pressure_lt              ? 
_diffrn.ambient_temp_gt                  ? 
_diffrn.ambient_temp_lt                  ? 
_diffrn.pdbx_serial_crystal_experiment   N 
# 
_diffrn_detector.details                      ? 
_diffrn_detector.detector                     PIXEL 
_diffrn_detector.diffrn_id                    1 
_diffrn_detector.type                         'DECTRIS PILATUS3 2M' 
_diffrn_detector.area_resol_mean              ? 
_diffrn_detector.dtime                        ? 
_diffrn_detector.pdbx_frames_total            ? 
_diffrn_detector.pdbx_collection_time_total   ? 
_diffrn_detector.pdbx_collection_date         2018-06-15 
_diffrn_detector.pdbx_frequency               ? 
# 
_diffrn_radiation.collimation                      ? 
_diffrn_radiation.diffrn_id                        1 
_diffrn_radiation.filter_edge                      ? 
_diffrn_radiation.inhomogeneity                    ? 
_diffrn_radiation.monochromator                    ? 
_diffrn_radiation.polarisn_norm                    ? 
_diffrn_radiation.polarisn_ratio                   ? 
_diffrn_radiation.probe                            ? 
_diffrn_radiation.type                             ? 
_diffrn_radiation.xray_symbol                      ? 
_diffrn_radiation.wavelength_id                    1 
_diffrn_radiation.pdbx_monochromatic_or_laue_m_l   M 
_diffrn_radiation.pdbx_wavelength_list             ? 
_diffrn_radiation.pdbx_wavelength                  ? 
_diffrn_radiation.pdbx_diffrn_protocol             'SINGLE WAVELENGTH' 
_diffrn_radiation.pdbx_analyzer                    ? 
_diffrn_radiation.pdbx_scattering_type             x-ray 
# 
_diffrn_radiation_wavelength.id           1 
_diffrn_radiation_wavelength.wavelength   0.966 
_diffrn_radiation_wavelength.wt           1.0 
# 
_diffrn_source.current                     ? 
_diffrn_source.details                     ? 
_diffrn_source.diffrn_id                   1 
_diffrn_source.power                       ? 
_diffrn_source.size                        ? 
_diffrn_source.source                      SYNCHROTRON 
_diffrn_source.target                      ? 
_diffrn_source.type                        'ESRF BEAMLINE MASSIF-1' 
_diffrn_source.voltage                     ? 
_diffrn_source.take-off_angle              ? 
_diffrn_source.pdbx_wavelength_list        0.966 
_diffrn_source.pdbx_wavelength             ? 
_diffrn_source.pdbx_synchrotron_beamline   MASSIF-1 
_diffrn_source.pdbx_synchrotron_site       ESRF 
# 
_reflns.B_iso_Wilson_estimate            ? 
_reflns.entry_id                         7BL8 
_reflns.data_reduction_details           ? 
_reflns.data_reduction_method            ? 
_reflns.d_resolution_high                2.500 
_reflns.d_resolution_low                 47.660 
_reflns.details                          ? 
_reflns.limit_h_max                      ? 
_reflns.limit_h_min                      ? 
_reflns.limit_k_max                      ? 
_reflns.limit_k_min                      ? 
_reflns.limit_l_max                      ? 
_reflns.limit_l_min                      ? 
_reflns.number_all                       ? 
_reflns.number_obs                       6016 
_reflns.observed_criterion               ? 
_reflns.observed_criterion_F_max         ? 
_reflns.observed_criterion_F_min         ? 
_reflns.observed_criterion_I_max         ? 
_reflns.observed_criterion_I_min         ? 
_reflns.observed_criterion_sigma_F       ? 
_reflns.observed_criterion_sigma_I       ? 
_reflns.percent_possible_obs             98.800 
_reflns.R_free_details                   ? 
_reflns.Rmerge_F_all                     ? 
_reflns.Rmerge_F_obs                     ? 
_reflns.Friedel_coverage                 ? 
_reflns.number_gt                        ? 
_reflns.threshold_expression             ? 
_reflns.pdbx_redundancy                  3.400 
_reflns.pdbx_Rmerge_I_obs                0.109 
_reflns.pdbx_Rmerge_I_all                ? 
_reflns.pdbx_Rsym_value                  ? 
_reflns.pdbx_netI_over_av_sigmaI         ? 
_reflns.pdbx_netI_over_sigmaI            7.700 
_reflns.pdbx_res_netI_over_av_sigmaI_2   ? 
_reflns.pdbx_res_netI_over_sigmaI_2      ? 
_reflns.pdbx_chi_squared                 ? 
_reflns.pdbx_scaling_rejects             42 
_reflns.pdbx_d_res_high_opt              ? 
_reflns.pdbx_d_res_low_opt               ? 
_reflns.pdbx_d_res_opt_method            ? 
_reflns.phase_calculation_details        ? 
_reflns.pdbx_Rrim_I_all                  0.129 
_reflns.pdbx_Rpim_I_all                  0.068 
_reflns.pdbx_d_opt                       ? 
_reflns.pdbx_number_measured_all         20276 
_reflns.pdbx_diffrn_id                   1 
_reflns.pdbx_ordinal                     1 
_reflns.pdbx_CC_half                     0.988 
_reflns.pdbx_CC_star                     ? 
_reflns.pdbx_R_split                     ? 
# 
loop_
_reflns_shell.d_res_high 
_reflns_shell.d_res_low 
_reflns_shell.meanI_over_sigI_all 
_reflns_shell.meanI_over_sigI_obs 
_reflns_shell.number_measured_all 
_reflns_shell.number_measured_obs 
_reflns_shell.number_possible 
_reflns_shell.number_unique_all 
_reflns_shell.number_unique_obs 
_reflns_shell.percent_possible_all 
_reflns_shell.percent_possible_obs 
_reflns_shell.Rmerge_F_all 
_reflns_shell.Rmerge_F_obs 
_reflns_shell.Rmerge_I_all 
_reflns_shell.Rmerge_I_obs 
_reflns_shell.meanI_over_sigI_gt 
_reflns_shell.meanI_over_uI_all 
_reflns_shell.meanI_over_uI_gt 
_reflns_shell.number_measured_gt 
_reflns_shell.number_unique_gt 
_reflns_shell.percent_possible_gt 
_reflns_shell.Rmerge_F_gt 
_reflns_shell.Rmerge_I_gt 
_reflns_shell.pdbx_redundancy 
_reflns_shell.pdbx_Rsym_value 
_reflns_shell.pdbx_chi_squared 
_reflns_shell.pdbx_netI_over_sigmaI_all 
_reflns_shell.pdbx_netI_over_sigmaI_obs 
_reflns_shell.pdbx_Rrim_I_all 
_reflns_shell.pdbx_Rpim_I_all 
_reflns_shell.pdbx_rejects 
_reflns_shell.pdbx_ordinal 
_reflns_shell.pdbx_diffrn_id 
_reflns_shell.pdbx_CC_half 
_reflns_shell.pdbx_CC_star 
_reflns_shell.pdbx_R_split 
2.500 2.600  ? ? 2318 ? ? ? 654 97.900 ? ? ? ? 0.483 ? ? ? ? ? ? ? ? 3.500 ? ? ? 1.800  0.567 0.294 ? 1 1 0.797 ? ? 
9.010 47.660 ? ? 495  ? ? ? 146 98.100 ? ? ? ? 0.051 ? ? ? ? ? ? ? ? 3.400 ? ? ? 19.400 0.062 0.034 ? 2 1 0.990 ? ? 
# 
_refine.aniso_B[1][1]                            ? 
_refine.aniso_B[1][2]                            ? 
_refine.aniso_B[1][3]                            ? 
_refine.aniso_B[2][2]                            ? 
_refine.aniso_B[2][3]                            ? 
_refine.aniso_B[3][3]                            ? 
_refine.B_iso_max                                94.410 
_refine.B_iso_mean                               42.0619 
_refine.B_iso_min                                15.090 
_refine.correlation_coeff_Fo_to_Fc               ? 
_refine.correlation_coeff_Fo_to_Fc_free          ? 
_refine.details                                  ? 
_refine.diff_density_max                         ? 
_refine.diff_density_max_esd                     ? 
_refine.diff_density_min                         ? 
_refine.diff_density_min_esd                     ? 
_refine.diff_density_rms                         ? 
_refine.diff_density_rms_esd                     ? 
_refine.entry_id                                 7BL8 
_refine.pdbx_refine_id                           'X-RAY DIFFRACTION' 
_refine.ls_abs_structure_details                 ? 
_refine.ls_abs_structure_Flack                   ? 
_refine.ls_abs_structure_Flack_esd               ? 
_refine.ls_abs_structure_Rogers                  ? 
_refine.ls_abs_structure_Rogers_esd              ? 
_refine.ls_d_res_high                            2.5000 
_refine.ls_d_res_low                             47.6580 
_refine.ls_extinction_coef                       ? 
_refine.ls_extinction_coef_esd                   ? 
_refine.ls_extinction_expression                 ? 
_refine.ls_extinction_method                     ? 
_refine.ls_goodness_of_fit_all                   ? 
_refine.ls_goodness_of_fit_all_esd               ? 
_refine.ls_goodness_of_fit_obs                   ? 
_refine.ls_goodness_of_fit_obs_esd               ? 
_refine.ls_hydrogen_treatment                    ? 
_refine.ls_matrix_type                           ? 
_refine.ls_number_constraints                    ? 
_refine.ls_number_parameters                     ? 
_refine.ls_number_reflns_all                     ? 
_refine.ls_number_reflns_obs                     6013 
_refine.ls_number_reflns_R_free                  305 
_refine.ls_number_reflns_R_work                  5708 
_refine.ls_number_restraints                     ? 
_refine.ls_percent_reflns_obs                    98.1700 
_refine.ls_percent_reflns_R_free                 5.0700 
_refine.ls_R_factor_all                          ? 
_refine.ls_R_factor_obs                          0.2048 
_refine.ls_R_factor_R_free                       0.2386 
_refine.ls_R_factor_R_free_error                 ? 
_refine.ls_R_factor_R_free_error_details         ? 
_refine.ls_R_factor_R_work                       0.2029 
_refine.ls_R_Fsqd_factor_obs                     ? 
_refine.ls_R_I_factor_obs                        ? 
_refine.ls_redundancy_reflns_all                 ? 
_refine.ls_redundancy_reflns_obs                 ? 
_refine.ls_restrained_S_all                      ? 
_refine.ls_restrained_S_obs                      ? 
_refine.ls_shift_over_esd_max                    ? 
_refine.ls_shift_over_esd_mean                   ? 
_refine.ls_structure_factor_coef                 ? 
_refine.ls_weighting_details                     ? 
_refine.ls_weighting_scheme                      ? 
_refine.ls_wR_factor_all                         ? 
_refine.ls_wR_factor_obs                         ? 
_refine.ls_wR_factor_R_free                      ? 
_refine.ls_wR_factor_R_work                      ? 
_refine.occupancy_max                            ? 
_refine.occupancy_min                            ? 
_refine.solvent_model_details                    'FLAT BULK SOLVENT MODEL' 
_refine.solvent_model_param_bsol                 ? 
_refine.solvent_model_param_ksol                 ? 
_refine.pdbx_R_complete                          ? 
_refine.ls_R_factor_gt                           ? 
_refine.ls_goodness_of_fit_gt                    ? 
_refine.ls_goodness_of_fit_ref                   ? 
_refine.ls_shift_over_su_max                     ? 
_refine.ls_shift_over_su_max_lt                  ? 
_refine.ls_shift_over_su_mean                    ? 
_refine.ls_shift_over_su_mean_lt                 ? 
_refine.pdbx_ls_sigma_I                          ? 
_refine.pdbx_ls_sigma_F                          1.440 
_refine.pdbx_ls_sigma_Fsqd                       ? 
_refine.pdbx_data_cutoff_high_absF               ? 
_refine.pdbx_data_cutoff_high_rms_absF           ? 
_refine.pdbx_data_cutoff_low_absF                ? 
_refine.pdbx_isotropic_thermal_model             ? 
_refine.pdbx_ls_cross_valid_method               'FREE R-VALUE' 
_refine.pdbx_method_to_determine_struct          'MOLECULAR REPLACEMENT' 
_refine.pdbx_starting_model                      5MGJ 
_refine.pdbx_stereochemistry_target_values       ML 
_refine.pdbx_R_Free_selection_details            ? 
_refine.pdbx_stereochem_target_val_spec_case     ? 
_refine.pdbx_overall_ESU_R                       ? 
_refine.pdbx_overall_ESU_R_Free                  ? 
_refine.pdbx_solvent_vdw_probe_radii             1.1100 
_refine.pdbx_solvent_ion_probe_radii             ? 
_refine.pdbx_solvent_shrinkage_radii             0.9000 
_refine.pdbx_real_space_R                        ? 
_refine.pdbx_density_correlation                 ? 
_refine.pdbx_pd_number_of_powder_patterns        ? 
_refine.pdbx_pd_number_of_points                 ? 
_refine.pdbx_pd_meas_number_of_points            ? 
_refine.pdbx_pd_proc_ls_prof_R_factor            ? 
_refine.pdbx_pd_proc_ls_prof_wR_factor           ? 
_refine.pdbx_pd_Marquardt_correlation_coeff      ? 
_refine.pdbx_pd_Fsqrd_R_factor                   ? 
_refine.pdbx_pd_ls_matrix_band_width             ? 
_refine.pdbx_overall_phase_error                 27.9500 
_refine.pdbx_overall_SU_R_free_Cruickshank_DPI   ? 
_refine.pdbx_overall_SU_R_free_Blow_DPI          ? 
_refine.pdbx_overall_SU_R_Blow_DPI               ? 
_refine.pdbx_TLS_residual_ADP_flag               ? 
_refine.pdbx_diffrn_id                           1 
_refine.overall_SU_B                             ? 
_refine.overall_SU_ML                            0.3900 
_refine.overall_SU_R_Cruickshank_DPI             ? 
_refine.overall_SU_R_free                        ? 
_refine.overall_FOM_free_R_set                   ? 
_refine.overall_FOM_work_R_set                   ? 
_refine.pdbx_average_fsc_overall                 ? 
_refine.pdbx_average_fsc_work                    ? 
_refine.pdbx_average_fsc_free                    ? 
# 
_refine_hist.pdbx_refine_id                   'X-RAY DIFFRACTION' 
_refine_hist.cycle_id                         final 
_refine_hist.details                          ? 
_refine_hist.d_res_high                       2.5000 
_refine_hist.d_res_low                        47.6580 
_refine_hist.number_atoms_solvent             49 
_refine_hist.number_atoms_total               937 
_refine_hist.number_reflns_all                ? 
_refine_hist.number_reflns_obs                ? 
_refine_hist.number_reflns_R_free             ? 
_refine_hist.number_reflns_R_work             ? 
_refine_hist.R_factor_all                     ? 
_refine_hist.R_factor_obs                     ? 
_refine_hist.R_factor_R_free                  ? 
_refine_hist.R_factor_R_work                  ? 
_refine_hist.pdbx_number_residues_total       104 
_refine_hist.pdbx_B_iso_mean_ligand           27.44 
_refine_hist.pdbx_B_iso_mean_solvent          37.35 
_refine_hist.pdbx_number_atoms_protein        861 
_refine_hist.pdbx_number_atoms_nucleic_acid   0 
_refine_hist.pdbx_number_atoms_ligand         27 
_refine_hist.pdbx_number_atoms_lipid          ? 
_refine_hist.pdbx_number_atoms_carb           ? 
_refine_hist.pdbx_pseudo_atom_details         ? 
# 
loop_
_refine_ls_restr.pdbx_refine_id 
_refine_ls_restr.criterion 
_refine_ls_restr.dev_ideal 
_refine_ls_restr.dev_ideal_target 
_refine_ls_restr.number 
_refine_ls_restr.rejects 
_refine_ls_restr.type 
_refine_ls_restr.weight 
_refine_ls_restr.pdbx_restraint_function 
'X-RAY DIFFRACTION' ? 0.008 ? 913  ? f_bond_d           ? ? 
'X-RAY DIFFRACTION' ? 0.864 ? 1231 ? f_angle_d          ? ? 
'X-RAY DIFFRACTION' ? 0.045 ? 120  ? f_chiral_restr     ? ? 
'X-RAY DIFFRACTION' ? 0.007 ? 161  ? f_plane_restr      ? ? 
'X-RAY DIFFRACTION' ? 7.950 ? 531  ? f_dihedral_angle_d ? ? 
# 
loop_
_refine_ls_shell.pdbx_refine_id 
_refine_ls_shell.d_res_high 
_refine_ls_shell.d_res_low 
_refine_ls_shell.number_reflns_all 
_refine_ls_shell.number_reflns_obs 
_refine_ls_shell.number_reflns_R_free 
_refine_ls_shell.number_reflns_R_work 
_refine_ls_shell.percent_reflns_obs 
_refine_ls_shell.percent_reflns_R_free 
_refine_ls_shell.R_factor_all 
_refine_ls_shell.R_factor_obs 
_refine_ls_shell.R_factor_R_free 
_refine_ls_shell.R_factor_R_free_error 
_refine_ls_shell.R_factor_R_work 
_refine_ls_shell.redundancy_reflns_all 
_refine_ls_shell.redundancy_reflns_obs 
_refine_ls_shell.wR_factor_all 
_refine_ls_shell.wR_factor_obs 
_refine_ls_shell.wR_factor_R_free 
_refine_ls_shell.wR_factor_R_work 
_refine_ls_shell.pdbx_R_complete 
_refine_ls_shell.pdbx_total_number_of_bins_used 
_refine_ls_shell.pdbx_phase_error 
_refine_ls_shell.pdbx_fsc_work 
_refine_ls_shell.pdbx_fsc_free 
'X-RAY DIFFRACTION' 2.5001 3.1498 . . 135 2819 98.0000 . . . 0.2734 0.0000 0.2733 . . . . . . . . . . . 
'X-RAY DIFFRACTION' 3.1498 47.658 . . 170 2889 98.0000 . . . 0.2277 0.0000 0.1753 . . . . . . . . . . . 
# 
_struct.entry_id                     7BL8 
_struct.title                        'BAZ2A bromodomain in complex with the chemical probe BAZ2-ICR' 
_struct.pdbx_model_details           ? 
_struct.pdbx_formula_weight          ? 
_struct.pdbx_formula_weight_method   ? 
_struct.pdbx_model_type_details      ? 
_struct.pdbx_CASP_flag               N 
# 
_struct_keywords.entry_id        7BL8 
_struct_keywords.text            'four helical bundle, transcription' 
_struct_keywords.pdbx_keywords   TRANSCRIPTION 
# 
loop_
_struct_asym.id 
_struct_asym.pdbx_blank_PDB_chainid_flag 
_struct_asym.pdbx_modified 
_struct_asym.entity_id 
_struct_asym.details 
A N N 1 ? 
B N N 2 ? 
C N N 3 ? 
# 
_struct_ref.id                         1 
_struct_ref.db_name                    UNP 
_struct_ref.db_code                    BAZ2A_HUMAN 
_struct_ref.pdbx_db_accession          Q9UIF9 
_struct_ref.pdbx_db_isoform            ? 
_struct_ref.entity_id                  1 
_struct_ref.pdbx_seq_one_letter_code   
;HSDLTFCEIILMEMESHDAAWPFLEPVNPRLVSGYRRIIKNPMDFSTMRERLLRGGYTSSEEFAADALLVFDNCQTFNED
DSEVGKAGHIMRRFFESRWEEFY
;
_struct_ref.pdbx_align_begin           1796 
# 
_struct_ref_seq.align_id                      1 
_struct_ref_seq.ref_id                        1 
_struct_ref_seq.pdbx_PDB_id_code              7BL8 
_struct_ref_seq.pdbx_strand_id                A 
_struct_ref_seq.seq_align_beg                 3 
_struct_ref_seq.pdbx_seq_align_beg_ins_code   ? 
_struct_ref_seq.seq_align_end                 105 
_struct_ref_seq.pdbx_seq_align_end_ins_code   ? 
_struct_ref_seq.pdbx_db_accession             Q9UIF9 
_struct_ref_seq.db_align_beg                  1796 
_struct_ref_seq.pdbx_db_align_beg_ins_code    ? 
_struct_ref_seq.db_align_end                  1898 
_struct_ref_seq.pdbx_db_align_end_ins_code    ? 
_struct_ref_seq.pdbx_auth_seq_align_beg       1796 
_struct_ref_seq.pdbx_auth_seq_align_end       1898 
# 
loop_
_struct_ref_seq_dif.align_id 
_struct_ref_seq_dif.pdbx_pdb_id_code 
_struct_ref_seq_dif.mon_id 
_struct_ref_seq_dif.pdbx_pdb_strand_id 
_struct_ref_seq_dif.seq_num 
_struct_ref_seq_dif.pdbx_pdb_ins_code 
_struct_ref_seq_dif.pdbx_seq_db_name 
_struct_ref_seq_dif.pdbx_seq_db_accession_code 
_struct_ref_seq_dif.db_mon_id 
_struct_ref_seq_dif.pdbx_seq_db_seq_num 
_struct_ref_seq_dif.details 
_struct_ref_seq_dif.pdbx_auth_seq_num 
_struct_ref_seq_dif.pdbx_ordinal 
1 7BL8 SER A 1 ? UNP Q9UIF9 ? ? 'expression tag' 1794 1 
1 7BL8 MET A 2 ? UNP Q9UIF9 ? ? 'expression tag' 1795 2 
# 
_pdbx_struct_assembly.id                   1 
_pdbx_struct_assembly.details              author_defined_assembly 
_pdbx_struct_assembly.method_details       ? 
_pdbx_struct_assembly.oligomeric_details   monomeric 
_pdbx_struct_assembly.oligomeric_count     1 
# 
loop_
_pdbx_struct_assembly_prop.biol_id 
_pdbx_struct_assembly_prop.type 
_pdbx_struct_assembly_prop.value 
_pdbx_struct_assembly_prop.details 
1 'ABSA (A^2)' 0    ? 
1 MORE         0    ? 
1 'SSA (A^2)'  6410 ? 
# 
_pdbx_struct_assembly_gen.assembly_id       1 
_pdbx_struct_assembly_gen.oper_expression   1 
_pdbx_struct_assembly_gen.asym_id_list      A,B,C 
# 
_pdbx_struct_assembly_auth_evidence.id                     1 
_pdbx_struct_assembly_auth_evidence.assembly_id            1 
_pdbx_struct_assembly_auth_evidence.experimental_support   'gel filtration' 
_pdbx_struct_assembly_auth_evidence.details                ? 
# 
_pdbx_struct_oper_list.id                   1 
_pdbx_struct_oper_list.type                 'identity operation' 
_pdbx_struct_oper_list.name                 1_555 
_pdbx_struct_oper_list.symmetry_operation   x,y,z 
_pdbx_struct_oper_list.matrix[1][1]         1.0000000000 
_pdbx_struct_oper_list.matrix[1][2]         0.0000000000 
_pdbx_struct_oper_list.matrix[1][3]         0.0000000000 
_pdbx_struct_oper_list.vector[1]            0.0000000000 
_pdbx_struct_oper_list.matrix[2][1]         0.0000000000 
_pdbx_struct_oper_list.matrix[2][2]         1.0000000000 
_pdbx_struct_oper_list.matrix[2][3]         0.0000000000 
_pdbx_struct_oper_list.vector[2]            0.0000000000 
_pdbx_struct_oper_list.matrix[3][1]         0.0000000000 
_pdbx_struct_oper_list.matrix[3][2]         0.0000000000 
_pdbx_struct_oper_list.matrix[3][3]         1.0000000000 
_pdbx_struct_oper_list.vector[3]            0.0000000000 
# 
loop_
_struct_conf.conf_type_id 
_struct_conf.id 
_struct_conf.pdbx_PDB_helix_id 
_struct_conf.beg_label_comp_id 
_struct_conf.beg_label_asym_id 
_struct_conf.beg_label_seq_id 
_struct_conf.pdbx_beg_PDB_ins_code 
_struct_conf.end_label_comp_id 
_struct_conf.end_label_asym_id 
_struct_conf.end_label_seq_id 
_struct_conf.pdbx_end_PDB_ins_code 
_struct_conf.beg_auth_comp_id 
_struct_conf.beg_auth_asym_id 
_struct_conf.beg_auth_seq_id 
_struct_conf.end_auth_comp_id 
_struct_conf.end_auth_asym_id 
_struct_conf.end_auth_seq_id 
_struct_conf.pdbx_PDB_helix_class 
_struct_conf.details 
_struct_conf.pdbx_PDB_helix_length 
HELX_P HELX_P1 AA1 MET A 2  ? HIS A 19  ? MET A 1795 HIS A 1812 1 ? 18 
HELX_P HELX_P2 AA2 ASP A 20 ? TRP A 23  ? ASP A 1813 TRP A 1816 5 ? 4  
HELX_P HELX_P3 AA3 ASN A 30 ? VAL A 34  ? ASN A 1823 VAL A 1827 5 ? 5  
HELX_P HELX_P4 AA4 GLY A 36 ? ILE A 41  ? GLY A 1829 ILE A 1834 1 ? 6  
HELX_P HELX_P5 AA5 ASP A 46 ? GLY A 57  ? ASP A 1839 GLY A 1850 1 ? 12 
HELX_P HELX_P6 AA6 SER A 61 ? ASN A 80  ? SER A 1854 ASN A 1873 1 ? 20 
HELX_P HELX_P7 AA7 SER A 84 ? GLU A 103 ? SER A 1877 GLU A 1896 1 ? 20 
# 
_struct_conf_type.id          HELX_P 
_struct_conf_type.criteria    ? 
_struct_conf_type.reference   ? 
# 
_struct_site.id                   AC1 
_struct_site.pdbx_evidence_code   Software 
_struct_site.pdbx_auth_asym_id    A 
_struct_site.pdbx_auth_comp_id    U1Z 
_struct_site.pdbx_auth_seq_id     1901 
_struct_site.pdbx_auth_ins_code   ? 
_struct_site.pdbx_num_residues    12 
_struct_site.details              'binding site for residue U1Z A 1901' 
# 
loop_
_struct_site_gen.id 
_struct_site_gen.site_id 
_struct_site_gen.pdbx_num_res 
_struct_site_gen.label_comp_id 
_struct_site_gen.label_asym_id 
_struct_site_gen.label_seq_id 
_struct_site_gen.pdbx_auth_ins_code 
_struct_site_gen.auth_comp_id 
_struct_site_gen.auth_asym_id 
_struct_site_gen.auth_seq_id 
_struct_site_gen.label_atom_id 
_struct_site_gen.label_alt_id 
_struct_site_gen.symmetry 
_struct_site_gen.details 
1  AC1 12 TRP A 23 ? TRP A 1816 . ? 1_555 ? 
2  AC1 12 PRO A 24 ? PRO A 1817 . ? 1_555 ? 
3  AC1 12 PHE A 25 ? PHE A 1818 . ? 1_555 ? 
4  AC1 12 LEU A 26 ? LEU A 1819 . ? 1_555 ? 
5  AC1 12 GLU A 27 ? GLU A 1820 . ? 1_555 ? 
6  AC1 12 PRO A 28 ? PRO A 1821 . ? 1_555 ? 
7  AC1 12 VAL A 29 ? VAL A 1822 . ? 1_555 ? 
8  AC1 12 ASN A 30 ? ASN A 1823 . ? 1_555 ? 
9  AC1 12 VAL A 34 ? VAL A 1827 . ? 1_555 ? 
10 AC1 12 ASN A 80 ? ASN A 1873 . ? 1_555 ? 
11 AC1 12 VAL A 86 ? VAL A 1879 . ? 1_555 ? 
12 AC1 12 HOH C .  ? HOH A 2023 . ? 1_555 ? 
# 
_pdbx_entry_details.entry_id                   7BL8 
_pdbx_entry_details.has_ligand_of_interest     Y 
_pdbx_entry_details.compound_details           ? 
_pdbx_entry_details.source_details             ? 
_pdbx_entry_details.nonpolymer_details         ? 
_pdbx_entry_details.sequence_details           ? 
_pdbx_entry_details.has_protein_modification   N 
# 
_phasing.method   MR 
# 
_pdbx_unobs_or_zero_occ_residues.id               1 
_pdbx_unobs_or_zero_occ_residues.PDB_model_num    1 
_pdbx_unobs_or_zero_occ_residues.polymer_flag     Y 
_pdbx_unobs_or_zero_occ_residues.occupancy_flag   1 
_pdbx_unobs_or_zero_occ_residues.auth_asym_id     A 
_pdbx_unobs_or_zero_occ_residues.auth_comp_id     SER 
_pdbx_unobs_or_zero_occ_residues.auth_seq_id      1794 
_pdbx_unobs_or_zero_occ_residues.PDB_ins_code     ? 
_pdbx_unobs_or_zero_occ_residues.label_asym_id    A 
_pdbx_unobs_or_zero_occ_residues.label_comp_id    SER 
_pdbx_unobs_or_zero_occ_residues.label_seq_id     1 
# 
loop_
_chem_comp_atom.comp_id 
_chem_comp_atom.atom_id 
_chem_comp_atom.type_symbol 
_chem_comp_atom.pdbx_aromatic_flag 
_chem_comp_atom.pdbx_stereo_config 
_chem_comp_atom.pdbx_ordinal 
ALA N    N N N 1   
ALA CA   C N S 2   
ALA C    C N N 3   
ALA O    O N N 4   
ALA CB   C N N 5   
ALA OXT  O N N 6   
ALA H    H N N 7   
ALA H2   H N N 8   
ALA HA   H N N 9   
ALA HB1  H N N 10  
ALA HB2  H N N 11  
ALA HB3  H N N 12  
ALA HXT  H N N 13  
ARG N    N N N 14  
ARG CA   C N S 15  
ARG C    C N N 16  
ARG O    O N N 17  
ARG CB   C N N 18  
ARG CG   C N N 19  
ARG CD   C N N 20  
ARG NE   N N N 21  
ARG CZ   C N N 22  
ARG NH1  N N N 23  
ARG NH2  N N N 24  
ARG OXT  O N N 25  
ARG H    H N N 26  
ARG H2   H N N 27  
ARG HA   H N N 28  
ARG HB2  H N N 29  
ARG HB3  H N N 30  
ARG HG2  H N N 31  
ARG HG3  H N N 32  
ARG HD2  H N N 33  
ARG HD3  H N N 34  
ARG HE   H N N 35  
ARG HH11 H N N 36  
ARG HH12 H N N 37  
ARG HH21 H N N 38  
ARG HH22 H N N 39  
ARG HXT  H N N 40  
ASN N    N N N 41  
ASN CA   C N S 42  
ASN C    C N N 43  
ASN O    O N N 44  
ASN CB   C N N 45  
ASN CG   C N N 46  
ASN OD1  O N N 47  
ASN ND2  N N N 48  
ASN OXT  O N N 49  
ASN H    H N N 50  
ASN H2   H N N 51  
ASN HA   H N N 52  
ASN HB2  H N N 53  
ASN HB3  H N N 54  
ASN HD21 H N N 55  
ASN HD22 H N N 56  
ASN HXT  H N N 57  
ASP N    N N N 58  
ASP CA   C N S 59  
ASP C    C N N 60  
ASP O    O N N 61  
ASP CB   C N N 62  
ASP CG   C N N 63  
ASP OD1  O N N 64  
ASP OD2  O N N 65  
ASP OXT  O N N 66  
ASP H    H N N 67  
ASP H2   H N N 68  
ASP HA   H N N 69  
ASP HB2  H N N 70  
ASP HB3  H N N 71  
ASP HD2  H N N 72  
ASP HXT  H N N 73  
CYS N    N N N 74  
CYS CA   C N R 75  
CYS C    C N N 76  
CYS O    O N N 77  
CYS CB   C N N 78  
CYS SG   S N N 79  
CYS OXT  O N N 80  
CYS H    H N N 81  
CYS H2   H N N 82  
CYS HA   H N N 83  
CYS HB2  H N N 84  
CYS HB3  H N N 85  
CYS HG   H N N 86  
CYS HXT  H N N 87  
GLN N    N N N 88  
GLN CA   C N S 89  
GLN C    C N N 90  
GLN O    O N N 91  
GLN CB   C N N 92  
GLN CG   C N N 93  
GLN CD   C N N 94  
GLN OE1  O N N 95  
GLN NE2  N N N 96  
GLN OXT  O N N 97  
GLN H    H N N 98  
GLN H2   H N N 99  
GLN HA   H N N 100 
GLN HB2  H N N 101 
GLN HB3  H N N 102 
GLN HG2  H N N 103 
GLN HG3  H N N 104 
GLN HE21 H N N 105 
GLN HE22 H N N 106 
GLN HXT  H N N 107 
GLU N    N N N 108 
GLU CA   C N S 109 
GLU C    C N N 110 
GLU O    O N N 111 
GLU CB   C N N 112 
GLU CG   C N N 113 
GLU CD   C N N 114 
GLU OE1  O N N 115 
GLU OE2  O N N 116 
GLU OXT  O N N 117 
GLU H    H N N 118 
GLU H2   H N N 119 
GLU HA   H N N 120 
GLU HB2  H N N 121 
GLU HB3  H N N 122 
GLU HG2  H N N 123 
GLU HG3  H N N 124 
GLU HE2  H N N 125 
GLU HXT  H N N 126 
GLY N    N N N 127 
GLY CA   C N N 128 
GLY C    C N N 129 
GLY O    O N N 130 
GLY OXT  O N N 131 
GLY H    H N N 132 
GLY H2   H N N 133 
GLY HA2  H N N 134 
GLY HA3  H N N 135 
GLY HXT  H N N 136 
HIS N    N N N 137 
HIS CA   C N S 138 
HIS C    C N N 139 
HIS O    O N N 140 
HIS CB   C N N 141 
HIS CG   C Y N 142 
HIS ND1  N Y N 143 
HIS CD2  C Y N 144 
HIS CE1  C Y N 145 
HIS NE2  N Y N 146 
HIS OXT  O N N 147 
HIS H    H N N 148 
HIS H2   H N N 149 
HIS HA   H N N 150 
HIS HB2  H N N 151 
HIS HB3  H N N 152 
HIS HD1  H N N 153 
HIS HD2  H N N 154 
HIS HE1  H N N 155 
HIS HE2  H N N 156 
HIS HXT  H N N 157 
HOH O    O N N 158 
HOH H1   H N N 159 
HOH H2   H N N 160 
ILE N    N N N 161 
ILE CA   C N S 162 
ILE C    C N N 163 
ILE O    O N N 164 
ILE CB   C N S 165 
ILE CG1  C N N 166 
ILE CG2  C N N 167 
ILE CD1  C N N 168 
ILE OXT  O N N 169 
ILE H    H N N 170 
ILE H2   H N N 171 
ILE HA   H N N 172 
ILE HB   H N N 173 
ILE HG12 H N N 174 
ILE HG13 H N N 175 
ILE HG21 H N N 176 
ILE HG22 H N N 177 
ILE HG23 H N N 178 
ILE HD11 H N N 179 
ILE HD12 H N N 180 
ILE HD13 H N N 181 
ILE HXT  H N N 182 
LEU N    N N N 183 
LEU CA   C N S 184 
LEU C    C N N 185 
LEU O    O N N 186 
LEU CB   C N N 187 
LEU CG   C N N 188 
LEU CD1  C N N 189 
LEU CD2  C N N 190 
LEU OXT  O N N 191 
LEU H    H N N 192 
LEU H2   H N N 193 
LEU HA   H N N 194 
LEU HB2  H N N 195 
LEU HB3  H N N 196 
LEU HG   H N N 197 
LEU HD11 H N N 198 
LEU HD12 H N N 199 
LEU HD13 H N N 200 
LEU HD21 H N N 201 
LEU HD22 H N N 202 
LEU HD23 H N N 203 
LEU HXT  H N N 204 
LYS N    N N N 205 
LYS CA   C N S 206 
LYS C    C N N 207 
LYS O    O N N 208 
LYS CB   C N N 209 
LYS CG   C N N 210 
LYS CD   C N N 211 
LYS CE   C N N 212 
LYS NZ   N N N 213 
LYS OXT  O N N 214 
LYS H    H N N 215 
LYS H2   H N N 216 
LYS HA   H N N 217 
LYS HB2  H N N 218 
LYS HB3  H N N 219 
LYS HG2  H N N 220 
LYS HG3  H N N 221 
LYS HD2  H N N 222 
LYS HD3  H N N 223 
LYS HE2  H N N 224 
LYS HE3  H N N 225 
LYS HZ1  H N N 226 
LYS HZ2  H N N 227 
LYS HZ3  H N N 228 
LYS HXT  H N N 229 
MET N    N N N 230 
MET CA   C N S 231 
MET C    C N N 232 
MET O    O N N 233 
MET CB   C N N 234 
MET CG   C N N 235 
MET SD   S N N 236 
MET CE   C N N 237 
MET OXT  O N N 238 
MET H    H N N 239 
MET H2   H N N 240 
MET HA   H N N 241 
MET HB2  H N N 242 
MET HB3  H N N 243 
MET HG2  H N N 244 
MET HG3  H N N 245 
MET HE1  H N N 246 
MET HE2  H N N 247 
MET HE3  H N N 248 
MET HXT  H N N 249 
PHE N    N N N 250 
PHE CA   C N S 251 
PHE C    C N N 252 
PHE O    O N N 253 
PHE CB   C N N 254 
PHE CG   C Y N 255 
PHE CD1  C Y N 256 
PHE CD2  C Y N 257 
PHE CE1  C Y N 258 
PHE CE2  C Y N 259 
PHE CZ   C Y N 260 
PHE OXT  O N N 261 
PHE H    H N N 262 
PHE H2   H N N 263 
PHE HA   H N N 264 
PHE HB2  H N N 265 
PHE HB3  H N N 266 
PHE HD1  H N N 267 
PHE HD2  H N N 268 
PHE HE1  H N N 269 
PHE HE2  H N N 270 
PHE HZ   H N N 271 
PHE HXT  H N N 272 
PRO N    N N N 273 
PRO CA   C N S 274 
PRO C    C N N 275 
PRO O    O N N 276 
PRO CB   C N N 277 
PRO CG   C N N 278 
PRO CD   C N N 279 
PRO OXT  O N N 280 
PRO H    H N N 281 
PRO HA   H N N 282 
PRO HB2  H N N 283 
PRO HB3  H N N 284 
PRO HG2  H N N 285 
PRO HG3  H N N 286 
PRO HD2  H N N 287 
PRO HD3  H N N 288 
PRO HXT  H N N 289 
SER N    N N N 290 
SER CA   C N S 291 
SER C    C N N 292 
SER O    O N N 293 
SER CB   C N N 294 
SER OG   O N N 295 
SER OXT  O N N 296 
SER H    H N N 297 
SER H2   H N N 298 
SER HA   H N N 299 
SER HB2  H N N 300 
SER HB3  H N N 301 
SER HG   H N N 302 
SER HXT  H N N 303 
THR N    N N N 304 
THR CA   C N S 305 
THR C    C N N 306 
THR O    O N N 307 
THR CB   C N R 308 
THR OG1  O N N 309 
THR CG2  C N N 310 
THR OXT  O N N 311 
THR H    H N N 312 
THR H2   H N N 313 
THR HA   H N N 314 
THR HB   H N N 315 
THR HG1  H N N 316 
THR HG21 H N N 317 
THR HG22 H N N 318 
THR HG23 H N N 319 
THR HXT  H N N 320 
TRP N    N N N 321 
TRP CA   C N S 322 
TRP C    C N N 323 
TRP O    O N N 324 
TRP CB   C N N 325 
TRP CG   C Y N 326 
TRP CD1  C Y N 327 
TRP CD2  C Y N 328 
TRP NE1  N Y N 329 
TRP CE2  C Y N 330 
TRP CE3  C Y N 331 
TRP CZ2  C Y N 332 
TRP CZ3  C Y N 333 
TRP CH2  C Y N 334 
TRP OXT  O N N 335 
TRP H    H N N 336 
TRP H2   H N N 337 
TRP HA   H N N 338 
TRP HB2  H N N 339 
TRP HB3  H N N 340 
TRP HD1  H N N 341 
TRP HE1  H N N 342 
TRP HE3  H N N 343 
TRP HZ2  H N N 344 
TRP HZ3  H N N 345 
TRP HH2  H N N 346 
TRP HXT  H N N 347 
TYR N    N N N 348 
TYR CA   C N S 349 
TYR C    C N N 350 
TYR O    O N N 351 
TYR CB   C N N 352 
TYR CG   C Y N 353 
TYR CD1  C Y N 354 
TYR CD2  C Y N 355 
TYR CE1  C Y N 356 
TYR CE2  C Y N 357 
TYR CZ   C Y N 358 
TYR OH   O N N 359 
TYR OXT  O N N 360 
TYR H    H N N 361 
TYR H2   H N N 362 
TYR HA   H N N 363 
TYR HB2  H N N 364 
TYR HB3  H N N 365 
TYR HD1  H N N 366 
TYR HD2  H N N 367 
TYR HE1  H N N 368 
TYR HE2  H N N 369 
TYR HH   H N N 370 
TYR HXT  H N N 371 
U1Z C01  C N N 372 
U1Z C03  C Y N 373 
U1Z C04  C Y N 374 
U1Z C05  C N N 375 
U1Z C06  C N N 376 
U1Z C08  C Y N 377 
U1Z C10  C Y N 378 
U1Z C11  C Y N 379 
U1Z C12  C Y N 380 
U1Z C14  C N N 381 
U1Z C16  C Y N 382 
U1Z C17  C Y N 383 
U1Z C18  C Y N 384 
U1Z C19  C Y N 385 
U1Z C20  C Y N 386 
U1Z C21  C Y N 387 
U1Z C22  C N N 388 
U1Z C24  C Y N 389 
U1Z C25  C Y N 390 
U1Z C26  C Y N 391 
U1Z N02  N Y N 392 
U1Z N07  N Y N 393 
U1Z N09  N Y N 394 
U1Z N13  N Y N 395 
U1Z N15  N Y N 396 
U1Z N23  N N N 397 
U1Z N27  N Y N 398 
U1Z H1   H N N 399 
U1Z H2   H N N 400 
U1Z H3   H N N 401 
U1Z H4   H N N 402 
U1Z H5   H N N 403 
U1Z H6   H N N 404 
U1Z H7   H N N 405 
U1Z H8   H N N 406 
U1Z H9   H N N 407 
U1Z H10  H N N 408 
U1Z H11  H N N 409 
U1Z H12  H N N 410 
U1Z H13  H N N 411 
U1Z H14  H N N 412 
U1Z H15  H N N 413 
U1Z H16  H N N 414 
U1Z H17  H N N 415 
U1Z H18  H N N 416 
U1Z H19  H N N 417 
VAL N    N N N 418 
VAL CA   C N S 419 
VAL C    C N N 420 
VAL O    O N N 421 
VAL CB   C N N 422 
VAL CG1  C N N 423 
VAL CG2  C N N 424 
VAL OXT  O N N 425 
VAL H    H N N 426 
VAL H2   H N N 427 
VAL HA   H N N 428 
VAL HB   H N N 429 
VAL HG11 H N N 430 
VAL HG12 H N N 431 
VAL HG13 H N N 432 
VAL HG21 H N N 433 
VAL HG22 H N N 434 
VAL HG23 H N N 435 
VAL HXT  H N N 436 
# 
loop_
_chem_comp_bond.comp_id 
_chem_comp_bond.atom_id_1 
_chem_comp_bond.atom_id_2 
_chem_comp_bond.value_order 
_chem_comp_bond.pdbx_aromatic_flag 
_chem_comp_bond.pdbx_stereo_config 
_chem_comp_bond.pdbx_ordinal 
ALA N   CA   sing N N 1   
ALA N   H    sing N N 2   
ALA N   H2   sing N N 3   
ALA CA  C    sing N N 4   
ALA CA  CB   sing N N 5   
ALA CA  HA   sing N N 6   
ALA C   O    doub N N 7   
ALA C   OXT  sing N N 8   
ALA CB  HB1  sing N N 9   
ALA CB  HB2  sing N N 10  
ALA CB  HB3  sing N N 11  
ALA OXT HXT  sing N N 12  
ARG N   CA   sing N N 13  
ARG N   H    sing N N 14  
ARG N   H2   sing N N 15  
ARG CA  C    sing N N 16  
ARG CA  CB   sing N N 17  
ARG CA  HA   sing N N 18  
ARG C   O    doub N N 19  
ARG C   OXT  sing N N 20  
ARG CB  CG   sing N N 21  
ARG CB  HB2  sing N N 22  
ARG CB  HB3  sing N N 23  
ARG CG  CD   sing N N 24  
ARG CG  HG2  sing N N 25  
ARG CG  HG3  sing N N 26  
ARG CD  NE   sing N N 27  
ARG CD  HD2  sing N N 28  
ARG CD  HD3  sing N N 29  
ARG NE  CZ   sing N N 30  
ARG NE  HE   sing N N 31  
ARG CZ  NH1  sing N N 32  
ARG CZ  NH2  doub N N 33  
ARG NH1 HH11 sing N N 34  
ARG NH1 HH12 sing N N 35  
ARG NH2 HH21 sing N N 36  
ARG NH2 HH22 sing N N 37  
ARG OXT HXT  sing N N 38  
ASN N   CA   sing N N 39  
ASN N   H    sing N N 40  
ASN N   H2   sing N N 41  
ASN CA  C    sing N N 42  
ASN CA  CB   sing N N 43  
ASN CA  HA   sing N N 44  
ASN C   O    doub N N 45  
ASN C   OXT  sing N N 46  
ASN CB  CG   sing N N 47  
ASN CB  HB2  sing N N 48  
ASN CB  HB3  sing N N 49  
ASN CG  OD1  doub N N 50  
ASN CG  ND2  sing N N 51  
ASN ND2 HD21 sing N N 52  
ASN ND2 HD22 sing N N 53  
ASN OXT HXT  sing N N 54  
ASP N   CA   sing N N 55  
ASP N   H    sing N N 56  
ASP N   H2   sing N N 57  
ASP CA  C    sing N N 58  
ASP CA  CB   sing N N 59  
ASP CA  HA   sing N N 60  
ASP C   O    doub N N 61  
ASP C   OXT  sing N N 62  
ASP CB  CG   sing N N 63  
ASP CB  HB2  sing N N 64  
ASP CB  HB3  sing N N 65  
ASP CG  OD1  doub N N 66  
ASP CG  OD2  sing N N 67  
ASP OD2 HD2  sing N N 68  
ASP OXT HXT  sing N N 69  
CYS N   CA   sing N N 70  
CYS N   H    sing N N 71  
CYS N   H2   sing N N 72  
CYS CA  C    sing N N 73  
CYS CA  CB   sing N N 74  
CYS CA  HA   sing N N 75  
CYS C   O    doub N N 76  
CYS C   OXT  sing N N 77  
CYS CB  SG   sing N N 78  
CYS CB  HB2  sing N N 79  
CYS CB  HB3  sing N N 80  
CYS SG  HG   sing N N 81  
CYS OXT HXT  sing N N 82  
GLN N   CA   sing N N 83  
GLN N   H    sing N N 84  
GLN N   H2   sing N N 85  
GLN CA  C    sing N N 86  
GLN CA  CB   sing N N 87  
GLN CA  HA   sing N N 88  
GLN C   O    doub N N 89  
GLN C   OXT  sing N N 90  
GLN CB  CG   sing N N 91  
GLN CB  HB2  sing N N 92  
GLN CB  HB3  sing N N 93  
GLN CG  CD   sing N N 94  
GLN CG  HG2  sing N N 95  
GLN CG  HG3  sing N N 96  
GLN CD  OE1  doub N N 97  
GLN CD  NE2  sing N N 98  
GLN NE2 HE21 sing N N 99  
GLN NE2 HE22 sing N N 100 
GLN OXT HXT  sing N N 101 
GLU N   CA   sing N N 102 
GLU N   H    sing N N 103 
GLU N   H2   sing N N 104 
GLU CA  C    sing N N 105 
GLU CA  CB   sing N N 106 
GLU CA  HA   sing N N 107 
GLU C   O    doub N N 108 
GLU C   OXT  sing N N 109 
GLU CB  CG   sing N N 110 
GLU CB  HB2  sing N N 111 
GLU CB  HB3  sing N N 112 
GLU CG  CD   sing N N 113 
GLU CG  HG2  sing N N 114 
GLU CG  HG3  sing N N 115 
GLU CD  OE1  doub N N 116 
GLU CD  OE2  sing N N 117 
GLU OE2 HE2  sing N N 118 
GLU OXT HXT  sing N N 119 
GLY N   CA   sing N N 120 
GLY N   H    sing N N 121 
GLY N   H2   sing N N 122 
GLY CA  C    sing N N 123 
GLY CA  HA2  sing N N 124 
GLY CA  HA3  sing N N 125 
GLY C   O    doub N N 126 
GLY C   OXT  sing N N 127 
GLY OXT HXT  sing N N 128 
HIS N   CA   sing N N 129 
HIS N   H    sing N N 130 
HIS N   H2   sing N N 131 
HIS CA  C    sing N N 132 
HIS CA  CB   sing N N 133 
HIS CA  HA   sing N N 134 
HIS C   O    doub N N 135 
HIS C   OXT  sing N N 136 
HIS CB  CG   sing N N 137 
HIS CB  HB2  sing N N 138 
HIS CB  HB3  sing N N 139 
HIS CG  ND1  sing Y N 140 
HIS CG  CD2  doub Y N 141 
HIS ND1 CE1  doub Y N 142 
HIS ND1 HD1  sing N N 143 
HIS CD2 NE2  sing Y N 144 
HIS CD2 HD2  sing N N 145 
HIS CE1 NE2  sing Y N 146 
HIS CE1 HE1  sing N N 147 
HIS NE2 HE2  sing N N 148 
HIS OXT HXT  sing N N 149 
HOH O   H1   sing N N 150 
HOH O   H2   sing N N 151 
ILE N   CA   sing N N 152 
ILE N   H    sing N N 153 
ILE N   H2   sing N N 154 
ILE CA  C    sing N N 155 
ILE CA  CB   sing N N 156 
ILE CA  HA   sing N N 157 
ILE C   O    doub N N 158 
ILE C   OXT  sing N N 159 
ILE CB  CG1  sing N N 160 
ILE CB  CG2  sing N N 161 
ILE CB  HB   sing N N 162 
ILE CG1 CD1  sing N N 163 
ILE CG1 HG12 sing N N 164 
ILE CG1 HG13 sing N N 165 
ILE CG2 HG21 sing N N 166 
ILE CG2 HG22 sing N N 167 
ILE CG2 HG23 sing N N 168 
ILE CD1 HD11 sing N N 169 
ILE CD1 HD12 sing N N 170 
ILE CD1 HD13 sing N N 171 
ILE OXT HXT  sing N N 172 
LEU N   CA   sing N N 173 
LEU N   H    sing N N 174 
LEU N   H2   sing N N 175 
LEU CA  C    sing N N 176 
LEU CA  CB   sing N N 177 
LEU CA  HA   sing N N 178 
LEU C   O    doub N N 179 
LEU C   OXT  sing N N 180 
LEU CB  CG   sing N N 181 
LEU CB  HB2  sing N N 182 
LEU CB  HB3  sing N N 183 
LEU CG  CD1  sing N N 184 
LEU CG  CD2  sing N N 185 
LEU CG  HG   sing N N 186 
LEU CD1 HD11 sing N N 187 
LEU CD1 HD12 sing N N 188 
LEU CD1 HD13 sing N N 189 
LEU CD2 HD21 sing N N 190 
LEU CD2 HD22 sing N N 191 
LEU CD2 HD23 sing N N 192 
LEU OXT HXT  sing N N 193 
LYS N   CA   sing N N 194 
LYS N   H    sing N N 195 
LYS N   H2   sing N N 196 
LYS CA  C    sing N N 197 
LYS CA  CB   sing N N 198 
LYS CA  HA   sing N N 199 
LYS C   O    doub N N 200 
LYS C   OXT  sing N N 201 
LYS CB  CG   sing N N 202 
LYS CB  HB2  sing N N 203 
LYS CB  HB3  sing N N 204 
LYS CG  CD   sing N N 205 
LYS CG  HG2  sing N N 206 
LYS CG  HG3  sing N N 207 
LYS CD  CE   sing N N 208 
LYS CD  HD2  sing N N 209 
LYS CD  HD3  sing N N 210 
LYS CE  NZ   sing N N 211 
LYS CE  HE2  sing N N 212 
LYS CE  HE3  sing N N 213 
LYS NZ  HZ1  sing N N 214 
LYS NZ  HZ2  sing N N 215 
LYS NZ  HZ3  sing N N 216 
LYS OXT HXT  sing N N 217 
MET N   CA   sing N N 218 
MET N   H    sing N N 219 
MET N   H2   sing N N 220 
MET CA  C    sing N N 221 
MET CA  CB   sing N N 222 
MET CA  HA   sing N N 223 
MET C   O    doub N N 224 
MET C   OXT  sing N N 225 
MET CB  CG   sing N N 226 
MET CB  HB2  sing N N 227 
MET CB  HB3  sing N N 228 
MET CG  SD   sing N N 229 
MET CG  HG2  sing N N 230 
MET CG  HG3  sing N N 231 
MET SD  CE   sing N N 232 
MET CE  HE1  sing N N 233 
MET CE  HE2  sing N N 234 
MET CE  HE3  sing N N 235 
MET OXT HXT  sing N N 236 
PHE N   CA   sing N N 237 
PHE N   H    sing N N 238 
PHE N   H2   sing N N 239 
PHE CA  C    sing N N 240 
PHE CA  CB   sing N N 241 
PHE CA  HA   sing N N 242 
PHE C   O    doub N N 243 
PHE C   OXT  sing N N 244 
PHE CB  CG   sing N N 245 
PHE CB  HB2  sing N N 246 
PHE CB  HB3  sing N N 247 
PHE CG  CD1  doub Y N 248 
PHE CG  CD2  sing Y N 249 
PHE CD1 CE1  sing Y N 250 
PHE CD1 HD1  sing N N 251 
PHE CD2 CE2  doub Y N 252 
PHE CD2 HD2  sing N N 253 
PHE CE1 CZ   doub Y N 254 
PHE CE1 HE1  sing N N 255 
PHE CE2 CZ   sing Y N 256 
PHE CE2 HE2  sing N N 257 
PHE CZ  HZ   sing N N 258 
PHE OXT HXT  sing N N 259 
PRO N   CA   sing N N 260 
PRO N   CD   sing N N 261 
PRO N   H    sing N N 262 
PRO CA  C    sing N N 263 
PRO CA  CB   sing N N 264 
PRO CA  HA   sing N N 265 
PRO C   O    doub N N 266 
PRO C   OXT  sing N N 267 
PRO CB  CG   sing N N 268 
PRO CB  HB2  sing N N 269 
PRO CB  HB3  sing N N 270 
PRO CG  CD   sing N N 271 
PRO CG  HG2  sing N N 272 
PRO CG  HG3  sing N N 273 
PRO CD  HD2  sing N N 274 
PRO CD  HD3  sing N N 275 
PRO OXT HXT  sing N N 276 
SER N   CA   sing N N 277 
SER N   H    sing N N 278 
SER N   H2   sing N N 279 
SER CA  C    sing N N 280 
SER CA  CB   sing N N 281 
SER CA  HA   sing N N 282 
SER C   O    doub N N 283 
SER C   OXT  sing N N 284 
SER CB  OG   sing N N 285 
SER CB  HB2  sing N N 286 
SER CB  HB3  sing N N 287 
SER OG  HG   sing N N 288 
SER OXT HXT  sing N N 289 
THR N   CA   sing N N 290 
THR N   H    sing N N 291 
THR N   H2   sing N N 292 
THR CA  C    sing N N 293 
THR CA  CB   sing N N 294 
THR CA  HA   sing N N 295 
THR C   O    doub N N 296 
THR C   OXT  sing N N 297 
THR CB  OG1  sing N N 298 
THR CB  CG2  sing N N 299 
THR CB  HB   sing N N 300 
THR OG1 HG1  sing N N 301 
THR CG2 HG21 sing N N 302 
THR CG2 HG22 sing N N 303 
THR CG2 HG23 sing N N 304 
THR OXT HXT  sing N N 305 
TRP N   CA   sing N N 306 
TRP N   H    sing N N 307 
TRP N   H2   sing N N 308 
TRP CA  C    sing N N 309 
TRP CA  CB   sing N N 310 
TRP CA  HA   sing N N 311 
TRP C   O    doub N N 312 
TRP C   OXT  sing N N 313 
TRP CB  CG   sing N N 314 
TRP CB  HB2  sing N N 315 
TRP CB  HB3  sing N N 316 
TRP CG  CD1  doub Y N 317 
TRP CG  CD2  sing Y N 318 
TRP CD1 NE1  sing Y N 319 
TRP CD1 HD1  sing N N 320 
TRP CD2 CE2  doub Y N 321 
TRP CD2 CE3  sing Y N 322 
TRP NE1 CE2  sing Y N 323 
TRP NE1 HE1  sing N N 324 
TRP CE2 CZ2  sing Y N 325 
TRP CE3 CZ3  doub Y N 326 
TRP CE3 HE3  sing N N 327 
TRP CZ2 CH2  doub Y N 328 
TRP CZ2 HZ2  sing N N 329 
TRP CZ3 CH2  sing Y N 330 
TRP CZ3 HZ3  sing N N 331 
TRP CH2 HH2  sing N N 332 
TRP OXT HXT  sing N N 333 
TYR N   CA   sing N N 334 
TYR N   H    sing N N 335 
TYR N   H2   sing N N 336 
TYR CA  C    sing N N 337 
TYR CA  CB   sing N N 338 
TYR CA  HA   sing N N 339 
TYR C   O    doub N N 340 
TYR C   OXT  sing N N 341 
TYR CB  CG   sing N N 342 
TYR CB  HB2  sing N N 343 
TYR CB  HB3  sing N N 344 
TYR CG  CD1  doub Y N 345 
TYR CG  CD2  sing Y N 346 
TYR CD1 CE1  sing Y N 347 
TYR CD1 HD1  sing N N 348 
TYR CD2 CE2  doub Y N 349 
TYR CD2 HD2  sing N N 350 
TYR CE1 CZ   doub Y N 351 
TYR CE1 HE1  sing N N 352 
TYR CE2 CZ   sing Y N 353 
TYR CE2 HE2  sing N N 354 
TYR CZ  OH   sing N N 355 
TYR OH  HH   sing N N 356 
TYR OXT HXT  sing N N 357 
U1Z N27 C26  doub Y N 358 
U1Z N27 N02  sing Y N 359 
U1Z C26 C04  sing Y N 360 
U1Z N02 C01  sing N N 361 
U1Z N02 C03  sing Y N 362 
U1Z C04 C05  sing N N 363 
U1Z C04 C03  doub Y N 364 
U1Z C05 C06  sing N N 365 
U1Z C08 N09  doub Y N 366 
U1Z C08 N07  sing Y N 367 
U1Z N09 C10  sing Y N 368 
U1Z C06 N07  sing N N 369 
U1Z N07 C17  sing Y N 370 
U1Z C16 N15  doub Y N 371 
U1Z C16 C11  sing Y N 372 
U1Z C10 C17  doub Y N 373 
U1Z C10 C11  sing N N 374 
U1Z C19 C20  doub Y N 375 
U1Z C19 C18  sing Y N 376 
U1Z C17 C18  sing N N 377 
U1Z N15 N13  sing Y N 378 
U1Z C11 C12  doub Y N 379 
U1Z C20 C21  sing Y N 380 
U1Z C18 C25  doub Y N 381 
U1Z N13 C12  sing Y N 382 
U1Z N13 C14  sing N N 383 
U1Z C21 C22  sing N N 384 
U1Z C21 C24  doub Y N 385 
U1Z C25 C24  sing Y N 386 
U1Z C22 N23  trip N N 387 
U1Z C01 H1   sing N N 388 
U1Z C01 H2   sing N N 389 
U1Z C01 H3   sing N N 390 
U1Z C03 H4   sing N N 391 
U1Z C05 H5   sing N N 392 
U1Z C05 H6   sing N N 393 
U1Z C06 H7   sing N N 394 
U1Z C06 H8   sing N N 395 
U1Z C08 H9   sing N N 396 
U1Z C12 H10  sing N N 397 
U1Z C14 H11  sing N N 398 
U1Z C14 H12  sing N N 399 
U1Z C14 H13  sing N N 400 
U1Z C16 H14  sing N N 401 
U1Z C19 H15  sing N N 402 
U1Z C20 H16  sing N N 403 
U1Z C24 H17  sing N N 404 
U1Z C25 H18  sing N N 405 
U1Z C26 H19  sing N N 406 
VAL N   CA   sing N N 407 
VAL N   H    sing N N 408 
VAL N   H2   sing N N 409 
VAL CA  C    sing N N 410 
VAL CA  CB   sing N N 411 
VAL CA  HA   sing N N 412 
VAL C   O    doub N N 413 
VAL C   OXT  sing N N 414 
VAL CB  CG1  sing N N 415 
VAL CB  CG2  sing N N 416 
VAL CB  HB   sing N N 417 
VAL CG1 HG11 sing N N 418 
VAL CG1 HG12 sing N N 419 
VAL CG1 HG13 sing N N 420 
VAL CG2 HG21 sing N N 421 
VAL CG2 HG22 sing N N 422 
VAL CG2 HG23 sing N N 423 
VAL OXT HXT  sing N N 424 
# 
loop_
_pdbx_audit_support.funding_organization 
_pdbx_audit_support.country 
_pdbx_audit_support.grant_number 
_pdbx_audit_support.ordinal 
'Italian Association for Cancer Research' Italy       'MFAG 2017 - ID. 19882'     1 
'Swiss National Science Foundation'       Switzerland 'SNSF grant 310030B-189363' 2 
# 
_pdbx_initial_refinement_model.id               1 
_pdbx_initial_refinement_model.entity_id_list   ? 
_pdbx_initial_refinement_model.type             'experimental model' 
_pdbx_initial_refinement_model.source_name      PDB 
_pdbx_initial_refinement_model.accession_code   5MGJ 
_pdbx_initial_refinement_model.details          ? 
# 
_atom_sites.entry_id                    7BL8 
_atom_sites.Cartn_transf_matrix[1][1]   ? 
_atom_sites.Cartn_transf_matrix[1][2]   ? 
_atom_sites.Cartn_transf_matrix[1][3]   ? 
_atom_sites.Cartn_transf_matrix[2][1]   ? 
_atom_sites.Cartn_transf_matrix[2][2]   ? 
_atom_sites.Cartn_transf_matrix[2][3]   ? 
_atom_sites.Cartn_transf_matrix[3][1]   ? 
_atom_sites.Cartn_transf_matrix[3][2]   ? 
_atom_sites.Cartn_transf_matrix[3][3]   ? 
_atom_sites.Cartn_transf_vector[1]      ? 
_atom_sites.Cartn_transf_vector[2]      ? 
_atom_sites.Cartn_transf_vector[3]      ? 
_atom_sites.fract_transf_matrix[1][1]   0.00572396 
_atom_sites.fract_transf_matrix[1][2]   0.00421313 
_atom_sites.fract_transf_matrix[1][3]   0.00980990 
_atom_sites.fract_transf_matrix[2][1]   -0.00339570 
_atom_sites.fract_transf_matrix[2][2]   0.01052689 
_atom_sites.fract_transf_matrix[2][3]   0.00493993 
_atom_sites.fract_transf_matrix[3][1]   -0.01973208 
_atom_sites.fract_transf_matrix[3][2]   -0.01473828 
_atom_sites.fract_transf_matrix[3][3]   0.01784318 
_atom_sites.fract_transf_vector[1]      -0.143343 
_atom_sites.fract_transf_vector[2]      0.367899 
_atom_sites.fract_transf_vector[3]      -0.487863 
_atom_sites.solution_primary            ? 
_atom_sites.solution_secondary          ? 
_atom_sites.solution_hydrogens          ? 
_atom_sites.special_details             ? 
# 
loop_
_atom_type.symbol 
C 
N 
O 
S 
# 
loop_
_atom_site.group_PDB 
_atom_site.id 
_atom_site.type_symbol 
_atom_site.label_atom_id 
_atom_site.label_alt_id 
_atom_site.label_comp_id 
_atom_site.label_asym_id 
_atom_site.label_entity_id 
_atom_site.label_seq_id 
_atom_site.pdbx_PDB_ins_code 
_atom_site.Cartn_x 
_atom_site.Cartn_y 
_atom_site.Cartn_z 
_atom_site.occupancy 
_atom_site.B_iso_or_equiv 
_atom_site.pdbx_formal_charge 
_atom_site.auth_seq_id 
_atom_site.auth_comp_id 
_atom_site.auth_asym_id 
_atom_site.auth_atom_id 
_atom_site.pdbx_PDB_model_num 
ATOM   1   N N   . MET A 1 2   ? 6.521   -21.042 -0.283  1.00 66.53 ? 1795 MET A N   1 
ATOM   2   C CA  . MET A 1 2   ? 6.490   -19.828 -1.099  1.00 77.83 ? 1795 MET A CA  1 
ATOM   3   C C   . MET A 1 2   ? 5.122   -19.639 -1.745  1.00 81.69 ? 1795 MET A C   1 
ATOM   4   O O   . MET A 1 2   ? 4.566   -18.536 -1.756  1.00 78.43 ? 1795 MET A O   1 
ATOM   5   C CB  . MET A 1 2   ? 7.577   -19.866 -2.185  1.00 76.24 ? 1795 MET A CB  1 
ATOM   6   C CG  . MET A 1 2   ? 7.303   -18.962 -3.404  1.00 78.73 ? 1795 MET A CG  1 
ATOM   7   S SD  . MET A 1 2   ? 8.794   -18.329 -4.249  1.00 87.68 ? 1795 MET A SD  1 
ATOM   8   C CE  . MET A 1 2   ? 8.092   -17.336 -5.575  1.00 68.34 ? 1795 MET A CE  1 
ATOM   9   N N   . HIS A 1 3   ? 4.590   -20.732 -2.299  1.00 85.57 ? 1796 HIS A N   1 
ATOM   10  C CA  . HIS A 1 3   ? 3.279   -20.679 -2.938  1.00 83.81 ? 1796 HIS A CA  1 
ATOM   11  C C   . HIS A 1 3   ? 2.189   -20.355 -1.924  1.00 82.18 ? 1796 HIS A C   1 
ATOM   12  O O   . HIS A 1 3   ? 1.280   -19.566 -2.209  1.00 77.84 ? 1796 HIS A O   1 
ATOM   13  C CB  . HIS A 1 3   ? 2.997   -22.007 -3.644  1.00 86.32 ? 1796 HIS A CB  1 
ATOM   14  C CG  . HIS A 1 3   ? 1.543   -22.276 -3.893  1.00 89.65 ? 1796 HIS A CG  1 
ATOM   15  N ND1 . HIS A 1 3   ? 0.797   -21.563 -4.807  1.00 94.41 ? 1796 HIS A ND1 1 
ATOM   16  C CD2 . HIS A 1 3   ? 0.706   -23.203 -3.364  1.00 86.85 ? 1796 HIS A CD2 1 
ATOM   17  C CE1 . HIS A 1 3   ? -0.440  -22.029 -4.823  1.00 91.92 ? 1796 HIS A CE1 1 
ATOM   18  N NE2 . HIS A 1 3   ? -0.522  -23.025 -3.959  1.00 91.59 ? 1796 HIS A NE2 1 
ATOM   19  N N   . SER A 1 4   ? 2.265   -20.956 -0.732  1.00 84.19 ? 1797 SER A N   1 
ATOM   20  C CA  . SER A 1 4   ? 1.382   -20.552 0.359   1.00 84.93 ? 1797 SER A CA  1 
ATOM   21  C C   . SER A 1 4   ? 1.545   -19.066 0.665   1.00 83.55 ? 1797 SER A C   1 
ATOM   22  O O   . SER A 1 4   ? 0.552   -18.340 0.817   1.00 80.31 ? 1797 SER A O   1 
ATOM   23  C CB  . SER A 1 4   ? 1.667   -21.402 1.600   1.00 82.08 ? 1797 SER A CB  1 
ATOM   24  O OG  . SER A 1 4   ? 1.097   -20.827 2.762   1.00 83.56 ? 1797 SER A OG  1 
ATOM   25  N N   . ASP A 1 5   ? 2.795   -18.593 0.734   1.00 80.77 ? 1798 ASP A N   1 
ATOM   26  C CA  . ASP A 1 5   ? 3.066   -17.181 0.985   1.00 77.74 ? 1798 ASP A CA  1 
ATOM   27  C C   . ASP A 1 5   ? 2.452   -16.303 -0.099  1.00 74.24 ? 1798 ASP A C   1 
ATOM   28  O O   . ASP A 1 5   ? 1.649   -15.405 0.188   1.00 70.46 ? 1798 ASP A O   1 
ATOM   29  C CB  . ASP A 1 5   ? 4.579   -16.931 1.064   1.00 80.21 ? 1798 ASP A CB  1 
ATOM   30  C CG  . ASP A 1 5   ? 5.265   -17.741 2.148   1.00 78.51 ? 1798 ASP A CG  1 
ATOM   31  O OD1 . ASP A 1 5   ? 4.616   -18.615 2.766   1.00 84.88 ? 1798 ASP A OD1 1 
ATOM   32  O OD2 . ASP A 1 5   ? 6.468   -17.493 2.377   1.00 75.19 ? 1798 ASP A OD2 1 
ATOM   33  N N   . LEU A 1 6   ? 2.840   -16.539 -1.358  1.00 72.37 ? 1799 LEU A N   1 
ATOM   34  C CA  . LEU A 1 6   ? 2.371   -15.709 -2.462  1.00 66.45 ? 1799 LEU A CA  1 
ATOM   35  C C   . LEU A 1 6   ? 0.854   -15.755 -2.613  1.00 64.02 ? 1799 LEU A C   1 
ATOM   36  O O   . LEU A 1 6   ? 0.263   -14.812 -3.151  1.00 57.18 ? 1799 LEU A O   1 
ATOM   37  C CB  . LEU A 1 6   ? 3.046   -16.151 -3.759  1.00 66.39 ? 1799 LEU A CB  1 
ATOM   38  C CG  . LEU A 1 6   ? 4.396   -15.514 -4.094  1.00 68.20 ? 1799 LEU A CG  1 
ATOM   39  C CD1 . LEU A 1 6   ? 4.628   -15.521 -5.609  1.00 67.37 ? 1799 LEU A CD1 1 
ATOM   40  C CD2 . LEU A 1 6   ? 4.509   -14.104 -3.521  1.00 56.26 ? 1799 LEU A CD2 1 
ATOM   41  N N   . THR A 1 7   ? 0.210   -16.825 -2.149  1.00 63.94 ? 1800 THR A N   1 
ATOM   42  C CA  . THR A 1 7   ? -1.242  -16.870 -2.193  1.00 64.16 ? 1800 THR A CA  1 
ATOM   43  C C   . THR A 1 7   ? -1.846  -15.914 -1.172  1.00 62.94 ? 1800 THR A C   1 
ATOM   44  O O   . THR A 1 7   ? -2.838  -15.233 -1.464  1.00 52.22 ? 1800 THR A O   1 
ATOM   45  C CB  . THR A 1 7   ? -1.728  -18.302 -1.970  1.00 69.54 ? 1800 THR A CB  1 
ATOM   46  O OG1 . THR A 1 7   ? -1.550  -19.051 -3.179  1.00 69.47 ? 1800 THR A OG1 1 
ATOM   47  C CG2 . THR A 1 7   ? -3.201  -18.329 -1.585  1.00 58.36 ? 1800 THR A CG2 1 
ATOM   48  N N   . PHE A 1 8   ? -1.243  -15.826 0.021   1.00 64.29 ? 1801 PHE A N   1 
ATOM   49  C CA  . PHE A 1 8   ? -1.782  -14.934 1.042   1.00 58.90 ? 1801 PHE A CA  1 
ATOM   50  C C   . PHE A 1 8   ? -1.691  -13.474 0.615   1.00 55.94 ? 1801 PHE A C   1 
ATOM   51  O O   . PHE A 1 8   ? -2.594  -12.679 0.910   1.00 53.03 ? 1801 PHE A O   1 
ATOM   52  C CB  . PHE A 1 8   ? -1.080  -15.149 2.381   1.00 64.94 ? 1801 PHE A CB  1 
ATOM   53  C CG  . PHE A 1 8   ? -1.729  -14.397 3.509   1.00 73.40 ? 1801 PHE A CG  1 
ATOM   54  C CD1 . PHE A 1 8   ? -1.047  -13.403 4.196   1.00 76.89 ? 1801 PHE A CD1 1 
ATOM   55  C CD2 . PHE A 1 8   ? -3.056  -14.638 3.836   1.00 71.43 ? 1801 PHE A CD2 1 
ATOM   56  C CE1 . PHE A 1 8   ? -1.669  -12.692 5.230   1.00 74.33 ? 1801 PHE A CE1 1 
ATOM   57  C CE2 . PHE A 1 8   ? -3.688  -13.934 4.863   1.00 68.58 ? 1801 PHE A CE2 1 
ATOM   58  C CZ  . PHE A 1 8   ? -2.994  -12.961 5.558   1.00 73.05 ? 1801 PHE A CZ  1 
ATOM   59  N N   . CYS A 1 9   ? -0.619  -13.101 -0.089  1.00 50.66 ? 1802 CYS A N   1 
ATOM   60  C CA  . CYS A 1 9   ? -0.503  -11.729 -0.571  1.00 49.78 ? 1802 CYS A CA  1 
ATOM   61  C C   . CYS A 1 9   ? -1.656  -11.375 -1.501  1.00 45.90 ? 1802 CYS A C   1 
ATOM   62  O O   . CYS A 1 9   ? -2.145  -10.241 -1.498  1.00 44.01 ? 1802 CYS A O   1 
ATOM   63  C CB  . CYS A 1 9   ? 0.839   -11.525 -1.277  1.00 50.61 ? 1802 CYS A CB  1 
ATOM   64  S SG  . CYS A 1 9   ? 2.272   -12.042 -0.291  1.00 54.35 ? 1802 CYS A SG  1 
ATOM   65  N N   . GLU A 1 10  ? -2.108  -12.331 -2.306  1.00 43.07 ? 1803 GLU A N   1 
ATOM   66  C CA  . GLU A 1 10  ? -3.205  -12.028 -3.211  1.00 45.02 ? 1803 GLU A CA  1 
ATOM   67  C C   . GLU A 1 10  ? -4.508  -11.842 -2.434  1.00 42.35 ? 1803 GLU A C   1 
ATOM   68  O O   . GLU A 1 10  ? -5.298  -10.937 -2.731  1.00 35.85 ? 1803 GLU A O   1 
ATOM   69  C CB  . GLU A 1 10  ? -3.311  -13.133 -4.263  1.00 41.52 ? 1803 GLU A CB  1 
ATOM   70  C CG  . GLU A 1 10  ? -4.604  -13.109 -5.065  1.00 45.19 ? 1803 GLU A CG  1 
ATOM   71  C CD  . GLU A 1 10  ? -4.704  -11.920 -6.003  1.00 44.89 ? 1803 GLU A CD  1 
ATOM   72  O OE1 . GLU A 1 10  ? -3.772  -11.742 -6.820  1.00 46.83 ? 1803 GLU A OE1 1 
ATOM   73  O OE2 . GLU A 1 10  ? -5.721  -11.179 -5.945  1.00 42.52 ? 1803 GLU A OE2 1 
ATOM   74  N N   . ILE A 1 11  ? -4.727  -12.680 -1.420  1.00 44.89 ? 1804 ILE A N   1 
ATOM   75  C CA  . ILE A 1 11  ? -5.852  -12.500 -0.510  1.00 45.66 ? 1804 ILE A CA  1 
ATOM   76  C C   . ILE A 1 11  ? -5.789  -11.128 0.148   1.00 46.17 ? 1804 ILE A C   1 
ATOM   77  O O   . ILE A 1 11  ? -6.801  -10.421 0.259   1.00 45.31 ? 1804 ILE A O   1 
ATOM   78  C CB  . ILE A 1 11  ? -5.863  -13.623 0.542   1.00 43.99 ? 1804 ILE A CB  1 
ATOM   79  C CG1 . ILE A 1 11  ? -5.915  -14.996 -0.131  1.00 45.73 ? 1804 ILE A CG1 1 
ATOM   80  C CG2 . ILE A 1 11  ? -7.034  -13.451 1.481   1.00 49.15 ? 1804 ILE A CG2 1 
ATOM   81  C CD1 . ILE A 1 11  ? -5.848  -16.146 0.846   1.00 45.58 ? 1804 ILE A CD1 1 
ATOM   82  N N   . ILE A 1 12  ? -4.596  -10.723 0.579   1.00 41.99 ? 1805 ILE A N   1 
ATOM   83  C CA  . ILE A 1 12  ? -4.442  -9.490  1.338   1.00 42.88 ? 1805 ILE A CA  1 
ATOM   84  C C   . ILE A 1 12  ? -4.615  -8.263  0.437   1.00 41.28 ? 1805 ILE A C   1 
ATOM   85  O O   . ILE A 1 12  ? -5.300  -7.296  0.808   1.00 34.79 ? 1805 ILE A O   1 
ATOM   86  C CB  . ILE A 1 12  ? -3.077  -9.526  2.059   1.00 46.90 ? 1805 ILE A CB  1 
ATOM   87  C CG1 . ILE A 1 12  ? -3.161  -8.959  3.466   1.00 53.09 ? 1805 ILE A CG1 1 
ATOM   88  C CG2 . ILE A 1 12  ? -2.000  -8.784  1.321   1.00 49.52 ? 1805 ILE A CG2 1 
ATOM   89  C CD1 . ILE A 1 12  ? -1.907  -9.265  4.251   1.00 62.43 ? 1805 ILE A CD1 1 
ATOM   90  N N   . LEU A 1 13  ? -4.031  -8.297  -0.771  1.00 38.00 ? 1806 LEU A N   1 
ATOM   91  C CA  . LEU A 1 13  ? -4.072  -7.132  -1.641  1.00 36.79 ? 1806 LEU A CA  1 
ATOM   92  C C   . LEU A 1 13  ? -5.460  -6.946  -2.228  1.00 35.85 ? 1806 LEU A C   1 
ATOM   93  O O   . LEU A 1 13  ? -5.911  -5.811  -2.416  1.00 31.18 ? 1806 LEU A O   1 
ATOM   94  C CB  . LEU A 1 13  ? -3.021  -7.267  -2.747  1.00 38.73 ? 1806 LEU A CB  1 
ATOM   95  C CG  . LEU A 1 13  ? -2.949  -6.212  -3.856  1.00 37.36 ? 1806 LEU A CG  1 
ATOM   96  C CD1 . LEU A 1 13  ? -2.632  -4.796  -3.331  1.00 36.62 ? 1806 LEU A CD1 1 
ATOM   97  C CD2 . LEU A 1 13  ? -1.940  -6.644  -4.887  1.00 37.75 ? 1806 LEU A CD2 1 
ATOM   98  N N   . MET A 1 14  ? -6.151  -8.052  -2.508  1.00 39.49 ? 1807 MET A N   1 
ATOM   99  C CA  . MET A 1 14  ? -7.520  -7.953  -2.984  1.00 39.25 ? 1807 MET A CA  1 
ATOM   100 C C   . MET A 1 14  ? -8.427  -7.408  -1.891  1.00 36.67 ? 1807 MET A C   1 
ATOM   101 O O   . MET A 1 14  ? -9.295  -6.567  -2.156  1.00 35.95 ? 1807 MET A O   1 
ATOM   102 C CB  . MET A 1 14  ? -7.976  -9.315  -3.496  1.00 39.78 ? 1807 MET A CB  1 
ATOM   103 C CG  . MET A 1 14  ? -9.446  -9.435  -3.856  1.00 42.01 ? 1807 MET A CG  1 
ATOM   104 S SD  . MET A 1 14  ? -10.202 -10.580 -2.659  1.00 70.04 ? 1807 MET A SD  1 
ATOM   105 C CE  . MET A 1 14  ? -9.243  -12.105 -2.860  1.00 32.67 ? 1807 MET A CE  1 
ATOM   106 N N   . GLU A 1 15  ? -8.191  -7.814  -0.643  1.00 34.68 ? 1808 GLU A N   1 
ATOM   107 C CA  . GLU A 1 15  ? -8.954  -7.235  0.454   1.00 36.44 ? 1808 GLU A CA  1 
ATOM   108 C C   . GLU A 1 15  ? -8.597  -5.769  0.669   1.00 37.48 ? 1808 GLU A C   1 
ATOM   109 O O   . GLU A 1 15  ? -9.477  -4.955  0.992   1.00 37.58 ? 1808 GLU A O   1 
ATOM   110 C CB  . GLU A 1 15  ? -8.747  -8.057  1.728   1.00 36.96 ? 1808 GLU A CB  1 
ATOM   111 C CG  . GLU A 1 15  ? -9.487  -9.396  1.675   1.00 41.72 ? 1808 GLU A CG  1 
ATOM   112 C CD  . GLU A 1 15  ? -9.251  -10.268 2.891   1.00 48.55 ? 1808 GLU A CD  1 
ATOM   113 O OE1 . GLU A 1 15  ? -8.469  -9.854  3.765   1.00 50.02 ? 1808 GLU A OE1 1 
ATOM   114 O OE2 . GLU A 1 15  ? -9.838  -11.375 2.965   1.00 44.39 ? 1808 GLU A OE2 1 
ATOM   115 N N   . MET A 1 16  ? -7.329  -5.405  0.469   1.00 34.06 ? 1809 MET A N   1 
ATOM   116 C CA  . MET A 1 16  ? -6.960  -3.997  0.545   1.00 33.06 ? 1809 MET A CA  1 
ATOM   117 C C   . MET A 1 16  ? -7.531  -3.207  -0.629  1.00 33.63 ? 1809 MET A C   1 
ATOM   118 O O   . MET A 1 16  ? -8.065  -2.110  -0.434  1.00 32.70 ? 1809 MET A O   1 
ATOM   119 C CB  . MET A 1 16  ? -5.446  -3.857  0.605   1.00 33.59 ? 1809 MET A CB  1 
ATOM   120 C CG  . MET A 1 16  ? -4.838  -4.294  1.908   1.00 31.52 ? 1809 MET A CG  1 
ATOM   121 S SD  . MET A 1 16  ? -3.200  -3.572  2.131   1.00 46.33 ? 1809 MET A SD  1 
ATOM   122 C CE  . MET A 1 16  ? -2.219  -4.571  0.993   1.00 36.60 ? 1809 MET A CE  1 
ATOM   123 N N   . GLU A 1 17  ? -7.423  -3.741  -1.852  1.00 34.42 ? 1810 GLU A N   1 
ATOM   124 C CA  . GLU A 1 17  ? -7.966  -3.059  -3.028  1.00 36.50 ? 1810 GLU A CA  1 
ATOM   125 C C   . GLU A 1 17  ? -9.457  -2.761  -2.884  1.00 31.33 ? 1810 GLU A C   1 
ATOM   126 O O   . GLU A 1 17  ? -9.950  -1.771  -3.433  1.00 26.22 ? 1810 GLU A O   1 
ATOM   127 C CB  . GLU A 1 17  ? -7.740  -3.904  -4.289  1.00 36.91 ? 1810 GLU A CB  1 
ATOM   128 C CG  . GLU A 1 17  ? -6.316  -3.963  -4.831  1.00 34.65 ? 1810 GLU A CG  1 
ATOM   129 C CD  . GLU A 1 17  ? -6.134  -5.095  -5.853  1.00 42.98 ? 1810 GLU A CD  1 
ATOM   130 O OE1 . GLU A 1 17  ? -6.728  -6.182  -5.648  1.00 40.57 ? 1810 GLU A OE1 1 
ATOM   131 O OE2 . GLU A 1 17  ? -5.408  -4.901  -6.863  1.00 41.44 ? 1810 GLU A OE2 1 
ATOM   132 N N   . SER A 1 18  ? -10.191 -3.600  -2.162  1.00 33.70 ? 1811 SER A N   1 
ATOM   133 C CA  . SER A 1 18  ? -11.642 -3.468  -2.069  1.00 34.26 ? 1811 SER A CA  1 
ATOM   134 C C   . SER A 1 18  ? -12.109 -2.849  -0.751  1.00 34.49 ? 1811 SER A C   1 
ATOM   135 O O   . SER A 1 18  ? -13.316 -2.656  -0.559  1.00 35.74 ? 1811 SER A O   1 
ATOM   136 C CB  . SER A 1 18  ? -12.290 -4.839  -2.269  1.00 30.55 ? 1811 SER A CB  1 
ATOM   137 O OG  . SER A 1 18  ? -11.893 -5.720  -1.240  1.00 34.35 ? 1811 SER A OG  1 
ATOM   138 N N   . HIS A 1 19  ? -11.182 -2.529  0.150   1.00 32.42 ? 1812 HIS A N   1 
ATOM   139 C CA  . HIS A 1 19  ? -11.509 -1.925  1.433   1.00 31.00 ? 1812 HIS A CA  1 
ATOM   140 C C   . HIS A 1 19  ? -12.102 -0.531  1.242   1.00 31.02 ? 1812 HIS A C   1 
ATOM   141 O O   . HIS A 1 19  ? -11.737 0.210   0.321   1.00 29.22 ? 1812 HIS A O   1 
ATOM   142 C CB  . HIS A 1 19  ? -10.243 -1.867  2.294   1.00 28.07 ? 1812 HIS A CB  1 
ATOM   143 C CG  . HIS A 1 19  ? -10.492 -1.600  3.744   1.00 28.84 ? 1812 HIS A CG  1 
ATOM   144 N ND1 . HIS A 1 19  ? -10.992 -0.403  4.209   1.00 29.88 ? 1812 HIS A ND1 1 
ATOM   145 C CD2 . HIS A 1 19  ? -10.255 -2.358  4.843   1.00 27.04 ? 1812 HIS A CD2 1 
ATOM   146 C CE1 . HIS A 1 19  ? -11.090 -0.449  5.528   1.00 26.50 ? 1812 HIS A CE1 1 
ATOM   147 N NE2 . HIS A 1 19  ? -10.632 -1.618  5.936   1.00 24.37 ? 1812 HIS A NE2 1 
ATOM   148 N N   . ASP A 1 20  ? -13.034 -0.178  2.128   1.00 25.78 ? 1813 ASP A N   1 
ATOM   149 C CA  . ASP A 1 20  ? -13.679 1.127   2.048   1.00 31.35 ? 1813 ASP A CA  1 
ATOM   150 C C   . ASP A 1 20  ? -12.671 2.271   2.085   1.00 32.49 ? 1813 ASP A C   1 
ATOM   151 O O   . ASP A 1 20  ? -12.887 3.311   1.452   1.00 32.00 ? 1813 ASP A O   1 
ATOM   152 C CB  . ASP A 1 20  ? -14.685 1.300   3.194   1.00 35.84 ? 1813 ASP A CB  1 
ATOM   153 C CG  . ASP A 1 20  ? -15.942 0.455   3.019   1.00 38.01 ? 1813 ASP A CG  1 
ATOM   154 O OD1 . ASP A 1 20  ? -15.971 -0.436  2.139   1.00 40.07 ? 1813 ASP A OD1 1 
ATOM   155 O OD2 . ASP A 1 20  ? -16.903 0.695   3.771   1.00 33.89 ? 1813 ASP A OD2 1 
ATOM   156 N N   . ALA A 1 21  ? -11.583 2.118   2.829   1.00 30.47 ? 1814 ALA A N   1 
ATOM   157 C CA  . ALA A 1 21  ? -10.644 3.212   3.019   1.00 30.47 ? 1814 ALA A CA  1 
ATOM   158 C C   . ALA A 1 21  ? -9.500  3.201   2.004   1.00 27.60 ? 1814 ALA A C   1 
ATOM   159 O O   . ALA A 1 21  ? -8.511  3.909   2.194   1.00 27.38 ? 1814 ALA A O   1 
ATOM   160 C CB  . ALA A 1 21  ? -10.084 3.167   4.447   1.00 30.93 ? 1814 ALA A CB  1 
ATOM   161 N N   . ALA A 1 22  ? -9.597  2.390   0.956   1.00 27.27 ? 1815 ALA A N   1 
ATOM   162 C CA  . ALA A 1 22  ? -8.510  2.274   0.000   1.00 28.35 ? 1815 ALA A CA  1 
ATOM   163 C C   . ALA A 1 22  ? -8.542  3.352   -1.067  1.00 26.88 ? 1815 ALA A C   1 
ATOM   164 O O   . ALA A 1 22  ? -7.652  3.368   -1.923  1.00 30.24 ? 1815 ALA A O   1 
ATOM   165 C CB  . ALA A 1 22  ? -8.535  0.901   -0.672  1.00 27.85 ? 1815 ALA A CB  1 
ATOM   166 N N   . TRP A 1 23  ? -9.506  4.269   -1.023  1.00 24.44 ? 1816 TRP A N   1 
ATOM   167 C CA  . TRP A 1 23  ? -9.641  5.222   -2.118  1.00 31.33 ? 1816 TRP A CA  1 
ATOM   168 C C   . TRP A 1 23  ? -8.413  6.111   -2.375  1.00 33.34 ? 1816 TRP A C   1 
ATOM   169 O O   . TRP A 1 23  ? -8.292  6.592   -3.515  1.00 29.31 ? 1816 TRP A O   1 
ATOM   170 C CB  . TRP A 1 23  ? -10.892 6.085   -1.909  1.00 25.48 ? 1816 TRP A CB  1 
ATOM   171 C CG  . TRP A 1 23  ? -10.862 6.894   -0.672  1.00 32.34 ? 1816 TRP A CG  1 
ATOM   172 C CD1 . TRP A 1 23  ? -11.412 6.565   0.518   1.00 28.98 ? 1816 TRP A CD1 1 
ATOM   173 C CD2 . TRP A 1 23  ? -10.247 8.175   -0.493  1.00 34.50 ? 1816 TRP A CD2 1 
ATOM   174 N NE1 . TRP A 1 23  ? -11.178 7.551   1.439   1.00 30.82 ? 1816 TRP A NE1 1 
ATOM   175 C CE2 . TRP A 1 23  ? -10.464 8.555   0.850   1.00 30.98 ? 1816 TRP A CE2 1 
ATOM   176 C CE3 . TRP A 1 23  ? -9.518  9.026   -1.328  1.00 29.93 ? 1816 TRP A CE3 1 
ATOM   177 C CZ2 . TRP A 1 23  ? -9.987  9.758   1.384   1.00 30.80 ? 1816 TRP A CZ2 1 
ATOM   178 C CZ3 . TRP A 1 23  ? -9.041  10.228  -0.800  1.00 36.58 ? 1816 TRP A CZ3 1 
ATOM   179 C CH2 . TRP A 1 23  ? -9.280  10.581  0.545   1.00 37.53 ? 1816 TRP A CH2 1 
ATOM   180 N N   . PRO A 1 24  ? -7.498  6.375   -1.430  1.00 31.21 ? 1817 PRO A N   1 
ATOM   181 C CA  . PRO A 1 24  ? -6.298  7.151   -1.778  1.00 29.29 ? 1817 PRO A CA  1 
ATOM   182 C C   . PRO A 1 24  ? -5.162  6.337   -2.366  1.00 27.15 ? 1817 PRO A C   1 
ATOM   183 O O   . PRO A 1 24  ? -4.136  6.924   -2.708  1.00 27.55 ? 1817 PRO A O   1 
ATOM   184 C CB  . PRO A 1 24  ? -5.864  7.757   -0.427  1.00 30.38 ? 1817 PRO A CB  1 
ATOM   185 C CG  . PRO A 1 24  ? -6.939  7.466   0.513   1.00 29.89 ? 1817 PRO A CG  1 
ATOM   186 C CD  . PRO A 1 24  ? -7.588  6.230   0.029   1.00 28.53 ? 1817 PRO A CD  1 
ATOM   187 N N   . PHE A 1 25  ? -5.301  5.019   -2.498  1.00 29.34 ? 1818 PHE A N   1 
ATOM   188 C CA  . PHE A 1 25  ? -4.180  4.157   -2.849  1.00 25.16 ? 1818 PHE A CA  1 
ATOM   189 C C   . PHE A 1 25  ? -4.422  3.338   -4.105  1.00 29.62 ? 1818 PHE A C   1 
ATOM   190 O O   . PHE A 1 25  ? -3.628  2.436   -4.399  1.00 34.48 ? 1818 PHE A O   1 
ATOM   191 C CB  . PHE A 1 25  ? -3.852  3.226   -1.678  1.00 28.76 ? 1818 PHE A CB  1 
ATOM   192 C CG  . PHE A 1 25  ? -3.707  3.951   -0.388  1.00 29.87 ? 1818 PHE A CG  1 
ATOM   193 C CD1 . PHE A 1 25  ? -2.653  4.824   -0.198  1.00 29.50 ? 1818 PHE A CD1 1 
ATOM   194 C CD2 . PHE A 1 25  ? -4.674  3.830   0.606   1.00 31.41 ? 1818 PHE A CD2 1 
ATOM   195 C CE1 . PHE A 1 25  ? -2.527  5.533   0.988   1.00 32.40 ? 1818 PHE A CE1 1 
ATOM   196 C CE2 . PHE A 1 25  ? -4.559  4.530   1.800   1.00 28.17 ? 1818 PHE A CE2 1 
ATOM   197 C CZ  . PHE A 1 25  ? -3.490  5.386   1.992   1.00 31.63 ? 1818 PHE A CZ  1 
ATOM   198 N N   . LEU A 1 26  ? -5.477  3.628   -4.868  1.00 31.01 ? 1819 LEU A N   1 
ATOM   199 C CA  . LEU A 1 26  ? -5.803  2.738   -5.976  1.00 32.43 ? 1819 LEU A CA  1 
ATOM   200 C C   . LEU A 1 26  ? -4.918  2.986   -7.190  1.00 33.90 ? 1819 LEU A C   1 
ATOM   201 O O   . LEU A 1 26  ? -4.565  2.034   -7.894  1.00 36.11 ? 1819 LEU A O   1 
ATOM   202 C CB  . LEU A 1 26  ? -7.281  2.872   -6.334  1.00 33.12 ? 1819 LEU A CB  1 
ATOM   203 C CG  . LEU A 1 26  ? -8.198  2.386   -5.207  1.00 32.71 ? 1819 LEU A CG  1 
ATOM   204 C CD1 . LEU A 1 26  ? -9.640  2.606   -5.571  1.00 32.22 ? 1819 LEU A CD1 1 
ATOM   205 C CD2 . LEU A 1 26  ? -7.938  0.922   -4.883  1.00 30.81 ? 1819 LEU A CD2 1 
ATOM   206 N N   . GLU A 1 27  ? -4.526  4.224   -7.437  1.00 31.85 ? 1820 GLU A N   1 
ATOM   207 C CA  . GLU A 1 27  ? -3.610  4.547   -8.516  1.00 37.84 ? 1820 GLU A CA  1 
ATOM   208 C C   . GLU A 1 27  ? -2.505  5.440   -7.978  1.00 34.47 ? 1820 GLU A C   1 
ATOM   209 O O   . GLU A 1 27  ? -2.621  5.975   -6.866  1.00 34.75 ? 1820 GLU A O   1 
ATOM   210 C CB  . GLU A 1 27  ? -4.350  5.220   -9.690  1.00 40.42 ? 1820 GLU A CB  1 
ATOM   211 C CG  . GLU A 1 27  ? -4.963  6.581   -9.408  1.00 35.84 ? 1820 GLU A CG  1 
ATOM   212 C CD  . GLU A 1 27  ? -5.993  6.968   -10.460 1.00 49.30 ? 1820 GLU A CD  1 
ATOM   213 O OE1 . GLU A 1 27  ? -5.734  6.732   -11.661 1.00 53.74 ? 1820 GLU A OE1 1 
ATOM   214 O OE2 . GLU A 1 27  ? -7.070  7.492   -10.089 1.00 52.88 ? 1820 GLU A OE2 1 
ATOM   215 N N   . PRO A 1 28  ? -1.393  5.584   -8.706  1.00 30.71 ? 1821 PRO A N   1 
ATOM   216 C CA  . PRO A 1 28  ? -0.291  6.412   -8.208  1.00 33.67 ? 1821 PRO A CA  1 
ATOM   217 C C   . PRO A 1 28  ? -0.718  7.843   -7.943  1.00 30.21 ? 1821 PRO A C   1 
ATOM   218 O O   . PRO A 1 28  ? -1.597  8.389   -8.607  1.00 35.16 ? 1821 PRO A O   1 
ATOM   219 C CB  . PRO A 1 28  ? 0.750   6.342   -9.338  1.00 28.25 ? 1821 PRO A CB  1 
ATOM   220 C CG  . PRO A 1 28  ? 0.538   5.023   -9.947  1.00 29.86 ? 1821 PRO A CG  1 
ATOM   221 C CD  . PRO A 1 28  ? -0.978  4.791   -9.880  1.00 35.35 ? 1821 PRO A CD  1 
ATOM   222 N N   . VAL A 1 29  ? -0.082  8.458   -6.953  1.00 29.51 ? 1822 VAL A N   1 
ATOM   223 C CA  . VAL A 1 29  ? -0.298  9.878   -6.733  1.00 30.61 ? 1822 VAL A CA  1 
ATOM   224 C C   . VAL A 1 29  ? 0.209   10.643  -7.944  1.00 33.79 ? 1822 VAL A C   1 
ATOM   225 O O   . VAL A 1 29  ? 1.344   10.443  -8.404  1.00 32.35 ? 1822 VAL A O   1 
ATOM   226 C CB  . VAL A 1 29  ? 0.392   10.352  -5.448  1.00 29.19 ? 1822 VAL A CB  1 
ATOM   227 C CG1 . VAL A 1 29  ? 0.474   11.867  -5.437  1.00 29.63 ? 1822 VAL A CG1 1 
ATOM   228 C CG2 . VAL A 1 29  ? -0.361  9.866   -4.251  1.00 25.18 ? 1822 VAL A CG2 1 
ATOM   229 N N   . ASN A 1 30  ? -0.638  11.493  -8.482  1.00 34.47 ? 1823 ASN A N   1 
ATOM   230 C CA  . ASN A 1 30  ? -0.309  12.258  -9.668  1.00 32.09 ? 1823 ASN A CA  1 
ATOM   231 C C   . ASN A 1 30  ? 0.298   13.575  -9.209  1.00 30.42 ? 1823 ASN A C   1 
ATOM   232 O O   . ASN A 1 30  ? -0.431  14.484  -8.796  1.00 31.44 ? 1823 ASN A O   1 
ATOM   233 C CB  . ASN A 1 30  ? -1.562  12.460  -10.522 1.00 31.12 ? 1823 ASN A CB  1 
ATOM   234 C CG  . ASN A 1 30  ? -1.310  13.314  -11.757 1.00 34.33 ? 1823 ASN A CG  1 
ATOM   235 O OD1 . ASN A 1 30  ? -0.253  13.934  -11.896 1.00 33.40 ? 1823 ASN A OD1 1 
ATOM   236 N ND2 . ASN A 1 30  ? -2.300  13.366  -12.653 1.00 32.26 ? 1823 ASN A ND2 1 
ATOM   237 N N   . PRO A 1 31  ? 1.621   13.724  -9.291  1.00 31.88 ? 1824 PRO A N   1 
ATOM   238 C CA  . PRO A 1 31  ? 2.262   14.911  -8.701  1.00 31.63 ? 1824 PRO A CA  1 
ATOM   239 C C   . PRO A 1 31  ? 1.828   16.208  -9.353  1.00 32.48 ? 1824 PRO A C   1 
ATOM   240 O O   . PRO A 1 31  ? 1.859   17.252  -8.698  1.00 35.13 ? 1824 PRO A O   1 
ATOM   241 C CB  . PRO A 1 31  ? 3.759   14.641  -8.900  1.00 35.75 ? 1824 PRO A CB  1 
ATOM   242 C CG  . PRO A 1 31  ? 3.834   13.704  -10.062 1.00 31.07 ? 1824 PRO A CG  1 
ATOM   243 C CD  . PRO A 1 31  ? 2.561   12.900  -10.075 1.00 31.64 ? 1824 PRO A CD  1 
ATOM   244 N N   . ARG A 1 32  ? 1.386   16.173  -10.610 1.00 31.74 ? 1825 ARG A N   1 
ATOM   245 C CA  . ARG A 1 32  ? 0.806   17.364  -11.221 1.00 34.91 ? 1825 ARG A CA  1 
ATOM   246 C C   . ARG A 1 32  ? -0.331  17.938  -10.386 1.00 35.85 ? 1825 ARG A C   1 
ATOM   247 O O   . ARG A 1 32  ? -0.581  19.146  -10.418 1.00 38.33 ? 1825 ARG A O   1 
ATOM   248 C CB  . ARG A 1 32  ? 0.286   17.044  -12.624 1.00 33.96 ? 1825 ARG A CB  1 
ATOM   249 C CG  . ARG A 1 32  ? 1.351   16.859  -13.697 1.00 31.84 ? 1825 ARG A CG  1 
ATOM   250 C CD  . ARG A 1 32  ? 0.708   16.365  -14.976 1.00 33.79 ? 1825 ARG A CD  1 
ATOM   251 N NE  . ARG A 1 32  ? 1.672   16.052  -16.022 1.00 36.75 ? 1825 ARG A NE  1 
ATOM   252 C CZ  . ARG A 1 32  ? 1.357   15.465  -17.172 1.00 32.79 ? 1825 ARG A CZ  1 
ATOM   253 N NH1 . ARG A 1 32  ? 0.101   15.126  -17.432 1.00 36.55 ? 1825 ARG A NH1 1 
ATOM   254 N NH2 . ARG A 1 32  ? 2.293   15.206  -18.058 1.00 29.86 ? 1825 ARG A NH2 1 
ATOM   255 N N   . LEU A 1 33  ? -1.043  17.098  -9.645  1.00 39.27 ? 1826 LEU A N   1 
ATOM   256 C CA  . LEU A 1 33  ? -2.244  17.533  -8.949  1.00 32.95 ? 1826 LEU A CA  1 
ATOM   257 C C   . LEU A 1 33  ? -1.991  17.876  -7.492  1.00 33.56 ? 1826 LEU A C   1 
ATOM   258 O O   . LEU A 1 33  ? -2.901  18.352  -6.813  1.00 36.44 ? 1826 LEU A O   1 
ATOM   259 C CB  . LEU A 1 33  ? -3.321  16.451  -9.053  1.00 30.14 ? 1826 LEU A CB  1 
ATOM   260 C CG  . LEU A 1 33  ? -3.773  16.147  -10.488 1.00 35.73 ? 1826 LEU A CG  1 
ATOM   261 C CD1 . LEU A 1 33  ? -4.554  14.816  -10.594 1.00 30.27 ? 1826 LEU A CD1 1 
ATOM   262 C CD2 . LEU A 1 33  ? -4.577  17.305  -11.053 1.00 37.21 ? 1826 LEU A CD2 1 
ATOM   263 N N   . VAL A 1 34  ? -0.775  17.668  -6.997  1.00 39.05 ? 1827 VAL A N   1 
ATOM   264 C CA  . VAL A 1 34  ? -0.507  17.706  -5.564  1.00 37.84 ? 1827 VAL A CA  1 
ATOM   265 C C   . VAL A 1 34  ? 0.811   18.445  -5.338  1.00 36.07 ? 1827 VAL A C   1 
ATOM   266 O O   . VAL A 1 34  ? 1.887   17.913  -5.630  1.00 37.94 ? 1827 VAL A O   1 
ATOM   267 C CB  . VAL A 1 34  ? -0.456  16.293  -4.956  1.00 33.62 ? 1827 VAL A CB  1 
ATOM   268 C CG1 . VAL A 1 34  ? -0.162  16.370  -3.504  1.00 34.99 ? 1827 VAL A CG1 1 
ATOM   269 C CG2 . VAL A 1 34  ? -1.785  15.587  -5.153  1.00 34.74 ? 1827 VAL A CG2 1 
ATOM   270 N N   . SER A 1 35  ? 0.730   19.649  -4.786  1.00 36.93 ? 1828 SER A N   1 
ATOM   271 C CA  . SER A 1 35  ? 1.922   20.450  -4.550  1.00 39.68 ? 1828 SER A CA  1 
ATOM   272 C C   . SER A 1 35  ? 2.903   19.743  -3.621  1.00 34.55 ? 1828 SER A C   1 
ATOM   273 O O   . SER A 1 35  ? 2.531   19.294  -2.536  1.00 32.64 ? 1828 SER A O   1 
ATOM   274 C CB  . SER A 1 35  ? 1.521   21.799  -3.957  1.00 44.63 ? 1828 SER A CB  1 
ATOM   275 O OG  . SER A 1 35  ? 2.483   22.785  -4.281  1.00 55.23 ? 1828 SER A OG  1 
ATOM   276 N N   . GLY A 1 36  ? 4.165   19.659  -4.055  1.00 36.22 ? 1829 GLY A N   1 
ATOM   277 C CA  . GLY A 1 36  ? 5.263   19.178  -3.239  1.00 28.25 ? 1829 GLY A CA  1 
ATOM   278 C C   . GLY A 1 36  ? 5.503   17.687  -3.279  1.00 34.65 ? 1829 GLY A C   1 
ATOM   279 O O   . GLY A 1 36  ? 6.525   17.228  -2.747  1.00 33.27 ? 1829 GLY A O   1 
ATOM   280 N N   . TYR A 1 37  ? 4.611   16.913  -3.903  1.00 39.11 ? 1830 TYR A N   1 
ATOM   281 C CA  . TYR A 1 37  ? 4.714   15.460  -3.805  1.00 35.41 ? 1830 TYR A CA  1 
ATOM   282 C C   . TYR A 1 37  ? 5.973   14.936  -4.479  1.00 34.63 ? 1830 TYR A C   1 
ATOM   283 O O   . TYR A 1 37  ? 6.597   13.992  -3.981  1.00 36.35 ? 1830 TYR A O   1 
ATOM   284 C CB  . TYR A 1 37  ? 3.473   14.780  -4.399  1.00 35.78 ? 1830 TYR A CB  1 
ATOM   285 C CG  . TYR A 1 37  ? 3.344   13.347  -3.922  1.00 29.65 ? 1830 TYR A CG  1 
ATOM   286 C CD1 . TYR A 1 37  ? 2.764   13.056  -2.690  1.00 29.26 ? 1830 TYR A CD1 1 
ATOM   287 C CD2 . TYR A 1 37  ? 3.846   12.293  -4.675  1.00 28.16 ? 1830 TYR A CD2 1 
ATOM   288 C CE1 . TYR A 1 37  ? 2.675   11.748  -2.238  1.00 28.82 ? 1830 TYR A CE1 1 
ATOM   289 C CE2 . TYR A 1 37  ? 3.757   10.988  -4.235  1.00 25.29 ? 1830 TYR A CE2 1 
ATOM   290 C CZ  . TYR A 1 37  ? 3.180   10.723  -3.019  1.00 27.17 ? 1830 TYR A CZ  1 
ATOM   291 O OH  . TYR A 1 37  ? 3.100   9.424   -2.592  1.00 27.80 ? 1830 TYR A OH  1 
ATOM   292 N N   . ARG A 1 38  ? 6.339   15.513  -5.630  1.00 37.92 ? 1831 ARG A N   1 
ATOM   293 C CA  . ARG A 1 38  ? 7.545   15.102  -6.346  1.00 37.18 ? 1831 ARG A CA  1 
ATOM   294 C C   . ARG A 1 38  ? 8.787   15.310  -5.484  1.00 37.74 ? 1831 ARG A C   1 
ATOM   295 O O   . ARG A 1 38  ? 9.650   14.428  -5.401  1.00 30.70 ? 1831 ARG A O   1 
ATOM   296 C CB  . ARG A 1 38  ? 7.659   15.877  -7.671  1.00 43.98 ? 1831 ARG A CB  1 
ATOM   297 C CG  . ARG A 1 38  ? 8.480   15.155  -8.748  1.00 43.02 ? 1831 ARG A CG  1 
ATOM   298 C CD  . ARG A 1 38  ? 8.712   16.006  -9.968  1.00 38.70 ? 1831 ARG A CD  1 
ATOM   299 N NE  . ARG A 1 38  ? 7.533   16.150  -10.829 1.00 45.41 ? 1831 ARG A NE  1 
ATOM   300 C CZ  . ARG A 1 38  ? 7.054   15.199  -11.636 1.00 45.32 ? 1831 ARG A CZ  1 
ATOM   301 N NH1 . ARG A 1 38  ? 7.622   13.996  -11.674 1.00 37.96 ? 1831 ARG A NH1 1 
ATOM   302 N NH2 . ARG A 1 38  ? 5.989   15.445  -12.400 1.00 46.09 ? 1831 ARG A NH2 1 
ATOM   303 N N   . ARG A 1 39  ? 8.849   16.439  -4.774  1.00 33.19 ? 1832 ARG A N   1 
ATOM   304 C CA  . ARG A 1 39  ? 10.005  16.780  -3.954  1.00 32.43 ? 1832 ARG A CA  1 
ATOM   305 C C   . ARG A 1 39  ? 10.073  15.942  -2.669  1.00 41.07 ? 1832 ARG A C   1 
ATOM   306 O O   . ARG A 1 39  ? 11.167  15.530  -2.254  1.00 37.03 ? 1832 ARG A O   1 
ATOM   307 C CB  . ARG A 1 39  ? 9.960   18.291  -3.675  1.00 32.55 ? 1832 ARG A CB  1 
ATOM   308 C CG  . ARG A 1 39  ? 10.789  18.802  -2.516  1.00 37.92 ? 1832 ARG A CG  1 
ATOM   309 C CD  . ARG A 1 39  ? 10.828  20.357  -2.426  1.00 31.77 ? 1832 ARG A CD  1 
ATOM   310 N NE  . ARG A 1 39  ? 9.501   20.937  -2.206  1.00 41.97 ? 1832 ARG A NE  1 
ATOM   311 C CZ  . ARG A 1 39  ? 8.776   20.824  -1.085  1.00 41.09 ? 1832 ARG A CZ  1 
ATOM   312 N NH1 . ARG A 1 39  ? 9.241   20.157  -0.033  1.00 38.80 ? 1832 ARG A NH1 1 
ATOM   313 N NH2 . ARG A 1 39  ? 7.572   21.386  -1.015  1.00 36.09 ? 1832 ARG A NH2 1 
ATOM   314 N N   . ILE A 1 40  ? 8.922   15.639  -2.051  1.00 36.32 ? 1833 ILE A N   1 
ATOM   315 C CA  . ILE A 1 40  ? 8.913   15.053  -0.707  1.00 33.83 ? 1833 ILE A CA  1 
ATOM   316 C C   . ILE A 1 40  ? 8.966   13.520  -0.683  1.00 36.78 ? 1833 ILE A C   1 
ATOM   317 O O   . ILE A 1 40  ? 9.484   12.938  0.278   1.00 39.72 ? 1833 ILE A O   1 
ATOM   318 C CB  . ILE A 1 40  ? 7.685   15.569  0.064   1.00 36.53 ? 1833 ILE A CB  1 
ATOM   319 C CG1 . ILE A 1 40  ? 7.838   17.053  0.362   1.00 30.18 ? 1833 ILE A CG1 1 
ATOM   320 C CG2 . ILE A 1 40  ? 7.475   14.798  1.364   1.00 39.15 ? 1833 ILE A CG2 1 
ATOM   321 C CD1 . ILE A 1 40  ? 6.625   17.654  0.932   1.00 23.46 ? 1833 ILE A CD1 1 
ATOM   322 N N   . ILE A 1 41  ? 8.451   12.834  -1.702  1.00 40.05 ? 1834 ILE A N   1 
ATOM   323 C CA  . ILE A 1 41  ? 8.338   11.370  -1.678  1.00 40.78 ? 1834 ILE A CA  1 
ATOM   324 C C   . ILE A 1 41  ? 9.347   10.790  -2.672  1.00 39.61 ? 1834 ILE A C   1 
ATOM   325 O O   . ILE A 1 41  ? 9.149   10.859  -3.887  1.00 41.36 ? 1834 ILE A O   1 
ATOM   326 C CB  . ILE A 1 41  ? 6.899   10.896  -1.977  1.00 34.01 ? 1834 ILE A CB  1 
ATOM   327 C CG1 . ILE A 1 41  ? 5.932   11.334  -0.875  1.00 29.61 ? 1834 ILE A CG1 1 
ATOM   328 C CG2 . ILE A 1 41  ? 6.818   9.371   -2.105  1.00 31.53 ? 1834 ILE A CG2 1 
ATOM   329 C CD1 . ILE A 1 41  ? 6.290   10.781  0.493   1.00 29.21 ? 1834 ILE A CD1 1 
ATOM   330 N N   . LYS A 1 42  ? 10.420  10.181  -2.168  1.00 39.89 ? 1835 LYS A N   1 
ATOM   331 C CA  . LYS A 1 42  ? 11.458  9.673   -3.063  1.00 41.73 ? 1835 LYS A CA  1 
ATOM   332 C C   . LYS A 1 42  ? 10.993  8.453   -3.860  1.00 42.32 ? 1835 LYS A C   1 
ATOM   333 O O   . LYS A 1 42  ? 11.352  8.308   -5.038  1.00 43.73 ? 1835 LYS A O   1 
ATOM   334 C CB  . LYS A 1 42  ? 12.707  9.320   -2.264  1.00 38.77 ? 1835 LYS A CB  1 
ATOM   335 C CG  . LYS A 1 42  ? 13.548  10.486  -1.893  1.00 43.14 ? 1835 LYS A CG  1 
ATOM   336 C CD  . LYS A 1 42  ? 14.979  10.290  -2.389  1.00 60.16 ? 1835 LYS A CD  1 
ATOM   337 C CE  . LYS A 1 42  ? 15.615  9.010   -1.841  1.00 52.98 ? 1835 LYS A CE  1 
ATOM   338 N NZ  . LYS A 1 42  ? 16.777  8.610   -2.693  1.00 51.31 ? 1835 LYS A NZ  1 
ATOM   339 N N   . ASN A 1 43  ? 10.227  7.550   -3.234  1.00 38.36 ? 1836 ASN A N   1 
ATOM   340 C CA  . ASN A 1 43  ? 9.886   6.247   -3.813  1.00 39.06 ? 1836 ASN A CA  1 
ATOM   341 C C   . ASN A 1 43  ? 8.390   5.966   -3.728  1.00 37.09 ? 1836 ASN A C   1 
ATOM   342 O O   . ASN A 1 43  ? 7.941   5.246   -2.820  1.00 30.68 ? 1836 ASN A O   1 
ATOM   343 C CB  . ASN A 1 43  ? 10.654  5.132   -3.114  1.00 35.70 ? 1836 ASN A CB  1 
ATOM   344 C CG  . ASN A 1 43  ? 12.129  5.353   -3.152  1.00 44.76 ? 1836 ASN A CG  1 
ATOM   345 O OD1 . ASN A 1 43  ? 12.753  5.607   -2.121  1.00 49.31 ? 1836 ASN A OD1 1 
ATOM   346 N ND2 . ASN A 1 43  ? 12.710  5.278   -4.349  1.00 51.14 ? 1836 ASN A ND2 1 
ATOM   347 N N   . PRO A 1 44  ? 7.596   6.487   -4.672  1.00 36.92 ? 1837 PRO A N   1 
ATOM   348 C CA  . PRO A 1 44  ? 6.139   6.264   -4.621  1.00 37.96 ? 1837 PRO A CA  1 
ATOM   349 C C   . PRO A 1 44  ? 5.781   4.788   -4.677  1.00 33.36 ? 1837 PRO A C   1 
ATOM   350 O O   . PRO A 1 44  ? 6.529   3.949   -5.180  1.00 37.62 ? 1837 PRO A O   1 
ATOM   351 C CB  . PRO A 1 44  ? 5.600   7.011   -5.855  1.00 31.88 ? 1837 PRO A CB  1 
ATOM   352 C CG  . PRO A 1 44  ? 6.780   7.621   -6.532  1.00 33.97 ? 1837 PRO A CG  1 
ATOM   353 C CD  . PRO A 1 44  ? 7.962   7.551   -5.623  1.00 34.76 ? 1837 PRO A CD  1 
ATOM   354 N N   . MET A 1 45  ? 4.620   4.471   -4.120  1.00 27.99 ? 1838 MET A N   1 
ATOM   355 C CA  . MET A 1 45  ? 4.103   3.120   -4.218  1.00 34.35 ? 1838 MET A CA  1 
ATOM   356 C C   . MET A 1 45  ? 2.605   3.198   -3.985  1.00 33.88 ? 1838 MET A C   1 
ATOM   357 O O   . MET A 1 45  ? 2.127   4.085   -3.276  1.00 36.24 ? 1838 MET A O   1 
ATOM   358 C CB  . MET A 1 45  ? 4.794   2.180   -3.225  1.00 30.61 ? 1838 MET A CB  1 
ATOM   359 C CG  . MET A 1 45  ? 4.388   0.719   -3.349  1.00 32.06 ? 1838 MET A CG  1 
ATOM   360 S SD  . MET A 1 45  ? 4.579   0.009   -5.010  1.00 38.01 ? 1838 MET A SD  1 
ATOM   361 C CE  . MET A 1 45  ? 6.333   0.227   -5.275  1.00 40.06 ? 1838 MET A CE  1 
ATOM   362 N N   . ASP A 1 46  ? 1.869   2.297   -4.624  1.00 28.34 ? 1839 ASP A N   1 
ATOM   363 C CA  . ASP A 1 46  ? 0.420   2.257   -4.490  1.00 31.14 ? 1839 ASP A CA  1 
ATOM   364 C C   . ASP A 1 46  ? -0.059  0.852   -4.839  1.00 34.27 ? 1839 ASP A C   1 
ATOM   365 O O   . ASP A 1 46  ? 0.726   -0.018  -5.232  1.00 30.80 ? 1839 ASP A O   1 
ATOM   366 C CB  . ASP A 1 46  ? -0.248  3.318   -5.365  1.00 34.48 ? 1839 ASP A CB  1 
ATOM   367 C CG  . ASP A 1 46  ? -0.314  2.909   -6.823  1.00 37.18 ? 1839 ASP A CG  1 
ATOM   368 O OD1 . ASP A 1 46  ? 0.686   3.129   -7.542  1.00 36.13 ? 1839 ASP A OD1 1 
ATOM   369 O OD2 . ASP A 1 46  ? -1.358  2.352   -7.240  1.00 40.46 ? 1839 ASP A OD2 1 
ATOM   370 N N   . PHE A 1 47  ? -1.369  0.632   -4.688  1.00 34.31 ? 1840 PHE A N   1 
ATOM   371 C CA  . PHE A 1 47  ? -1.875  -0.733  -4.776  1.00 37.66 ? 1840 PHE A CA  1 
ATOM   372 C C   . PHE A 1 47  ? -1.832  -1.258  -6.202  1.00 34.08 ? 1840 PHE A C   1 
ATOM   373 O O   . PHE A 1 47  ? -1.634  -2.462  -6.406  1.00 34.62 ? 1840 PHE A O   1 
ATOM   374 C CB  . PHE A 1 47  ? -3.303  -0.832  -4.213  1.00 33.43 ? 1840 PHE A CB  1 
ATOM   375 C CG  . PHE A 1 47  ? -3.392  -0.630  -2.725  1.00 33.78 ? 1840 PHE A CG  1 
ATOM   376 C CD1 . PHE A 1 47  ? -2.245  -0.624  -1.938  1.00 30.89 ? 1840 PHE A CD1 1 
ATOM   377 C CD2 . PHE A 1 47  ? -4.632  -0.433  -2.110  1.00 34.42 ? 1840 PHE A CD2 1 
ATOM   378 C CE1 . PHE A 1 47  ? -2.328  -0.414  -0.566  1.00 31.32 ? 1840 PHE A CE1 1 
ATOM   379 C CE2 . PHE A 1 47  ? -4.733  -0.230  -0.732  1.00 32.74 ? 1840 PHE A CE2 1 
ATOM   380 C CZ  . PHE A 1 47  ? -3.578  -0.223  0.042   1.00 36.11 ? 1840 PHE A CZ  1 
ATOM   381 N N   . SER A 1 48  ? -2.012  -0.386  -7.202  1.00 33.32 ? 1841 SER A N   1 
ATOM   382 C CA  . SER A 1 48  ? -1.994  -0.877  -8.577  1.00 37.56 ? 1841 SER A CA  1 
ATOM   383 C C   . SER A 1 48  ? -0.595  -1.323  -8.973  1.00 35.96 ? 1841 SER A C   1 
ATOM   384 O O   . SER A 1 48  ? -0.437  -2.353  -9.636  1.00 39.95 ? 1841 SER A O   1 
ATOM   385 C CB  . SER A 1 48  ? -2.530  0.175   -9.539  1.00 30.50 ? 1841 SER A CB  1 
ATOM   386 O OG  . SER A 1 48  ? -1.513  1.038   -9.971  1.00 40.46 ? 1841 SER A OG  1 
ATOM   387 N N   . THR A 1 49  ? 0.431   -0.594  -8.524  1.00 36.27 ? 1842 THR A N   1 
ATOM   388 C CA  . THR A 1 49  ? 1.812   -0.979  -8.806  1.00 34.41 ? 1842 THR A CA  1 
ATOM   389 C C   . THR A 1 49  ? 2.159   -2.308  -8.155  1.00 36.38 ? 1842 THR A C   1 
ATOM   390 O O   . THR A 1 49  ? 2.881   -3.126  -8.737  1.00 42.82 ? 1842 THR A O   1 
ATOM   391 C CB  . THR A 1 49  ? 2.755   0.115   -8.323  1.00 33.24 ? 1842 THR A CB  1 
ATOM   392 O OG1 . THR A 1 49  ? 2.362   1.359   -8.904  1.00 38.36 ? 1842 THR A OG1 1 
ATOM   393 C CG2 . THR A 1 49  ? 4.188   -0.196  -8.712  1.00 31.46 ? 1842 THR A CG2 1 
ATOM   394 N N   . MET A 1 50  ? 1.656   -2.544  -6.944  1.00 37.37 ? 1843 MET A N   1 
ATOM   395 C CA  . MET A 1 50  ? 1.850   -3.841  -6.317  1.00 37.79 ? 1843 MET A CA  1 
ATOM   396 C C   . MET A 1 50  ? 1.123   -4.925  -7.098  1.00 41.79 ? 1843 MET A C   1 
ATOM   397 O O   . MET A 1 50  ? 1.667   -6.018  -7.296  1.00 41.93 ? 1843 MET A O   1 
ATOM   398 C CB  . MET A 1 50  ? 1.376   -3.803  -4.857  1.00 35.85 ? 1843 MET A CB  1 
ATOM   399 C CG  . MET A 1 50  ? 2.192   -2.851  -3.956  1.00 37.16 ? 1843 MET A CG  1 
ATOM   400 S SD  . MET A 1 50  ? 1.415   -2.423  -2.376  1.00 38.47 ? 1843 MET A SD  1 
ATOM   401 C CE  . MET A 1 50  ? 1.458   -3.993  -1.508  1.00 34.24 ? 1843 MET A CE  1 
ATOM   402 N N   . ARG A 1 51  ? -0.096  -4.620  -7.577  1.00 41.43 ? 1844 ARG A N   1 
ATOM   403 C CA  . ARG A 1 51  ? -0.921  -5.619  -8.257  1.00 42.65 ? 1844 ARG A CA  1 
ATOM   404 C C   . ARG A 1 51  ? -0.296  -6.037  -9.588  1.00 46.95 ? 1844 ARG A C   1 
ATOM   405 O O   . ARG A 1 51  ? -0.275  -7.230  -9.921  1.00 47.08 ? 1844 ARG A O   1 
ATOM   406 C CB  . ARG A 1 51  ? -2.348  -5.076  -8.437  1.00 38.05 ? 1844 ARG A CB  1 
ATOM   407 C CG  . ARG A 1 51  ? -3.185  -5.741  -9.538  1.00 35.94 ? 1844 ARG A CG  1 
ATOM   408 C CD  . ARG A 1 51  ? -3.645  -7.143  -9.189  1.00 36.14 ? 1844 ARG A CD  1 
ATOM   409 N NE  . ARG A 1 51  ? -4.429  -7.183  -7.955  1.00 38.54 ? 1844 ARG A NE  1 
ATOM   410 C CZ  . ARG A 1 51  ? -4.455  -8.224  -7.121  1.00 36.93 ? 1844 ARG A CZ  1 
ATOM   411 N NH1 . ARG A 1 51  ? -3.756  -9.309  -7.397  1.00 38.14 ? 1844 ARG A NH1 1 
ATOM   412 N NH2 . ARG A 1 51  ? -5.173  -8.185  -6.012  1.00 34.28 ? 1844 ARG A NH2 1 
ATOM   413 N N   . GLU A 1 52  ? 0.240   -5.078  -10.354 1.00 44.15 ? 1845 GLU A N   1 
ATOM   414 C CA  . GLU A 1 52  ? 0.998   -5.444  -11.545 1.00 44.08 ? 1845 GLU A CA  1 
ATOM   415 C C   . GLU A 1 52  ? 2.185   -6.309  -11.173 1.00 44.04 ? 1845 GLU A C   1 
ATOM   416 O O   . GLU A 1 52  ? 2.383   -7.387  -11.740 1.00 46.45 ? 1845 GLU A O   1 
ATOM   417 C CB  . GLU A 1 52  ? 1.454   -4.201  -12.312 1.00 42.35 ? 1845 GLU A CB  1 
ATOM   418 C CG  . GLU A 1 52  ? 0.374   -3.147  -12.491 1.00 45.75 ? 1845 GLU A CG  1 
ATOM   419 C CD  . GLU A 1 52  ? 0.882   -1.829  -13.095 1.00 61.42 ? 1845 GLU A CD  1 
ATOM   420 O OE1 . GLU A 1 52  ? 0.026   -1.030  -13.552 1.00 65.19 ? 1845 GLU A OE1 1 
ATOM   421 O OE2 . GLU A 1 52  ? 2.123   -1.586  -13.117 1.00 62.58 ? 1845 GLU A OE2 1 
ATOM   422 N N   . ARG A 1 53  ? 2.980   -5.861  -10.202 1.00 47.15 ? 1846 ARG A N   1 
ATOM   423 C CA  . ARG A 1 53  ? 4.193   -6.604  -9.873  1.00 51.65 ? 1846 ARG A CA  1 
ATOM   424 C C   . ARG A 1 53  ? 3.860   -8.000  -9.359  1.00 45.46 ? 1846 ARG A C   1 
ATOM   425 O O   . ARG A 1 53  ? 4.570   -8.963  -9.666  1.00 46.85 ? 1846 ARG A O   1 
ATOM   426 C CB  . ARG A 1 53  ? 5.050   -5.836  -8.858  1.00 47.51 ? 1846 ARG A CB  1 
ATOM   427 C CG  . ARG A 1 53  ? 6.360   -6.555  -8.534  1.00 52.53 ? 1846 ARG A CG  1 
ATOM   428 C CD  . ARG A 1 53  ? 7.291   -5.772  -7.599  1.00 55.95 ? 1846 ARG A CD  1 
ATOM   429 N NE  . ARG A 1 53  ? 8.364   -6.631  -7.084  1.00 57.72 ? 1846 ARG A NE  1 
ATOM   430 C CZ  . ARG A 1 53  ? 9.126   -6.351  -6.027  1.00 58.59 ? 1846 ARG A CZ  1 
ATOM   431 N NH1 . ARG A 1 53  ? 8.948   -5.226  -5.345  1.00 58.03 ? 1846 ARG A NH1 1 
ATOM   432 N NH2 . ARG A 1 53  ? 10.062  -7.209  -5.643  1.00 58.02 ? 1846 ARG A NH2 1 
ATOM   433 N N   . LEU A 1 54  ? 2.760   -8.139  -8.613  1.00 48.00 ? 1847 LEU A N   1 
ATOM   434 C CA  . LEU A 1 54  ? 2.424   -9.449  -8.056  1.00 46.83 ? 1847 LEU A CA  1 
ATOM   435 C C   . LEU A 1 54  ? 1.891   -10.386 -9.132  1.00 49.99 ? 1847 LEU A C   1 
ATOM   436 O O   . LEU A 1 54  ? 2.209   -11.584 -9.123  1.00 48.18 ? 1847 LEU A O   1 
ATOM   437 C CB  . LEU A 1 54  ? 1.417   -9.308  -6.917  1.00 41.32 ? 1847 LEU A CB  1 
ATOM   438 C CG  . LEU A 1 54  ? 0.929   -10.616 -6.282  1.00 42.17 ? 1847 LEU A CG  1 
ATOM   439 C CD1 . LEU A 1 54  ? 2.084   -11.432 -5.732  1.00 41.50 ? 1847 LEU A CD1 1 
ATOM   440 C CD2 . LEU A 1 54  ? -0.142  -10.377 -5.197  1.00 38.32 ? 1847 LEU A CD2 1 
ATOM   441 N N   . LEU A 1 55  ? 1.089   -9.860  -10.070 1.00 46.01 ? 1848 LEU A N   1 
ATOM   442 C CA  . LEU A 1 55  ? 0.644   -10.656 -11.212 1.00 43.25 ? 1848 LEU A CA  1 
ATOM   443 C C   . LEU A 1 55  ? 1.840   -11.149 -12.021 1.00 52.58 ? 1848 LEU A C   1 
ATOM   444 O O   . LEU A 1 55  ? 2.081   -12.358 -12.123 1.00 57.20 ? 1848 LEU A O   1 
ATOM   445 C CB  . LEU A 1 55  ? -0.320  -9.849  -12.091 1.00 38.75 ? 1848 LEU A CB  1 
ATOM   446 C CG  . LEU A 1 55  ? -1.786  -9.748  -11.622 1.00 41.50 ? 1848 LEU A CG  1 
ATOM   447 C CD1 . LEU A 1 55  ? -2.670  -9.080  -12.654 1.00 38.98 ? 1848 LEU A CD1 1 
ATOM   448 C CD2 . LEU A 1 55  ? -2.366  -11.102 -11.251 1.00 37.84 ? 1848 LEU A CD2 1 
ATOM   449 N N   . ARG A 1 56  ? 2.630   -10.216 -12.571 1.00 55.41 ? 1849 ARG A N   1 
ATOM   450 C CA  . ARG A 1 56  ? 3.837   -10.550 -13.326 1.00 48.60 ? 1849 ARG A CA  1 
ATOM   451 C C   . ARG A 1 56  ? 4.792   -11.458 -12.552 1.00 52.02 ? 1849 ARG A C   1 
ATOM   452 O O   . ARG A 1 56  ? 5.691   -12.038 -13.165 1.00 59.29 ? 1849 ARG A O   1 
ATOM   453 C CB  . ARG A 1 56  ? 4.559   -9.262  -13.742 1.00 51.95 ? 1849 ARG A CB  1 
ATOM   454 C CG  . ARG A 1 56  ? 5.175   -9.288  -15.130 1.00 48.79 ? 1849 ARG A CG  1 
ATOM   455 C CD  . ARG A 1 56  ? 5.797   -7.945  -15.503 1.00 45.23 ? 1849 ARG A CD  1 
ATOM   456 N NE  . ARG A 1 56  ? 7.157   -8.092  -16.043 1.00 51.83 ? 1849 ARG A NE  1 
ATOM   457 C CZ  . ARG A 1 56  ? 7.750   -7.227  -16.881 1.00 60.53 ? 1849 ARG A CZ  1 
ATOM   458 N NH1 . ARG A 1 56  ? 7.105   -6.139  -17.309 1.00 52.76 ? 1849 ARG A NH1 1 
ATOM   459 N NH2 . ARG A 1 56  ? 8.994   -7.457  -17.310 1.00 53.57 ? 1849 ARG A NH2 1 
ATOM   460 N N   . GLY A 1 57  ? 4.623   -11.601 -11.236 1.00 56.54 ? 1850 GLY A N   1 
ATOM   461 C CA  . GLY A 1 57  ? 5.377   -12.560 -10.447 1.00 57.93 ? 1850 GLY A CA  1 
ATOM   462 C C   . GLY A 1 57  ? 6.690   -12.054 -9.887  1.00 57.72 ? 1850 GLY A C   1 
ATOM   463 O O   . GLY A 1 57  ? 7.560   -12.872 -9.557  1.00 52.74 ? 1850 GLY A O   1 
ATOM   464 N N   . GLY A 1 58  ? 6.854   -10.740 -9.750  1.00 57.98 ? 1851 GLY A N   1 
ATOM   465 C CA  . GLY A 1 58  ? 8.122   -10.164 -9.354  1.00 53.50 ? 1851 GLY A CA  1 
ATOM   466 C C   . GLY A 1 58  ? 8.289   -9.970  -7.861  1.00 56.10 ? 1851 GLY A C   1 
ATOM   467 O O   . GLY A 1 58  ? 9.006   -9.060  -7.438  1.00 56.37 ? 1851 GLY A O   1 
ATOM   468 N N   . TYR A 1 59  ? 7.659   -10.814 -7.047  1.00 55.04 ? 1852 TYR A N   1 
ATOM   469 C CA  . TYR A 1 59  ? 7.864   -10.800 -5.599  1.00 59.45 ? 1852 TYR A CA  1 
ATOM   470 C C   . TYR A 1 59  ? 8.539   -12.093 -5.170  1.00 61.22 ? 1852 TYR A C   1 
ATOM   471 O O   . TYR A 1 59  ? 7.896   -13.146 -5.114  1.00 63.54 ? 1852 TYR A O   1 
ATOM   472 C CB  . TYR A 1 59  ? 6.535   -10.609 -4.878  1.00 54.07 ? 1852 TYR A CB  1 
ATOM   473 C CG  . TYR A 1 59  ? 6.083   -9.179  -4.868  1.00 50.61 ? 1852 TYR A CG  1 
ATOM   474 C CD1 . TYR A 1 59  ? 6.852   -8.192  -4.265  1.00 54.33 ? 1852 TYR A CD1 1 
ATOM   475 C CD2 . TYR A 1 59  ? 4.905   -8.806  -5.487  1.00 46.29 ? 1852 TYR A CD2 1 
ATOM   476 C CE1 . TYR A 1 59  ? 6.440   -6.870  -4.267  1.00 52.08 ? 1852 TYR A CE1 1 
ATOM   477 C CE2 . TYR A 1 59  ? 4.490   -7.493  -5.498  1.00 46.79 ? 1852 TYR A CE2 1 
ATOM   478 C CZ  . TYR A 1 59  ? 5.258   -6.528  -4.891  1.00 45.80 ? 1852 TYR A CZ  1 
ATOM   479 O OH  . TYR A 1 59  ? 4.835   -5.225  -4.903  1.00 37.45 ? 1852 TYR A OH  1 
ATOM   480 N N   . THR A 1 60  ? 9.834   -12.007 -4.866  1.00 64.49 ? 1853 THR A N   1 
ATOM   481 C CA  . THR A 1 60  ? 10.591  -13.199 -4.503  1.00 65.53 ? 1853 THR A CA  1 
ATOM   482 C C   . THR A 1 60  ? 10.020  -13.850 -3.253  1.00 64.65 ? 1853 THR A C   1 
ATOM   483 O O   . THR A 1 60  ? 9.853   -15.074 -3.195  1.00 66.66 ? 1853 THR A O   1 
ATOM   484 C CB  . THR A 1 60  ? 12.058  -12.840 -4.287  1.00 70.02 ? 1853 THR A CB  1 
ATOM   485 O OG1 . THR A 1 60  ? 12.626  -12.388 -5.524  1.00 70.29 ? 1853 THR A OG1 1 
ATOM   486 C CG2 . THR A 1 60  ? 12.835  -14.048 -3.768  1.00 63.18 ? 1853 THR A CG2 1 
ATOM   487 N N   . SER A 1 61  ? 9.701   -13.041 -2.248  1.00 66.09 ? 1854 SER A N   1 
ATOM   488 C CA  . SER A 1 61  ? 9.281   -13.526 -0.943  1.00 69.92 ? 1854 SER A CA  1 
ATOM   489 C C   . SER A 1 61  ? 8.050   -12.761 -0.475  1.00 64.87 ? 1854 SER A C   1 
ATOM   490 O O   . SER A 1 61  ? 7.698   -11.710 -1.014  1.00 57.71 ? 1854 SER A O   1 
ATOM   491 C CB  . SER A 1 61  ? 10.411  -13.384 0.094   1.00 70.85 ? 1854 SER A CB  1 
ATOM   492 O OG  . SER A 1 61  ? 10.781  -12.019 0.269   1.00 70.23 ? 1854 SER A OG  1 
ATOM   493 N N   . SER A 1 62  ? 7.400   -13.299 0.558   1.00 66.46 ? 1855 SER A N   1 
ATOM   494 C CA  . SER A 1 62  ? 6.313   -12.560 1.177   1.00 61.46 ? 1855 SER A CA  1 
ATOM   495 C C   . SER A 1 62  ? 6.809   -11.281 1.833   1.00 61.02 ? 1855 SER A C   1 
ATOM   496 O O   . SER A 1 62  ? 6.030   -10.337 1.999   1.00 60.42 ? 1855 SER A O   1 
ATOM   497 C CB  . SER A 1 62  ? 5.585   -13.436 2.193   1.00 66.37 ? 1855 SER A CB  1 
ATOM   498 O OG  . SER A 1 62  ? 6.337   -13.582 3.384   1.00 74.29 ? 1855 SER A OG  1 
ATOM   499 N N   . GLU A 1 63  ? 8.092   -11.210 2.187   1.00 64.16 ? 1856 GLU A N   1 
ATOM   500 C CA  . GLU A 1 63  ? 8.607   -10.012 2.837   1.00 60.65 ? 1856 GLU A CA  1 
ATOM   501 C C   . GLU A 1 63  ? 8.896   -8.886  1.851   1.00 59.37 ? 1856 GLU A C   1 
ATOM   502 O O   . GLU A 1 63  ? 8.855   -7.714  2.241   1.00 56.73 ? 1856 GLU A O   1 
ATOM   503 C CB  . GLU A 1 63  ? 9.853   -10.361 3.653   1.00 61.32 ? 1856 GLU A CB  1 
ATOM   504 C CG  . GLU A 1 63  ? 9.527   -11.015 5.008   1.00 66.02 ? 1856 GLU A CG  1 
ATOM   505 C CD  . GLU A 1 63  ? 9.766   -12.525 5.014   1.00 73.62 ? 1856 GLU A CD  1 
ATOM   506 O OE1 . GLU A 1 63  ? 9.047   -13.250 4.298   1.00 79.50 ? 1856 GLU A OE1 1 
ATOM   507 O OE2 . GLU A 1 63  ? 10.667  -12.997 5.739   1.00 76.59 ? 1856 GLU A OE2 1 
ATOM   508 N N   . GLU A 1 64  ? 9.168   -9.205  0.584   1.00 58.29 ? 1857 GLU A N   1 
ATOM   509 C CA  . GLU A 1 64  ? 9.249   -8.152  -0.424  1.00 58.78 ? 1857 GLU A CA  1 
ATOM   510 C C   . GLU A 1 64  ? 7.889   -7.501  -0.640  1.00 56.84 ? 1857 GLU A C   1 
ATOM   511 O O   . GLU A 1 64  ? 7.790   -6.278  -0.804  1.00 53.79 ? 1857 GLU A O   1 
ATOM   512 C CB  . GLU A 1 64  ? 9.777   -8.720  -1.740  1.00 58.51 ? 1857 GLU A CB  1 
ATOM   513 C CG  . GLU A 1 64  ? 11.129  -9.377  -1.622  1.00 65.02 ? 1857 GLU A CG  1 
ATOM   514 C CD  . GLU A 1 64  ? 11.880  -9.377  -2.933  1.00 69.14 ? 1857 GLU A CD  1 
ATOM   515 O OE1 . GLU A 1 64  ? 13.077  -9.743  -2.937  1.00 71.78 ? 1857 GLU A OE1 1 
ATOM   516 O OE2 . GLU A 1 64  ? 11.267  -9.016  -3.961  1.00 71.61 ? 1857 GLU A OE2 1 
ATOM   517 N N   . PHE A 1 65  ? 6.831   -8.306  -0.663  1.00 52.46 ? 1858 PHE A N   1 
ATOM   518 C CA  . PHE A 1 65  ? 5.492   -7.752  -0.780  1.00 50.11 ? 1858 PHE A CA  1 
ATOM   519 C C   . PHE A 1 65  ? 5.188   -6.825  0.395   1.00 50.24 ? 1858 PHE A C   1 
ATOM   520 O O   . PHE A 1 65  ? 4.834   -5.652  0.208   1.00 46.78 ? 1858 PHE A O   1 
ATOM   521 C CB  . PHE A 1 65  ? 4.476   -8.891  -0.871  1.00 47.71 ? 1858 PHE A CB  1 
ATOM   522 C CG  . PHE A 1 65  ? 3.065   -8.428  -0.877  1.00 44.69 ? 1858 PHE A CG  1 
ATOM   523 C CD1 . PHE A 1 65  ? 2.324   -8.438  0.283   1.00 42.24 ? 1858 PHE A CD1 1 
ATOM   524 C CD2 . PHE A 1 65  ? 2.477   -7.968  -2.045  1.00 46.39 ? 1858 PHE A CD2 1 
ATOM   525 C CE1 . PHE A 1 65  ? 1.028   -7.997  0.286   1.00 43.51 ? 1858 PHE A CE1 1 
ATOM   526 C CE2 . PHE A 1 65  ? 1.169   -7.529  -2.052  1.00 43.40 ? 1858 PHE A CE2 1 
ATOM   527 C CZ  . PHE A 1 65  ? 0.445   -7.543  -0.882  1.00 44.49 ? 1858 PHE A CZ  1 
ATOM   528 N N   . ALA A 1 66  ? 5.339   -7.338  1.622   1.00 47.87 ? 1859 ALA A N   1 
ATOM   529 C CA  . ALA A 1 66  ? 5.100   -6.534  2.819   1.00 44.10 ? 1859 ALA A CA  1 
ATOM   530 C C   . ALA A 1 66  ? 5.884   -5.229  2.795   1.00 43.01 ? 1859 ALA A C   1 
ATOM   531 O O   . ALA A 1 66  ? 5.381   -4.187  3.227   1.00 40.36 ? 1859 ALA A O   1 
ATOM   532 C CB  . ALA A 1 66  ? 5.463   -7.332  4.069   1.00 48.49 ? 1859 ALA A CB  1 
ATOM   533 N N   . ALA A 1 67  ? 7.121   -5.266  2.293   1.00 42.13 ? 1860 ALA A N   1 
ATOM   534 C CA  . ALA A 1 67  ? 7.908   -4.045  2.221   1.00 42.66 ? 1860 ALA A CA  1 
ATOM   535 C C   . ALA A 1 67  ? 7.228   -3.012  1.335   1.00 41.86 ? 1860 ALA A C   1 
ATOM   536 O O   . ALA A 1 67  ? 7.210   -1.821  1.660   1.00 40.46 ? 1860 ALA A O   1 
ATOM   537 C CB  . ALA A 1 67  ? 9.316   -4.355  1.715   1.00 44.34 ? 1860 ALA A CB  1 
ATOM   538 N N   . ASP A 1 68  ? 6.646   -3.448  0.219   1.00 41.74 ? 1861 ASP A N   1 
ATOM   539 C CA  . ASP A 1 68  ? 5.947   -2.504  -0.647  1.00 43.23 ? 1861 ASP A CA  1 
ATOM   540 C C   . ASP A 1 68  ? 4.698   -1.962  0.033   1.00 40.00 ? 1861 ASP A C   1 
ATOM   541 O O   . ASP A 1 68  ? 4.354   -0.785  -0.131  1.00 35.38 ? 1861 ASP A O   1 
ATOM   542 C CB  . ASP A 1 68  ? 5.595   -3.170  -1.981  1.00 43.67 ? 1861 ASP A CB  1 
ATOM   543 C CG  . ASP A 1 68  ? 6.540   -2.767  -3.101  1.00 45.94 ? 1861 ASP A CG  1 
ATOM   544 O OD1 . ASP A 1 68  ? 7.167   -1.695  -2.995  1.00 47.51 ? 1861 ASP A OD1 1 
ATOM   545 O OD2 . ASP A 1 68  ? 6.670   -3.521  -4.083  1.00 47.56 ? 1861 ASP A OD2 1 
ATOM   546 N N   . ALA A 1 69  ? 4.013   -2.802  0.813   1.00 35.82 ? 1862 ALA A N   1 
ATOM   547 C CA  . ALA A 1 69  ? 2.839   -2.332  1.538   1.00 37.83 ? 1862 ALA A CA  1 
ATOM   548 C C   . ALA A 1 69  ? 3.217   -1.252  2.548   1.00 37.67 ? 1862 ALA A C   1 
ATOM   549 O O   . ALA A 1 69  ? 2.603   -0.181  2.591   1.00 36.56 ? 1862 ALA A O   1 
ATOM   550 C CB  . ALA A 1 69  ? 2.141   -3.506  2.223   1.00 40.38 ? 1862 ALA A CB  1 
ATOM   551 N N   . LEU A 1 70  ? 4.248   -1.504  3.354   1.00 38.59 ? 1863 LEU A N   1 
ATOM   552 C CA  . LEU A 1 70  ? 4.647   -0.512  4.348   1.00 36.45 ? 1863 LEU A CA  1 
ATOM   553 C C   . LEU A 1 70  ? 5.185   0.758   3.694   1.00 32.99 ? 1863 LEU A C   1 
ATOM   554 O O   . LEU A 1 70  ? 5.074   1.847   4.269   1.00 30.61 ? 1863 LEU A O   1 
ATOM   555 C CB  . LEU A 1 70  ? 5.670   -1.125  5.307   1.00 35.82 ? 1863 LEU A CB  1 
ATOM   556 C CG  . LEU A 1 70  ? 5.221   -2.469  5.903   1.00 39.39 ? 1863 LEU A CG  1 
ATOM   557 C CD1 . LEU A 1 70  ? 6.355   -3.147  6.667   1.00 39.82 ? 1863 LEU A CD1 1 
ATOM   558 C CD2 . LEU A 1 70  ? 3.981   -2.314  6.782   1.00 31.09 ? 1863 LEU A CD2 1 
ATOM   559 N N   . LEU A 1 71  ? 5.748   0.650   2.490   1.00 31.97 ? 1864 LEU A N   1 
ATOM   560 C CA  . LEU A 1 71  ? 6.180   1.852   1.791   1.00 33.52 ? 1864 LEU A CA  1 
ATOM   561 C C   . LEU A 1 71  ? 4.993   2.732   1.390   1.00 33.39 ? 1864 LEU A C   1 
ATOM   562 O O   . LEU A 1 71  ? 5.107   3.968   1.414   1.00 28.60 ? 1864 LEU A O   1 
ATOM   563 C CB  . LEU A 1 71  ? 7.030   1.474   0.579   1.00 30.67 ? 1864 LEU A CB  1 
ATOM   564 C CG  . LEU A 1 71  ? 7.418   2.625   -0.340  1.00 33.23 ? 1864 LEU A CG  1 
ATOM   565 C CD1 . LEU A 1 71  ? 8.223   3.725   0.401   1.00 30.32 ? 1864 LEU A CD1 1 
ATOM   566 C CD2 . LEU A 1 71  ? 8.176   2.069   -1.516  1.00 29.66 ? 1864 LEU A CD2 1 
ATOM   567 N N   . VAL A 1 72  ? 3.840   2.126   1.069   1.00 27.93 ? 1865 VAL A N   1 
ATOM   568 C CA  . VAL A 1 72  ? 2.655   2.932   0.785   1.00 28.88 ? 1865 VAL A CA  1 
ATOM   569 C C   . VAL A 1 72  ? 2.276   3.772   2.001   1.00 28.03 ? 1865 VAL A C   1 
ATOM   570 O O   . VAL A 1 72  ? 1.966   4.969   1.885   1.00 25.40 ? 1865 VAL A O   1 
ATOM   571 C CB  . VAL A 1 72  ? 1.480   2.042   0.329   1.00 30.93 ? 1865 VAL A CB  1 
ATOM   572 C CG1 . VAL A 1 72  ? 0.234   2.871   0.173   1.00 26.77 ? 1865 VAL A CG1 1 
ATOM   573 C CG2 . VAL A 1 72  ? 1.798   1.368   -0.995  1.00 34.10 ? 1865 VAL A CG2 1 
ATOM   574 N N   . PHE A 1 73  ? 2.314   3.171   3.186   1.00 26.74 ? 1866 PHE A N   1 
ATOM   575 C CA  . PHE A 1 73  ? 1.749   3.857   4.342   1.00 29.77 ? 1866 PHE A CA  1 
ATOM   576 C C   . PHE A 1 73  ? 2.731   4.856   4.938   1.00 27.47 ? 1866 PHE A C   1 
ATOM   577 O O   . PHE A 1 73  ? 2.310   5.918   5.418   1.00 25.07 ? 1866 PHE A O   1 
ATOM   578 C CB  . PHE A 1 73  ? 1.257   2.820   5.365   1.00 29.14 ? 1866 PHE A CB  1 
ATOM   579 C CG  . PHE A 1 73  ? 0.246   1.869   4.779   1.00 26.55 ? 1866 PHE A CG  1 
ATOM   580 C CD1 . PHE A 1 73  ? -0.904  2.356   4.199   1.00 26.41 ? 1866 PHE A CD1 1 
ATOM   581 C CD2 . PHE A 1 73  ? 0.479   0.512   4.740   1.00 28.16 ? 1866 PHE A CD2 1 
ATOM   582 C CE1 . PHE A 1 73  ? -1.816  1.503   3.626   1.00 26.29 ? 1866 PHE A CE1 1 
ATOM   583 C CE2 . PHE A 1 73  ? -0.434  -0.340  4.166   1.00 28.53 ? 1866 PHE A CE2 1 
ATOM   584 C CZ  . PHE A 1 73  ? -1.582  0.158   3.603   1.00 22.40 ? 1866 PHE A CZ  1 
ATOM   585 N N   . ASP A 1 74  ? 4.030   4.557   4.870   1.00 27.59 ? 1867 ASP A N   1 
ATOM   586 C CA  . ASP A 1 74  ? 5.035   5.538   5.253   1.00 26.35 ? 1867 ASP A CA  1 
ATOM   587 C C   . ASP A 1 74  ? 4.967   6.764   4.352   1.00 26.76 ? 1867 ASP A C   1 
ATOM   588 O O   . ASP A 1 74  ? 4.959   7.898   4.841   1.00 29.84 ? 1867 ASP A O   1 
ATOM   589 C CB  . ASP A 1 74  ? 6.430   4.912   5.215   1.00 34.58 ? 1867 ASP A CB  1 
ATOM   590 C CG  . ASP A 1 74  ? 6.616   3.816   6.259   1.00 34.27 ? 1867 ASP A CG  1 
ATOM   591 O OD1 . ASP A 1 74  ? 5.971   3.886   7.332   1.00 34.87 ? 1867 ASP A OD1 1 
ATOM   592 O OD2 . ASP A 1 74  ? 7.407   2.879   5.995   1.00 31.83 ? 1867 ASP A OD2 1 
ATOM   593 N N   . ASN A 1 75  ? 4.903   6.562   3.031   1.00 25.06 ? 1868 ASN A N   1 
ATOM   594 C CA  . ASN A 1 75  ? 4.745   7.704   2.140   1.00 24.31 ? 1868 ASN A CA  1 
ATOM   595 C C   . ASN A 1 75  ? 3.528   8.531   2.555   1.00 26.16 ? 1868 ASN A C   1 
ATOM   596 O O   . ASN A 1 75  ? 3.599   9.766   2.630   1.00 25.05 ? 1868 ASN A O   1 
ATOM   597 C CB  . ASN A 1 75  ? 4.632   7.241   0.674   1.00 26.36 ? 1868 ASN A CB  1 
ATOM   598 C CG  . ASN A 1 75  ? 5.989   6.792   0.057   1.00 31.09 ? 1868 ASN A CG  1 
ATOM   599 O OD1 . ASN A 1 75  ? 7.066   7.205   0.483   1.00 31.22 ? 1868 ASN A OD1 1 
ATOM   600 N ND2 . ASN A 1 75  ? 5.915   5.958   -0.964  1.00 29.10 ? 1868 ASN A ND2 1 
ATOM   601 N N   . CYS A 1 76  ? 2.422   7.855   2.899   1.00 27.09 ? 1869 CYS A N   1 
ATOM   602 C CA  . CYS A 1 76  ? 1.196   8.544   3.306   1.00 25.63 ? 1869 CYS A CA  1 
ATOM   603 C C   . CYS A 1 76  ? 1.395   9.346   4.588   1.00 26.51 ? 1869 CYS A C   1 
ATOM   604 O O   . CYS A 1 76  ? 0.969   10.506  4.682   1.00 28.50 ? 1869 CYS A O   1 
ATOM   605 C CB  . CYS A 1 76  ? 0.062   7.535   3.474   1.00 26.67 ? 1869 CYS A CB  1 
ATOM   606 S SG  . CYS A 1 76  ? -1.544  8.278   3.871   1.00 33.23 ? 1869 CYS A SG  1 
ATOM   607 N N   . GLN A 1 77  ? 2.061   8.752   5.583   1.00 25.71 ? 1870 GLN A N   1 
ATOM   608 C CA  . GLN A 1 77  ? 2.342   9.479   6.820   1.00 29.94 ? 1870 GLN A CA  1 
ATOM   609 C C   . GLN A 1 77  ? 3.348   10.604  6.605   1.00 25.35 ? 1870 GLN A C   1 
ATOM   610 O O   . GLN A 1 77  ? 3.235   11.664  7.232   1.00 23.70 ? 1870 GLN A O   1 
ATOM   611 C CB  . GLN A 1 77  ? 2.824   8.516   7.907   1.00 31.09 ? 1870 GLN A CB  1 
ATOM   612 C CG  . GLN A 1 77  ? 1.680   7.867   8.659   1.00 25.67 ? 1870 GLN A CG  1 
ATOM   613 C CD  . GLN A 1 77  ? 2.061   6.525   9.242   1.00 31.34 ? 1870 GLN A CD  1 
ATOM   614 O OE1 . GLN A 1 77  ? 1.873   6.284   10.438  1.00 39.15 ? 1870 GLN A OE1 1 
ATOM   615 N NE2 . GLN A 1 77  ? 2.605   5.644   8.411   1.00 27.81 ? 1870 GLN A NE2 1 
ATOM   616 N N   . THR A 1 78  ? 4.324   10.407  5.715   1.00 28.77 ? 1871 THR A N   1 
ATOM   617 C CA  . THR A 1 78  ? 5.252   11.493  5.397   1.00 29.71 ? 1871 THR A CA  1 
ATOM   618 C C   . THR A 1 78  ? 4.549   12.664  4.720   1.00 28.35 ? 1871 THR A C   1 
ATOM   619 O O   . THR A 1 78  ? 4.789   13.826  5.069   1.00 30.50 ? 1871 THR A O   1 
ATOM   620 C CB  . THR A 1 78  ? 6.392   10.998  4.515   1.00 26.06 ? 1871 THR A CB  1 
ATOM   621 O OG1 . THR A 1 78  ? 7.034   9.883   5.149   1.00 28.88 ? 1871 THR A OG1 1 
ATOM   622 C CG2 . THR A 1 78  ? 7.390   12.101  4.339   1.00 25.74 ? 1871 THR A CG2 1 
ATOM   623 N N   . PHE A 1 79  ? 3.669   12.397  3.764   1.00 26.55 ? 1872 PHE A N   1 
ATOM   624 C CA  . PHE A 1 79  ? 3.113   13.529  3.036   1.00 30.82 ? 1872 PHE A CA  1 
ATOM   625 C C   . PHE A 1 79  ? 1.846   14.109  3.658   1.00 28.94 ? 1872 PHE A C   1 
ATOM   626 O O   . PHE A 1 79  ? 1.624   15.321  3.561   1.00 28.29 ? 1872 PHE A O   1 
ATOM   627 C CB  . PHE A 1 79  ? 2.838   13.148  1.575   1.00 27.95 ? 1872 PHE A CB  1 
ATOM   628 C CG  . PHE A 1 79  ? 2.545   14.324  0.706   1.00 29.18 ? 1872 PHE A CG  1 
ATOM   629 C CD1 . PHE A 1 79  ? 3.579   15.074  0.164   1.00 33.35 ? 1872 PHE A CD1 1 
ATOM   630 C CD2 . PHE A 1 79  ? 1.233   14.700  0.441   1.00 33.59 ? 1872 PHE A CD2 1 
ATOM   631 C CE1 . PHE A 1 79  ? 3.311   16.177  -0.635  1.00 33.37 ? 1872 PHE A CE1 1 
ATOM   632 C CE2 . PHE A 1 79  ? 0.957   15.802  -0.354  1.00 31.22 ? 1872 PHE A CE2 1 
ATOM   633 C CZ  . PHE A 1 79  ? 2.003   16.537  -0.896  1.00 33.08 ? 1872 PHE A CZ  1 
ATOM   634 N N   . ASN A 1 80  ? 0.989   13.301  4.270   1.00 29.26 ? 1873 ASN A N   1 
ATOM   635 C CA  . ASN A 1 80  ? -0.309  13.796  4.719   1.00 34.10 ? 1873 ASN A CA  1 
ATOM   636 C C   . ASN A 1 80  ? -0.383  13.903  6.235   1.00 32.73 ? 1873 ASN A C   1 
ATOM   637 O O   . ASN A 1 80  ? 0.108   13.030  6.960   1.00 33.40 ? 1873 ASN A O   1 
ATOM   638 C CB  . ASN A 1 80  ? -1.432  12.909  4.195   1.00 30.19 ? 1873 ASN A CB  1 
ATOM   639 C CG  . ASN A 1 80  ? -1.333  12.708  2.705   1.00 30.50 ? 1873 ASN A CG  1 
ATOM   640 O OD1 . ASN A 1 80  ? -1.882  13.498  1.928   1.00 30.04 ? 1873 ASN A OD1 1 
ATOM   641 N ND2 . ASN A 1 80  ? -0.606  11.666  2.288   1.00 25.25 ? 1873 ASN A ND2 1 
ATOM   642 N N   . GLU A 1 81  ? -0.991  14.990  6.701   1.00 30.31 ? 1874 GLU A N   1 
ATOM   643 C CA  . GLU A 1 81  ? -1.236  15.172  8.121   1.00 35.23 ? 1874 GLU A CA  1 
ATOM   644 C C   . GLU A 1 81  ? -2.180  14.097  8.661   1.00 33.98 ? 1874 GLU A C   1 
ATOM   645 O O   . GLU A 1 81  ? -3.099  13.633  7.976   1.00 34.75 ? 1874 GLU A O   1 
ATOM   646 C CB  . GLU A 1 81  ? -1.820  16.557  8.369   1.00 36.65 ? 1874 GLU A CB  1 
ATOM   647 C CG  . GLU A 1 81  ? -0.852  17.657  8.070   1.00 40.17 ? 1874 GLU A CG  1 
ATOM   648 C CD  . GLU A 1 81  ? -1.030  18.815  9.009   1.00 55.25 ? 1874 GLU A CD  1 
ATOM   649 O OE1 . GLU A 1 81  ? -0.742  18.639  10.216  1.00 60.69 ? 1874 GLU A OE1 1 
ATOM   650 O OE2 . GLU A 1 81  ? -1.459  19.899  8.547   1.00 65.26 ? 1874 GLU A OE2 1 
ATOM   651 N N   . ASP A 1 82  ? -1.940  13.705  9.913   1.00 29.93 ? 1875 ASP A N   1 
ATOM   652 C CA  . ASP A 1 82  ? -2.675  12.603  10.517  1.00 27.90 ? 1875 ASP A CA  1 
ATOM   653 C C   . ASP A 1 82  ? -4.171  12.881  10.602  1.00 31.63 ? 1875 ASP A C   1 
ATOM   654 O O   . ASP A 1 82  ? -4.954  11.937  10.696  1.00 31.02 ? 1875 ASP A O   1 
ATOM   655 C CB  . ASP A 1 82  ? -2.132  12.308  11.913  1.00 24.90 ? 1875 ASP A CB  1 
ATOM   656 C CG  . ASP A 1 82  ? -0.730  11.725  11.898  1.00 27.45 ? 1875 ASP A CG  1 
ATOM   657 O OD1 . ASP A 1 82  ? -0.462  10.797  11.102  1.00 27.27 ? 1875 ASP A OD1 1 
ATOM   658 O OD2 . ASP A 1 82  ? 0.102   12.184  12.713  1.00 24.01 ? 1875 ASP A OD2 1 
ATOM   659 N N   . ASP A 1 83  ? -4.596  14.143  10.556  1.00 33.29 ? 1876 ASP A N   1 
ATOM   660 C CA  . ASP A 1 83  ? -6.017  14.459  10.581  1.00 32.54 ? 1876 ASP A CA  1 
ATOM   661 C C   . ASP A 1 83  ? -6.547  14.928  9.236   1.00 33.96 ? 1876 ASP A C   1 
ATOM   662 O O   . ASP A 1 83  ? -7.693  15.381  9.164   1.00 38.12 ? 1876 ASP A O   1 
ATOM   663 C CB  . ASP A 1 83  ? -6.333  15.503  11.657  1.00 34.13 ? 1876 ASP A CB  1 
ATOM   664 C CG  . ASP A 1 83  ? -5.429  16.706  11.607  1.00 38.47 ? 1876 ASP A CG  1 
ATOM   665 O OD1 . ASP A 1 83  ? -4.673  16.856  10.632  1.00 44.33 ? 1876 ASP A OD1 1 
ATOM   666 O OD2 . ASP A 1 83  ? -5.483  17.511  12.558  1.00 43.03 ? 1876 ASP A OD2 1 
ATOM   667 N N   . SER A 1 84  ? -5.751  14.837  8.175   1.00 32.48 ? 1877 SER A N   1 
ATOM   668 C CA  . SER A 1 84  ? -6.267  15.059  6.829   1.00 33.57 ? 1877 SER A CA  1 
ATOM   669 C C   . SER A 1 84  ? -7.090  13.861  6.372   1.00 32.41 ? 1877 SER A C   1 
ATOM   670 O O   . SER A 1 84  ? -6.981  12.760  6.918   1.00 32.68 ? 1877 SER A O   1 
ATOM   671 C CB  . SER A 1 84  ? -5.135  15.286  5.828   1.00 31.78 ? 1877 SER A CB  1 
ATOM   672 O OG  . SER A 1 84  ? -4.495  14.055  5.511   1.00 35.37 ? 1877 SER A OG  1 
ATOM   673 N N   . GLU A 1 85  ? -7.893  14.081  5.325   1.00 34.23 ? 1878 GLU A N   1 
ATOM   674 C CA  . GLU A 1 85  ? -8.709  13.006  4.762   1.00 33.12 ? 1878 GLU A CA  1 
ATOM   675 C C   . GLU A 1 85  ? -7.851  11.827  4.313   1.00 30.30 ? 1878 GLU A C   1 
ATOM   676 O O   . GLU A 1 85  ? -8.153  10.670  4.627   1.00 30.44 ? 1878 GLU A O   1 
ATOM   677 C CB  . GLU A 1 85  ? -9.548  13.538  3.601   1.00 32.92 ? 1878 GLU A CB  1 
ATOM   678 C CG  . GLU A 1 85  ? -10.840 14.182  4.056   1.00 44.24 ? 1878 GLU A CG  1 
ATOM   679 C CD  . GLU A 1 85  ? -11.850 13.149  4.539   1.00 59.44 ? 1878 GLU A CD  1 
ATOM   680 O OE1 . GLU A 1 85  ? -12.195 12.232  3.745   1.00 56.07 ? 1878 GLU A OE1 1 
ATOM   681 O OE2 . GLU A 1 85  ? -12.274 13.242  5.717   1.00 53.76 ? 1878 GLU A OE2 1 
ATOM   682 N N   . VAL A 1 86  ? -6.775  12.101  3.574   1.00 27.40 ? 1879 VAL A N   1 
ATOM   683 C CA  . VAL A 1 86  ? -5.904  11.021  3.130   1.00 27.90 ? 1879 VAL A CA  1 
ATOM   684 C C   . VAL A 1 86  ? -5.220  10.390  4.329   1.00 28.33 ? 1879 VAL A C   1 
ATOM   685 O O   . VAL A 1 86  ? -5.124  9.158   4.429   1.00 27.93 ? 1879 VAL A O   1 
ATOM   686 C CB  . VAL A 1 86  ? -4.889  11.536  2.081   1.00 28.38 ? 1879 VAL A CB  1 
ATOM   687 C CG1 . VAL A 1 86  ? -3.857  10.472  1.736   1.00 21.59 ? 1879 VAL A CG1 1 
ATOM   688 C CG2 . VAL A 1 86  ? -5.610  11.999  0.807   1.00 27.11 ? 1879 VAL A CG2 1 
ATOM   689 N N   . GLY A 1 87  ? -4.779  11.224  5.277   1.00 33.13 ? 1880 GLY A N   1 
ATOM   690 C CA  . GLY A 1 87  ? -4.106  10.708  6.464   1.00 31.62 ? 1880 GLY A CA  1 
ATOM   691 C C   . GLY A 1 87  ? -4.964  9.727   7.237   1.00 27.49 ? 1880 GLY A C   1 
ATOM   692 O O   . GLY A 1 87  ? -4.538  8.604   7.527   1.00 27.99 ? 1880 GLY A O   1 
ATOM   693 N N   . LYS A 1 88  ? -6.198  10.136  7.551   1.00 29.07 ? 1881 LYS A N   1 
ATOM   694 C CA  . LYS A 1 88  ? -7.135  9.286   8.279   1.00 27.04 ? 1881 LYS A CA  1 
ATOM   695 C C   . LYS A 1 88  ? -7.365  7.960   7.558   1.00 26.11 ? 1881 LYS A C   1 
ATOM   696 O O   . LYS A 1 88  ? -7.370  6.887   8.180   1.00 27.34 ? 1881 LYS A O   1 
ATOM   697 C CB  . LYS A 1 88  ? -8.453  10.036  8.463   1.00 25.34 ? 1881 LYS A CB  1 
ATOM   698 C CG  . LYS A 1 88  ? -8.303  11.341  9.200   1.00 28.08 ? 1881 LYS A CG  1 
ATOM   699 C CD  . LYS A 1 88  ? -9.584  11.727  9.897   1.00 35.07 ? 1881 LYS A CD  1 
ATOM   700 C CE  . LYS A 1 88  ? -10.321 12.820  9.159   1.00 38.94 ? 1881 LYS A CE  1 
ATOM   701 N NZ  . LYS A 1 88  ? -11.628 13.070  9.826   1.00 47.52 ? 1881 LYS A NZ  1 
ATOM   702 N N   . ALA A 1 89  ? -7.558  8.018   6.241   1.00 24.97 ? 1882 ALA A N   1 
ATOM   703 C CA  . ALA A 1 89  ? -7.770  6.806   5.464   1.00 22.37 ? 1882 ALA A CA  1 
ATOM   704 C C   . ALA A 1 89  ? -6.557  5.898   5.533   1.00 24.47 ? 1882 ALA A C   1 
ATOM   705 O O   . ALA A 1 89  ? -6.693  4.673   5.653   1.00 26.68 ? 1882 ALA A O   1 
ATOM   706 C CB  . ALA A 1 89  ? -8.098  7.163   4.011   1.00 23.01 ? 1882 ALA A CB  1 
ATOM   707 N N   . GLY A 1 90  ? -5.356  6.485   5.466   1.00 25.80 ? 1883 GLY A N   1 
ATOM   708 C CA  . GLY A 1 90  ? -4.145  5.686   5.485   1.00 24.09 ? 1883 GLY A CA  1 
ATOM   709 C C   . GLY A 1 90  ? -3.916  4.964   6.800   1.00 26.24 ? 1883 GLY A C   1 
ATOM   710 O O   . GLY A 1 90  ? -3.399  3.841   6.803   1.00 26.70 ? 1883 GLY A O   1 
ATOM   711 N N   . HIS A 1 91  ? -4.278  5.592   7.929   1.00 23.30 ? 1884 HIS A N   1 
ATOM   712 C CA  . HIS A 1 91  ? -4.149  4.917   9.222   1.00 24.05 ? 1884 HIS A CA  1 
ATOM   713 C C   . HIS A 1 91  ? -5.052  3.691   9.298   1.00 29.96 ? 1884 HIS A C   1 
ATOM   714 O O   . HIS A 1 91  ? -4.626  2.633   9.790   1.00 27.74 ? 1884 HIS A O   1 
ATOM   715 C CB  . HIS A 1 91  ? -4.453  5.884   10.365  1.00 23.55 ? 1884 HIS A CB  1 
ATOM   716 C CG  . HIS A 1 91  ? -3.350  6.859   10.620  1.00 25.76 ? 1884 HIS A CG  1 
ATOM   717 N ND1 . HIS A 1 91  ? -2.040  6.468   10.796  1.00 27.41 ? 1884 HIS A ND1 1 
ATOM   718 C CD2 . HIS A 1 91  ? -3.352  8.209   10.687  1.00 27.13 ? 1884 HIS A CD2 1 
ATOM   719 C CE1 . HIS A 1 91  ? -1.286  7.536   10.980  1.00 26.73 ? 1884 HIS A CE1 1 
ATOM   720 N NE2 . HIS A 1 91  ? -2.057  8.606   10.903  1.00 26.14 ? 1884 HIS A NE2 1 
ATOM   721 N N   . ILE A 1 92  ? -6.294  3.813   8.794   1.00 27.65 ? 1885 ILE A N   1 
ATOM   722 C CA  . ILE A 1 92  ? -7.192  2.664   8.699   1.00 24.79 ? 1885 ILE A CA  1 
ATOM   723 C C   . ILE A 1 92  ? -6.576  1.581   7.825   1.00 26.52 ? 1885 ILE A C   1 
ATOM   724 O O   . ILE A 1 92  ? -6.633  0.389   8.154   1.00 29.17 ? 1885 ILE A O   1 
ATOM   725 C CB  . ILE A 1 92  ? -8.578  3.093   8.168   1.00 25.47 ? 1885 ILE A CB  1 
ATOM   726 C CG1 . ILE A 1 92  ? -9.232  4.108   9.105   1.00 23.48 ? 1885 ILE A CG1 1 
ATOM   727 C CG2 . ILE A 1 92  ? -9.483  1.895   8.001   1.00 25.67 ? 1885 ILE A CG2 1 
ATOM   728 C CD1 . ILE A 1 92  ? -10.500 4.707   8.595   1.00 15.09 ? 1885 ILE A CD1 1 
ATOM   729 N N   . MET A 1 93  ? -5.958  1.968   6.711   1.00 22.23 ? 1886 MET A N   1 
ATOM   730 C CA  . MET A 1 93  ? -5.459  0.934   5.816   1.00 24.89 ? 1886 MET A CA  1 
ATOM   731 C C   . MET A 1 93  ? -4.217  0.282   6.388   1.00 28.11 ? 1886 MET A C   1 
ATOM   732 O O   . MET A 1 93  ? -4.034  -0.934  6.265   1.00 32.54 ? 1886 MET A O   1 
ATOM   733 C CB  . MET A 1 93  ? -5.180  1.499   4.420   1.00 23.20 ? 1886 MET A CB  1 
ATOM   734 C CG  . MET A 1 93  ? -6.416  1.857   3.615   1.00 26.39 ? 1886 MET A CG  1 
ATOM   735 S SD  . MET A 1 93  ? -7.650  0.540   3.573   1.00 34.71 ? 1886 MET A SD  1 
ATOM   736 C CE  . MET A 1 93  ? -6.690  -0.850  2.956   1.00 26.01 ? 1886 MET A CE  1 
ATOM   737 N N   . ARG A 1 94  ? -3.346  1.081   7.004   1.00 26.62 ? 1887 ARG A N   1 
ATOM   738 C CA  . ARG A 1 94  ? -2.126  0.530   7.576   1.00 29.08 ? 1887 ARG A CA  1 
ATOM   739 C C   . ARG A 1 94  ? -2.450  -0.384  8.750   1.00 31.54 ? 1887 ARG A C   1 
ATOM   740 O O   . ARG A 1 94  ? -1.871  -1.466  8.881   1.00 34.16 ? 1887 ARG A O   1 
ATOM   741 C CB  . ARG A 1 94  ? -1.194  1.672   8.002   1.00 27.45 ? 1887 ARG A CB  1 
ATOM   742 C CG  . ARG A 1 94  ? 0.100   1.232   8.659   1.00 23.43 ? 1887 ARG A CG  1 
ATOM   743 C CD  . ARG A 1 94  ? 0.810   2.427   9.261   1.00 27.83 ? 1887 ARG A CD  1 
ATOM   744 N NE  . ARG A 1 94  ? -0.103  3.268   10.034  1.00 29.08 ? 1887 ARG A NE  1 
ATOM   745 C CZ  . ARG A 1 94  ? -0.503  3.001   11.277  1.00 29.20 ? 1887 ARG A CZ  1 
ATOM   746 N NH1 . ARG A 1 94  ? -0.064  1.915   11.905  1.00 27.40 ? 1887 ARG A NH1 1 
ATOM   747 N NH2 . ARG A 1 94  ? -1.346  3.821   11.895  1.00 27.88 ? 1887 ARG A NH2 1 
ATOM   748 N N   . ARG A 1 95  ? -3.381  0.036   9.609   1.00 27.75 ? 1888 ARG A N   1 
ATOM   749 C CA  . ARG A 1 95  ? -3.807  -0.825  10.700  1.00 32.44 ? 1888 ARG A CA  1 
ATOM   750 C C   . ARG A 1 95  ? -4.499  -2.082  10.182  1.00 36.82 ? 1888 ARG A C   1 
ATOM   751 O O   . ARG A 1 95  ? -4.361  -3.158  10.780  1.00 37.87 ? 1888 ARG A O   1 
ATOM   752 C CB  . ARG A 1 95  ? -4.721  -0.054  11.641  1.00 31.91 ? 1888 ARG A CB  1 
ATOM   753 C CG  . ARG A 1 95  ? -3.963  0.773   12.651  1.00 31.55 ? 1888 ARG A CG  1 
ATOM   754 C CD  . ARG A 1 95  ? -4.899  1.228   13.720  1.00 25.49 ? 1888 ARG A CD  1 
ATOM   755 N NE  . ARG A 1 95  ? -6.003  1.993   13.169  1.00 18.08 ? 1888 ARG A NE  1 
ATOM   756 C CZ  . ARG A 1 95  ? -6.016  3.315   13.098  1.00 25.95 ? 1888 ARG A CZ  1 
ATOM   757 N NH1 . ARG A 1 95  ? -4.967  4.014   13.531  1.00 31.38 ? 1888 ARG A NH1 1 
ATOM   758 N NH2 . ARG A 1 95  ? -7.060  3.944   12.579  1.00 23.96 ? 1888 ARG A NH2 1 
ATOM   759 N N   . PHE A 1 96  ? -5.250  -1.970  9.074   1.00 35.65 ? 1889 PHE A N   1 
ATOM   760 C CA  . PHE A 1 96  ? -5.855  -3.160  8.476   1.00 34.50 ? 1889 PHE A CA  1 
ATOM   761 C C   . PHE A 1 96  ? -4.798  -4.115  7.957   1.00 36.76 ? 1889 PHE A C   1 
ATOM   762 O O   . PHE A 1 96  ? -4.906  -5.331  8.145   1.00 40.00 ? 1889 PHE A O   1 
ATOM   763 C CB  . PHE A 1 96  ? -6.798  -2.788  7.336   1.00 35.03 ? 1889 PHE A CB  1 
ATOM   764 C CG  . PHE A 1 96  ? -7.326  -3.976  6.582   1.00 36.94 ? 1889 PHE A CG  1 
ATOM   765 C CD1 . PHE A 1 96  ? -8.391  -4.710  7.076   1.00 38.45 ? 1889 PHE A CD1 1 
ATOM   766 C CD2 . PHE A 1 96  ? -6.766  -4.361  5.372   1.00 36.86 ? 1889 PHE A CD2 1 
ATOM   767 C CE1 . PHE A 1 96  ? -8.882  -5.815  6.390   1.00 32.04 ? 1889 PHE A CE1 1 
ATOM   768 C CE2 . PHE A 1 96  ? -7.254  -5.457  4.683   1.00 35.74 ? 1889 PHE A CE2 1 
ATOM   769 C CZ  . PHE A 1 96  ? -8.318  -6.187  5.199   1.00 39.70 ? 1889 PHE A CZ  1 
ATOM   770 N N   . PHE A 1 97  ? -3.779  -3.583  7.278   1.00 37.73 ? 1890 PHE A N   1 
ATOM   771 C CA  . PHE A 1 97  ? -2.741  -4.441  6.726   1.00 36.72 ? 1890 PHE A CA  1 
ATOM   772 C C   . PHE A 1 97  ? -1.966  -5.135  7.832   1.00 40.20 ? 1890 PHE A C   1 
ATOM   773 O O   . PHE A 1 97  ? -1.687  -6.335  7.742   1.00 42.91 ? 1890 PHE A O   1 
ATOM   774 C CB  . PHE A 1 97  ? -1.777  -3.651  5.843   1.00 30.25 ? 1890 PHE A CB  1 
ATOM   775 C CG  . PHE A 1 97  ? -0.567  -4.442  5.469   1.00 35.65 ? 1890 PHE A CG  1 
ATOM   776 C CD1 . PHE A 1 97  ? -0.671  -5.502  4.586   1.00 35.97 ? 1890 PHE A CD1 1 
ATOM   777 C CD2 . PHE A 1 97  ? 0.660   -4.190  6.054   1.00 39.52 ? 1890 PHE A CD2 1 
ATOM   778 C CE1 . PHE A 1 97  ? 0.432   -6.268  4.257   1.00 39.07 ? 1890 PHE A CE1 1 
ATOM   779 C CE2 . PHE A 1 97  ? 1.766   -4.957  5.727   1.00 36.79 ? 1890 PHE A CE2 1 
ATOM   780 C CZ  . PHE A 1 97  ? 1.648   -5.995  4.824   1.00 37.30 ? 1890 PHE A CZ  1 
ATOM   781 N N   . GLU A 1 98  ? -1.597  -4.392  8.873   1.00 43.73 ? 1891 GLU A N   1 
ATOM   782 C CA  . GLU A 1 98  ? -0.837  -4.985  9.967   1.00 45.72 ? 1891 GLU A CA  1 
ATOM   783 C C   . GLU A 1 98  ? -1.653  -6.064  10.649  1.00 43.87 ? 1891 GLU A C   1 
ATOM   784 O O   . GLU A 1 98  ? -1.174  -7.180  10.866  1.00 47.01 ? 1891 GLU A O   1 
ATOM   785 C CB  . GLU A 1 98  ? -0.436  -3.907  10.974  1.00 43.37 ? 1891 GLU A CB  1 
ATOM   786 C CG  . GLU A 1 98  ? 0.573   -2.888  10.462  1.00 42.58 ? 1891 GLU A CG  1 
ATOM   787 C CD  . GLU A 1 98  ? 1.065   -1.944  11.565  1.00 56.11 ? 1891 GLU A CD  1 
ATOM   788 O OE1 . GLU A 1 98  ? 0.579   -2.044  12.727  1.00 57.74 ? 1891 GLU A OE1 1 
ATOM   789 O OE2 . GLU A 1 98  ? 1.947   -1.104  11.265  1.00 54.89 ? 1891 GLU A OE2 1 
ATOM   790 N N   . SER A 1 99  ? -2.904  -5.741  10.976  1.00 47.66 ? 1892 SER A N   1 
ATOM   791 C CA  . SER A 1 99  ? -3.770  -6.654  11.706  1.00 47.14 ? 1892 SER A CA  1 
ATOM   792 C C   . SER A 1 99  ? -3.976  -7.950  10.939  1.00 56.22 ? 1892 SER A C   1 
ATOM   793 O O   . SER A 1 99  ? -3.932  -9.039  11.522  1.00 61.91 ? 1892 SER A O   1 
ATOM   794 C CB  . SER A 1 99  ? -5.106  -5.961  11.990  1.00 49.70 ? 1892 SER A CB  1 
ATOM   795 O OG  . SER A 1 99  ? -5.951  -6.732  12.834  1.00 62.82 ? 1892 SER A OG  1 
ATOM   796 N N   . ARG A 1 100 ? -4.189  -7.863  9.629   1.00 55.00 ? 1893 ARG A N   1 
ATOM   797 C CA  . ARG A 1 100 ? -4.447  -9.077  8.877   1.00 53.24 ? 1893 ARG A CA  1 
ATOM   798 C C   . ARG A 1 100 ? -3.147  -9.797  8.534   1.00 56.04 ? 1893 ARG A C   1 
ATOM   799 O O   . ARG A 1 100 ? -3.114  -11.024 8.483   1.00 65.99 ? 1893 ARG A O   1 
ATOM   800 C CB  . ARG A 1 100 ? -5.275  -8.754  7.631   1.00 53.20 ? 1893 ARG A CB  1 
ATOM   801 C CG  . ARG A 1 100 ? -5.690  -9.982  6.856   1.00 55.78 ? 1893 ARG A CG  1 
ATOM   802 C CD  . ARG A 1 100 ? -7.207  -10.138 6.824   1.00 44.98 ? 1893 ARG A CD  1 
ATOM   803 N NE  . ARG A 1 100 ? -7.647  -11.101 5.821   1.00 54.10 ? 1893 ARG A NE  1 
ATOM   804 C CZ  . ARG A 1 100 ? -7.428  -12.411 5.886   1.00 60.02 ? 1893 ARG A CZ  1 
ATOM   805 N NH1 . ARG A 1 100 ? -6.773  -12.947 6.918   1.00 65.24 ? 1893 ARG A NH1 1 
ATOM   806 N NH2 . ARG A 1 100 ? -7.871  -13.192 4.913   1.00 64.90 ? 1893 ARG A NH2 1 
ATOM   807 N N   . TRP A 1 101 ? -2.060  -9.057  8.310   1.00 51.92 ? 1894 TRP A N   1 
ATOM   808 C CA  . TRP A 1 101 ? -0.767  -9.693  8.058   1.00 55.62 ? 1894 TRP A CA  1 
ATOM   809 C C   . TRP A 1 101 ? -0.322  -10.557 9.234   1.00 61.90 ? 1894 TRP A C   1 
ATOM   810 O O   . TRP A 1 101 ? 0.349   -11.570 9.027   1.00 65.20 ? 1894 TRP A O   1 
ATOM   811 C CB  . TRP A 1 101 ? 0.297   -8.634  7.735   1.00 55.17 ? 1894 TRP A CB  1 
ATOM   812 C CG  . TRP A 1 101 ? 1.660   -9.184  7.388   1.00 58.20 ? 1894 TRP A CG  1 
ATOM   813 C CD1 . TRP A 1 101 ? 2.711   -9.356  8.241   1.00 62.09 ? 1894 TRP A CD1 1 
ATOM   814 C CD2 . TRP A 1 101 ? 2.133   -9.585  6.092   1.00 58.40 ? 1894 TRP A CD2 1 
ATOM   815 N NE1 . TRP A 1 101 ? 3.800   -9.850  7.564   1.00 63.30 ? 1894 TRP A NE1 1 
ATOM   816 C CE2 . TRP A 1 101 ? 3.471   -9.999  6.244   1.00 55.71 ? 1894 TRP A CE2 1 
ATOM   817 C CE3 . TRP A 1 101 ? 1.547   -9.649  4.821   1.00 58.54 ? 1894 TRP A CE3 1 
ATOM   818 C CZ2 . TRP A 1 101 ? 4.230   -10.470 5.183   1.00 56.61 ? 1894 TRP A CZ2 1 
ATOM   819 C CZ3 . TRP A 1 101 ? 2.306   -10.113 3.765   1.00 53.95 ? 1894 TRP A CZ3 1 
ATOM   820 C CH2 . TRP A 1 101 ? 3.631   -10.519 3.954   1.00 57.72 ? 1894 TRP A CH2 1 
ATOM   821 N N   . GLU A 1 102 ? -0.676  -10.183 10.470  1.00 64.00 ? 1895 GLU A N   1 
ATOM   822 C CA  . GLU A 1 102 ? -0.345  -11.034 11.610  1.00 63.11 ? 1895 GLU A CA  1 
ATOM   823 C C   . GLU A 1 102 ? -1.253  -12.256 11.690  1.00 66.30 ? 1895 GLU A C   1 
ATOM   824 O O   . GLU A 1 102 ? -0.841  -13.287 12.231  1.00 67.53 ? 1895 GLU A O   1 
ATOM   825 C CB  . GLU A 1 102 ? -0.382  -10.236 12.931  1.00 62.64 ? 1895 GLU A CB  1 
ATOM   826 C CG  . GLU A 1 102 ? -1.770  -9.874  13.490  1.00 64.75 ? 1895 GLU A CG  1 
ATOM   827 C CD  . GLU A 1 102 ? -1.733  -8.846  14.646  1.00 68.36 ? 1895 GLU A CD  1 
ATOM   828 O OE1 . GLU A 1 102 ? -1.544  -7.629  14.398  1.00 65.10 ? 1895 GLU A OE1 1 
ATOM   829 O OE2 . GLU A 1 102 ? -1.915  -9.253  15.812  1.00 74.12 ? 1895 GLU A OE2 1 
ATOM   830 N N   . GLU A 1 103 ? -2.453  -12.181 11.119  1.00 68.19 ? 1896 GLU A N   1 
ATOM   831 C CA  . GLU A 1 103 ? -3.354  -13.325 11.009  1.00 69.15 ? 1896 GLU A CA  1 
ATOM   832 C C   . GLU A 1 103 ? -2.757  -14.501 10.224  1.00 73.53 ? 1896 GLU A C   1 
ATOM   833 O O   . GLU A 1 103 ? -3.395  -15.557 10.251  1.00 74.93 ? 1896 GLU A O   1 
ATOM   834 C CB  . GLU A 1 103 ? -4.727  -12.876 10.495  1.00 66.16 ? 1896 GLU A CB  1 
ATOM   835 C CG  . GLU A 1 103 ? -5.901  -13.626 11.121  1.00 68.34 ? 1896 GLU A CG  1 
ATOM   836 C CD  . GLU A 1 103 ? -7.123  -12.746 11.378  1.00 72.46 ? 1896 GLU A CD  1 
ATOM   837 O OE1 . GLU A 1 103 ? -8.105  -13.237 11.982  1.00 75.73 ? 1896 GLU A OE1 1 
ATOM   838 O OE2 . GLU A 1 103 ? -7.107  -11.567 10.971  1.00 72.18 ? 1896 GLU A OE2 1 
ATOM   839 N N   . PHE A 1 104 ? -1.609  -14.341 9.539   1.00 74.56 ? 1897 PHE A N   1 
ATOM   840 C CA  . PHE A 1 104 ? -0.872  -15.461 8.957   1.00 79.18 ? 1897 PHE A CA  1 
ATOM   841 C C   . PHE A 1 104 ? 0.575   -15.670 9.386   1.00 83.76 ? 1897 PHE A C   1 
ATOM   842 O O   . PHE A 1 104 ? 1.031   -16.819 9.378   1.00 84.36 ? 1897 PHE A O   1 
ATOM   843 C CB  . PHE A 1 104 ? -0.909  -15.276 7.436   1.00 74.38 ? 1897 PHE A CB  1 
ATOM   844 C CG  . PHE A 1 104 ? -1.865  -16.205 6.735   1.00 82.62 ? 1897 PHE A CG  1 
ATOM   845 C CD1 . PHE A 1 104 ? -1.435  -17.006 5.683   1.00 84.91 ? 1897 PHE A CD1 1 
ATOM   846 C CD2 . PHE A 1 104 ? -3.201  -16.275 7.126   1.00 82.22 ? 1897 PHE A CD2 1 
ATOM   847 C CE1 . PHE A 1 104 ? -2.329  -17.863 5.025   1.00 86.27 ? 1897 PHE A CE1 1 
ATOM   848 C CE2 . PHE A 1 104 ? -4.102  -17.128 6.486   1.00 82.40 ? 1897 PHE A CE2 1 
ATOM   849 C CZ  . PHE A 1 104 ? -3.668  -17.921 5.432   1.00 88.79 ? 1897 PHE A CZ  1 
ATOM   850 N N   . TYR A 1 105 ? 1.297   -14.621 9.795   1.00 85.67 ? 1898 TYR A N   1 
ATOM   851 C CA  . TYR A 1 105 ? 2.728   -14.689 10.133  1.00 82.15 ? 1898 TYR A CA  1 
ATOM   852 C C   . TYR A 1 105 ? 2.978   -14.303 11.590  1.00 76.94 ? 1898 TYR A C   1 
ATOM   853 O O   . TYR A 1 105 ? 2.285   -14.767 12.498  1.00 80.27 ? 1898 TYR A O   1 
ATOM   854 C CB  . TYR A 1 105 ? 3.555   -13.770 9.212   1.00 80.54 ? 1898 TYR A CB  1 
ATOM   855 C CG  . TYR A 1 105 ? 3.363   -14.015 7.722   1.00 80.86 ? 1898 TYR A CG  1 
ATOM   856 C CD1 . TYR A 1 105 ? 4.395   -14.531 6.942   1.00 82.68 ? 1898 TYR A CD1 1 
ATOM   857 C CD2 . TYR A 1 105 ? 2.151   -13.726 7.096   1.00 77.80 ? 1898 TYR A CD2 1 
ATOM   858 C CE1 . TYR A 1 105 ? 4.217   -14.757 5.572   1.00 86.24 ? 1898 TYR A CE1 1 
ATOM   859 C CE2 . TYR A 1 105 ? 1.962   -13.951 5.742   1.00 78.30 ? 1898 TYR A CE2 1 
ATOM   860 C CZ  . TYR A 1 105 ? 2.996   -14.462 4.983   1.00 82.11 ? 1898 TYR A CZ  1 
ATOM   861 O OH  . TYR A 1 105 ? 2.798   -14.674 3.637   1.00 78.26 ? 1898 TYR A OH  1 
HETATM 862 C C01 . U1Z B 2 .   ? -4.497  10.127  -8.746  1.00 24.01 ? 1901 U1Z A C01 1 
HETATM 863 C C03 . U1Z B 2 .   ? -5.498  12.074  -7.604  1.00 27.43 ? 1901 U1Z A C03 1 
HETATM 864 C C04 . U1Z B 2 .   ? -5.019  13.213  -6.993  1.00 28.44 ? 1901 U1Z A C04 1 
HETATM 865 C C05 . U1Z B 2 .   ? -5.831  14.330  -6.338  1.00 22.84 ? 1901 U1Z A C05 1 
HETATM 866 C C06 . U1Z B 2 .   ? -6.410  13.925  -4.988  1.00 27.17 ? 1901 U1Z A C06 1 
HETATM 867 C C08 . U1Z B 2 .   ? -4.721  14.467  -3.273  1.00 31.05 ? 1901 U1Z A C08 1 
HETATM 868 C C10 . U1Z B 2 .   ? -3.897  12.532  -2.796  1.00 26.69 ? 1901 U1Z A C10 1 
HETATM 869 C C11 . U1Z B 2 .   ? -2.985  11.510  -2.105  1.00 28.86 ? 1901 U1Z A C11 1 
HETATM 870 C C12 . U1Z B 2 .   ? -3.107  10.142  -1.984  1.00 23.10 ? 1901 U1Z A C12 1 
HETATM 871 C C14 . U1Z B 2 .   ? -1.758  8.337   -0.938  1.00 24.50 ? 1901 U1Z A C14 1 
HETATM 872 C C16 . U1Z B 2 .   ? -1.806  11.870  -1.451  1.00 28.77 ? 1901 U1Z A C16 1 
HETATM 873 C C17 . U1Z B 2 .   ? -4.862  12.370  -3.764  1.00 27.91 ? 1901 U1Z A C17 1 
HETATM 874 C C18 . U1Z B 2 .   ? -5.244  11.012  -4.360  1.00 28.49 ? 1901 U1Z A C18 1 
HETATM 875 C C19 . U1Z B 2 .   ? -4.259  10.240  -4.982  1.00 29.30 ? 1901 U1Z A C19 1 
HETATM 876 C C20 . U1Z B 2 .   ? -4.571  8.982   -5.494  1.00 27.78 ? 1901 U1Z A C20 1 
HETATM 877 C C21 . U1Z B 2 .   ? -5.871  8.496   -5.388  1.00 24.43 ? 1901 U1Z A C21 1 
HETATM 878 C C22 . U1Z B 2 .   ? -6.195  7.130   -5.956  1.00 26.99 ? 1901 U1Z A C22 1 
HETATM 879 C C24 . U1Z B 2 .   ? -6.857  9.251   -4.776  1.00 22.71 ? 1901 U1Z A C24 1 
HETATM 880 C C25 . U1Z B 2 .   ? -6.540  10.504  -4.257  1.00 27.84 ? 1901 U1Z A C25 1 
HETATM 881 C C26 . U1Z B 2 .   ? -3.637  13.172  -7.066  1.00 28.36 ? 1901 U1Z A C26 1 
HETATM 882 N N02 . U1Z B 2 .   ? -4.455  11.389  -8.040  1.00 27.94 ? 1901 U1Z A N02 1 
HETATM 883 N N07 . U1Z B 2 .   ? -5.363  13.573  -4.039  1.00 32.54 ? 1901 U1Z A N07 1 
HETATM 884 N N09 . U1Z B 2 .   ? -3.816  13.811  -2.527  1.00 29.91 ? 1901 U1Z A N09 1 
HETATM 885 N N13 . U1Z B 2 .   ? -2.047  9.718   -1.300  1.00 27.13 ? 1901 U1Z A N13 1 
HETATM 886 N N15 . U1Z B 2 .   ? -1.223  10.770  -0.970  1.00 24.03 ? 1901 U1Z A N15 1 
HETATM 887 N N23 . U1Z B 2 .   ? -6.416  6.110   -6.384  1.00 33.22 ? 1901 U1Z A N23 1 
HETATM 888 N N27 . U1Z B 2 .   ? -3.296  12.056  -7.705  1.00 29.39 ? 1901 U1Z A N27 1 
HETATM 889 O O   . HOH C 3 .   ? -13.593 4.019   -0.753  1.00 33.94 ? 2001 HOH A O   1 
HETATM 890 O O   . HOH C 3 .   ? 10.298  9.896   0.290   1.00 37.86 ? 2002 HOH A O   1 
HETATM 891 O O   . HOH C 3 .   ? 7.928   -3.961  -18.215 1.00 40.72 ? 2003 HOH A O   1 
HETATM 892 O O   . HOH C 3 .   ? 4.157   2.138   7.541   1.00 34.58 ? 2004 HOH A O   1 
HETATM 893 O O   . HOH C 3 .   ? -2.067  6.603   -4.140  1.00 28.24 ? 2005 HOH A O   1 
HETATM 894 O O   . HOH C 3 .   ? -0.121  1.443   -12.847 1.00 46.24 ? 2006 HOH A O   1 
HETATM 895 O O   . HOH C 3 .   ? 9.476   7.418   -0.521  1.00 35.24 ? 2007 HOH A O   1 
HETATM 896 O O   . HOH C 3 .   ? -5.196  18.494  8.647   1.00 40.09 ? 2008 HOH A O   1 
HETATM 897 O O   . HOH C 3 .   ? -8.346  -11.324 -6.006  1.00 39.59 ? 2009 HOH A O   1 
HETATM 898 O O   . HOH C 3 .   ? 0.966   6.616   0.095   1.00 29.04 ? 2010 HOH A O   1 
HETATM 899 O O   . HOH C 3 .   ? -8.382  -0.687  9.835   1.00 30.30 ? 2011 HOH A O   1 
HETATM 900 O O   . HOH C 3 .   ? 3.222   8.592   -7.984  1.00 32.50 ? 2012 HOH A O   1 
HETATM 901 O O   . HOH C 3 .   ? -2.574  -0.314  -13.729 1.00 55.14 ? 2013 HOH A O   1 
HETATM 902 O O   . HOH C 3 .   ? 3.307   6.675   -2.926  1.00 32.03 ? 2014 HOH A O   1 
HETATM 903 O O   . HOH C 3 .   ? -12.188 13.133  1.094   1.00 47.34 ? 2015 HOH A O   1 
HETATM 904 O O   . HOH C 3 .   ? 0.243   5.958   -2.369  1.00 30.44 ? 2016 HOH A O   1 
HETATM 905 O O   . HOH C 3 .   ? 2.857   4.874   -6.987  1.00 37.09 ? 2017 HOH A O   1 
HETATM 906 O O   . HOH C 3 .   ? -7.026  -15.658 13.029  1.00 57.31 ? 2018 HOH A O   1 
HETATM 907 O O   . HOH C 3 .   ? -9.479  -10.299 11.938  1.00 48.94 ? 2019 HOH A O   1 
HETATM 908 O O   . HOH C 3 .   ? -11.806 0.261   -2.538  1.00 31.11 ? 2020 HOH A O   1 
HETATM 909 O O   . HOH C 3 .   ? -3.675  15.621  2.676   1.00 32.59 ? 2021 HOH A O   1 
HETATM 910 O O   . HOH C 3 .   ? -0.598  10.427  7.982   1.00 29.56 ? 2022 HOH A O   1 
HETATM 911 O O   . HOH C 3 .   ? -2.534  15.558  -0.606  1.00 35.87 ? 2023 HOH A O   1 
HETATM 912 O O   . HOH C 3 .   ? -1.717  7.880   7.468   1.00 24.83 ? 2024 HOH A O   1 
HETATM 913 O O   . HOH C 3 .   ? -2.484  17.044  5.237   1.00 35.50 ? 2025 HOH A O   1 
HETATM 914 O O   . HOH C 3 .   ? -2.297  8.324   -11.455 1.00 39.16 ? 2026 HOH A O   1 
HETATM 915 O O   . HOH C 3 .   ? 10.185  -9.246  -19.381 1.00 40.53 ? 2027 HOH A O   1 
HETATM 916 O O   . HOH C 3 .   ? -0.034  14.140  -20.267 1.00 38.92 ? 2028 HOH A O   1 
HETATM 917 O O   . HOH C 3 .   ? 1.472   9.444   -0.063  1.00 26.94 ? 2029 HOH A O   1 
HETATM 918 O O   . HOH C 3 .   ? 2.276   6.877   -5.903  1.00 33.07 ? 2030 HOH A O   1 
HETATM 919 O O   . HOH C 3 .   ? -0.910  5.227   7.842   1.00 29.98 ? 2031 HOH A O   1 
HETATM 920 O O   . HOH C 3 .   ? -15.152 -4.110  1.382   1.00 42.13 ? 2032 HOH A O   1 
HETATM 921 O O   . HOH C 3 .   ? -14.006 -2.331  4.057   1.00 31.43 ? 2033 HOH A O   1 
HETATM 922 O O   . HOH C 3 .   ? 6.270   6.861   8.005   1.00 39.07 ? 2034 HOH A O   1 
HETATM 923 O O   . HOH C 3 .   ? -4.490  11.222  -12.649 1.00 40.03 ? 2035 HOH A O   1 
HETATM 924 O O   . HOH C 3 .   ? -6.347  14.943  2.478   1.00 27.54 ? 2036 HOH A O   1 
HETATM 925 O O   . HOH C 3 .   ? -11.918 -5.411  2.841   1.00 38.95 ? 2037 HOH A O   1 
HETATM 926 O O   . HOH C 3 .   ? -0.017  14.598  14.649  1.00 24.51 ? 2038 HOH A O   1 
HETATM 927 O O   . HOH C 3 .   ? -10.745 -1.563  -6.435  1.00 28.49 ? 2039 HOH A O   1 
HETATM 928 O O   . HOH C 3 .   ? 4.641   17.758  -7.123  1.00 40.08 ? 2040 HOH A O   1 
HETATM 929 O O   . HOH C 3 .   ? -9.541  6.492   -6.516  1.00 34.66 ? 2041 HOH A O   1 
HETATM 930 O O   . HOH C 3 .   ? -16.642 2.904   6.042   1.00 47.14 ? 2042 HOH A O   1 
HETATM 931 O O   . HOH C 3 .   ? 6.379   9.501   8.245   1.00 34.63 ? 2043 HOH A O   1 
HETATM 932 O O   . HOH C 3 .   ? -10.513 -2.805  8.901   1.00 38.65 ? 2044 HOH A O   1 
HETATM 933 O O   . HOH C 3 .   ? 11.569  5.427   1.004   1.00 36.56 ? 2045 HOH A O   1 
HETATM 934 O O   . HOH C 3 .   ? -11.937 -9.067  -1.331  1.00 45.83 ? 2046 HOH A O   1 
HETATM 935 O O   . HOH C 3 .   ? -12.053 3.103   -2.891  1.00 44.72 ? 2047 HOH A O   1 
HETATM 936 O O   . HOH C 3 .   ? -1.381  3.368   -13.482 1.00 52.68 ? 2048 HOH A O   1 
HETATM 937 O O   . HOH C 3 .   ? 10.706  4.173   3.694   1.00 48.17 ? 2049 HOH A O   1 
# 
